data_7X7G
# 
_entry.id   7X7G 
# 
_audit_conform.dict_name       mmcif_pdbx.dic 
_audit_conform.dict_version    5.380 
_audit_conform.dict_location   http://mmcif.pdb.org/dictionaries/ascii/mmcif_pdbx.dic 
# 
loop_
_database_2.database_id 
_database_2.database_code 
_database_2.pdbx_database_accession 
_database_2.pdbx_DOI 
PDB   7X7G         pdb_00007x7g 10.2210/pdb7x7g/pdb 
WWPDB D_1300027935 ?            ?                   
# 
_pdbx_database_status.status_code                     REL 
_pdbx_database_status.status_code_sf                  REL 
_pdbx_database_status.status_code_mr                  ? 
_pdbx_database_status.entry_id                        7X7G 
_pdbx_database_status.recvd_initial_deposition_date   2022-03-09 
_pdbx_database_status.SG_entry                        N 
_pdbx_database_status.deposit_site                    PDBJ 
_pdbx_database_status.process_site                    PDBJ 
_pdbx_database_status.status_code_cs                  ? 
_pdbx_database_status.status_code_nmr_data            ? 
_pdbx_database_status.methods_development_category    ? 
_pdbx_database_status.pdb_format_compatible           Y 
# 
loop_
_audit_author.name 
_audit_author.pdbx_ordinal 
_audit_author.identifier_ORCID 
'Ngo, K.H.'      1 0000-0001-5125-1270 
'Liew, C.W.'     2 0000-0002-4343-818X 
'Lattmann, S.'   3 0000-0002-4639-4602 
'Winnerdy, F.R.' 4 0000-0002-5010-4719 
'Phan, A.T.'     5 0000-0002-4970-3861 
# 
_citation.abstract                  ? 
_citation.abstract_id_CAS           ? 
_citation.book_id_ISBN              ? 
_citation.book_publisher            ? 
_citation.book_publisher_city       ? 
_citation.book_title                ? 
_citation.coordinate_linkage        ? 
_citation.country                   US 
_citation.database_id_Medline       ? 
_citation.details                   ? 
_citation.id                        primary 
_citation.journal_abbrev            Biochem.Biophys.Res.Commun. 
_citation.journal_id_ASTM           BBRCA9 
_citation.journal_id_CSD            0146 
_citation.journal_id_ISSN           1090-2104 
_citation.journal_full              ? 
_citation.journal_issue             ? 
_citation.journal_volume            613 
_citation.language                  ? 
_citation.page_first                153 
_citation.page_last                 158 
_citation.title                     
'Crystal structures of an HIV-1 integrase aptamer: Formation of a water-mediated A.G.G.G.G pentad in an interlocked G-quadruplex.' 
_citation.year                      2022 
_citation.database_id_CSD           ? 
_citation.pdbx_database_id_DOI      10.1016/j.bbrc.2022.04.020 
_citation.pdbx_database_id_PubMed   35561583 
_citation.pdbx_database_id_patent   ? 
_citation.unpublished_flag          ? 
# 
loop_
_citation_author.citation_id 
_citation_author.name 
_citation_author.ordinal 
_citation_author.identifier_ORCID 
primary 'Ngo, K.H.'      1 ? 
primary 'Liew, C.W.'     2 ? 
primary 'Lattmann, S.'   3 ? 
primary 'Winnerdy, F.R.' 4 ? 
primary 'Phan, A.T.'     5 ? 
# 
_cell.angle_alpha                  90.000 
_cell.angle_alpha_esd              ? 
_cell.angle_beta                   102.899 
_cell.angle_beta_esd               ? 
_cell.angle_gamma                  90.000 
_cell.angle_gamma_esd              ? 
_cell.entry_id                     7X7G 
_cell.details                      ? 
_cell.formula_units_Z              ? 
_cell.length_a                     26.173 
_cell.length_a_esd                 ? 
_cell.length_b                     31.247 
_cell.length_b_esd                 ? 
_cell.length_c                     49.893 
_cell.length_c_esd                 ? 
_cell.volume                       39774.197 
_cell.volume_esd                   ? 
_cell.Z_PDB                        4 
_cell.reciprocal_angle_alpha       ? 
_cell.reciprocal_angle_beta        ? 
_cell.reciprocal_angle_gamma       ? 
_cell.reciprocal_angle_alpha_esd   ? 
_cell.reciprocal_angle_beta_esd    ? 
_cell.reciprocal_angle_gamma_esd   ? 
_cell.reciprocal_length_a          ? 
_cell.reciprocal_length_b          ? 
_cell.reciprocal_length_c          ? 
_cell.reciprocal_length_a_esd      ? 
_cell.reciprocal_length_b_esd      ? 
_cell.reciprocal_length_c_esd      ? 
_cell.pdbx_unique_axis             ? 
# 
_symmetry.entry_id                         7X7G 
_symmetry.cell_setting                     ? 
_symmetry.Int_Tables_number                4 
_symmetry.space_group_name_Hall            'P 2yb' 
_symmetry.space_group_name_H-M             'P 1 21 1' 
_symmetry.pdbx_full_space_group_name_H-M   ? 
# 
loop_
_entity.id 
_entity.type 
_entity.src_method 
_entity.pdbx_description 
_entity.formula_weight 
_entity.pdbx_number_of_molecules 
_entity.pdbx_ec 
_entity.pdbx_mutation 
_entity.pdbx_fragment 
_entity.details 
1 polymer     syn 
;DNA (5'-D(*GP*GP*GP*GP*TP*GP*GP*GP*AP*GP*GP*TP*GP*GP*GP*T)-3')
;
5131.297 2  ? ? ? ? 
2 non-polymer syn 'POTASSIUM ION'                                                  39.098   5  ? ? ? ? 
3 water       nat water                                                            18.015   39 ? ? ? ? 
# 
_entity_poly.entity_id                      1 
_entity_poly.type                           polydeoxyribonucleotide 
_entity_poly.nstd_linkage                   no 
_entity_poly.nstd_monomer                   no 
_entity_poly.pdbx_seq_one_letter_code       '(DG)(DG)(DG)(DG)(DT)(DG)(DG)(DG)(DA)(DG)(DG)(DT)(DG)(DG)(DG)(DT)' 
_entity_poly.pdbx_seq_one_letter_code_can   GGGGTGGGAGGTGGGT 
_entity_poly.pdbx_strand_id                 A,B 
_entity_poly.pdbx_target_identifier         ? 
# 
loop_
_entity_poly_seq.entity_id 
_entity_poly_seq.num 
_entity_poly_seq.mon_id 
_entity_poly_seq.hetero 
1 1  DG n 
1 2  DG n 
1 3  DG n 
1 4  DG n 
1 5  DT n 
1 6  DG n 
1 7  DG n 
1 8  DG n 
1 9  DA n 
1 10 DG n 
1 11 DG n 
1 12 DT n 
1 13 DG n 
1 14 DG n 
1 15 DG n 
1 16 DT n 
# 
_pdbx_entity_src_syn.entity_id              1 
_pdbx_entity_src_syn.pdbx_src_id            1 
_pdbx_entity_src_syn.pdbx_alt_source_flag   sample 
_pdbx_entity_src_syn.pdbx_beg_seq_num       1 
_pdbx_entity_src_syn.pdbx_end_seq_num       16 
_pdbx_entity_src_syn.organism_scientific    'synthetic construct' 
_pdbx_entity_src_syn.organism_common_name   ? 
_pdbx_entity_src_syn.ncbi_taxonomy_id       32630 
_pdbx_entity_src_syn.details                ? 
# 
_struct_ref.id                         1 
_struct_ref.db_name                    PDB 
_struct_ref.db_code                    7X7G 
_struct_ref.pdbx_db_accession          7X7G 
_struct_ref.pdbx_db_isoform            ? 
_struct_ref.entity_id                  1 
_struct_ref.pdbx_seq_one_letter_code   ? 
_struct_ref.pdbx_align_begin           1 
# 
loop_
_struct_ref_seq.align_id 
_struct_ref_seq.ref_id 
_struct_ref_seq.pdbx_PDB_id_code 
_struct_ref_seq.pdbx_strand_id 
_struct_ref_seq.seq_align_beg 
_struct_ref_seq.pdbx_seq_align_beg_ins_code 
_struct_ref_seq.seq_align_end 
_struct_ref_seq.pdbx_seq_align_end_ins_code 
_struct_ref_seq.pdbx_db_accession 
_struct_ref_seq.db_align_beg 
_struct_ref_seq.pdbx_db_align_beg_ins_code 
_struct_ref_seq.db_align_end 
_struct_ref_seq.pdbx_db_align_end_ins_code 
_struct_ref_seq.pdbx_auth_seq_align_beg 
_struct_ref_seq.pdbx_auth_seq_align_end 
1 1 7X7G A 1 ? 16 ? 7X7G 1 ? 16 ? 1 16 
2 1 7X7G B 1 ? 16 ? 7X7G 1 ? 16 ? 1 16 
# 
loop_
_chem_comp.id 
_chem_comp.type 
_chem_comp.mon_nstd_flag 
_chem_comp.name 
_chem_comp.pdbx_synonyms 
_chem_comp.formula 
_chem_comp.formula_weight 
DA  'DNA linking' y "2'-DEOXYADENOSINE-5'-MONOPHOSPHATE" ? 'C10 H14 N5 O6 P' 331.222 
DG  'DNA linking' y "2'-DEOXYGUANOSINE-5'-MONOPHOSPHATE" ? 'C10 H14 N5 O7 P' 347.221 
DT  'DNA linking' y "THYMIDINE-5'-MONOPHOSPHATE"         ? 'C10 H15 N2 O8 P' 322.208 
HOH non-polymer   . WATER                                ? 'H2 O'            18.015  
K   non-polymer   . 'POTASSIUM ION'                      ? 'K 1'             39.098  
# 
_exptl.absorpt_coefficient_mu     ? 
_exptl.absorpt_correction_T_max   ? 
_exptl.absorpt_correction_T_min   ? 
_exptl.absorpt_correction_type    ? 
_exptl.absorpt_process_details    ? 
_exptl.entry_id                   7X7G 
_exptl.crystals_number            1 
_exptl.details                    ? 
_exptl.method                     'X-RAY DIFFRACTION' 
_exptl.method_details             ? 
# 
_exptl_crystal.colour                      ? 
_exptl_crystal.density_diffrn              ? 
_exptl_crystal.density_Matthews            1.94 
_exptl_crystal.density_method              ? 
_exptl_crystal.density_percent_sol         36.53 
_exptl_crystal.description                 ? 
_exptl_crystal.F_000                       ? 
_exptl_crystal.id                          1 
_exptl_crystal.preparation                 ? 
_exptl_crystal.size_max                    ? 
_exptl_crystal.size_mid                    ? 
_exptl_crystal.size_min                    ? 
_exptl_crystal.size_rad                    ? 
_exptl_crystal.colour_lustre               ? 
_exptl_crystal.colour_modifier             ? 
_exptl_crystal.colour_primary              ? 
_exptl_crystal.density_meas                ? 
_exptl_crystal.density_meas_esd            ? 
_exptl_crystal.density_meas_gt             ? 
_exptl_crystal.density_meas_lt             ? 
_exptl_crystal.density_meas_temp           ? 
_exptl_crystal.density_meas_temp_esd       ? 
_exptl_crystal.density_meas_temp_gt        ? 
_exptl_crystal.density_meas_temp_lt        ? 
_exptl_crystal.pdbx_crystal_image_url      ? 
_exptl_crystal.pdbx_crystal_image_format   ? 
_exptl_crystal.pdbx_mosaicity              ? 
_exptl_crystal.pdbx_mosaicity_esd          ? 
# 
_exptl_crystal_grow.apparatus       ? 
_exptl_crystal_grow.atmosphere      ? 
_exptl_crystal_grow.crystal_id      1 
_exptl_crystal_grow.details         ? 
_exptl_crystal_grow.method          'VAPOR DIFFUSION, SITTING DROP' 
_exptl_crystal_grow.method_ref      ? 
_exptl_crystal_grow.pH              7.5 
_exptl_crystal_grow.pressure        ? 
_exptl_crystal_grow.pressure_esd    ? 
_exptl_crystal_grow.seeding         ? 
_exptl_crystal_grow.seeding_ref     ? 
_exptl_crystal_grow.temp            293 
_exptl_crystal_grow.temp_details    ? 
_exptl_crystal_grow.temp_esd        ? 
_exptl_crystal_grow.time            ? 
_exptl_crystal_grow.pdbx_details    
'0.01 M magnesium chloride hexahydrate, 0.05 M HEPES sodium pH 7.5, 15% v/v (+/-)-2-methyl-2,4-pentanediol, 0.0015 M spermine' 
_exptl_crystal_grow.pdbx_pH_range   ? 
# 
_diffrn.ambient_environment              ? 
_diffrn.ambient_temp                     90 
_diffrn.ambient_temp_details             ? 
_diffrn.ambient_temp_esd                 ? 
_diffrn.crystal_id                       1 
_diffrn.crystal_support                  ? 
_diffrn.crystal_treatment                ? 
_diffrn.details                          ? 
_diffrn.id                               1 
_diffrn.ambient_pressure                 ? 
_diffrn.ambient_pressure_esd             ? 
_diffrn.ambient_pressure_gt              ? 
_diffrn.ambient_pressure_lt              ? 
_diffrn.ambient_temp_gt                  ? 
_diffrn.ambient_temp_lt                  ? 
_diffrn.pdbx_serial_crystal_experiment   N 
# 
_diffrn_detector.details                      ? 
_diffrn_detector.detector                     PIXEL 
_diffrn_detector.diffrn_id                    1 
_diffrn_detector.type                         'DECTRIS EIGER X 9M' 
_diffrn_detector.area_resol_mean              ? 
_diffrn_detector.dtime                        ? 
_diffrn_detector.pdbx_frames_total            ? 
_diffrn_detector.pdbx_collection_time_total   ? 
_diffrn_detector.pdbx_collection_date         2021-11-19 
_diffrn_detector.pdbx_frequency               ? 
# 
_diffrn_radiation.collimation                      ? 
_diffrn_radiation.diffrn_id                        1 
_diffrn_radiation.filter_edge                      ? 
_diffrn_radiation.inhomogeneity                    ? 
_diffrn_radiation.monochromator                    ? 
_diffrn_radiation.polarisn_norm                    ? 
_diffrn_radiation.polarisn_ratio                   ? 
_diffrn_radiation.probe                            ? 
_diffrn_radiation.type                             ? 
_diffrn_radiation.xray_symbol                      ? 
_diffrn_radiation.wavelength_id                    1 
_diffrn_radiation.pdbx_monochromatic_or_laue_m_l   M 
_diffrn_radiation.pdbx_wavelength_list             ? 
_diffrn_radiation.pdbx_wavelength                  ? 
_diffrn_radiation.pdbx_diffrn_protocol             'SINGLE WAVELENGTH' 
_diffrn_radiation.pdbx_analyzer                    ? 
_diffrn_radiation.pdbx_scattering_type             x-ray 
# 
_diffrn_radiation_wavelength.id           1 
_diffrn_radiation_wavelength.wavelength   0.95 
_diffrn_radiation_wavelength.wt           1.0 
# 
_diffrn_source.current                     ? 
_diffrn_source.details                     ? 
_diffrn_source.diffrn_id                   1 
_diffrn_source.power                       ? 
_diffrn_source.size                        ? 
_diffrn_source.source                      SYNCHROTRON 
_diffrn_source.target                      ? 
_diffrn_source.type                        'AUSTRALIAN SYNCHROTRON BEAMLINE MX1' 
_diffrn_source.voltage                     ? 
_diffrn_source.take-off_angle              ? 
_diffrn_source.pdbx_wavelength_list        0.95 
_diffrn_source.pdbx_wavelength             ? 
_diffrn_source.pdbx_synchrotron_beamline   MX1 
_diffrn_source.pdbx_synchrotron_site       'Australian Synchrotron' 
# 
_reflns.B_iso_Wilson_estimate                          27.47 
_reflns.entry_id                                       7X7G 
_reflns.data_reduction_details                         ? 
_reflns.data_reduction_method                          ? 
_reflns.d_resolution_high                              2.19 
_reflns.d_resolution_low                               48.63 
_reflns.details                                        ? 
_reflns.limit_h_max                                    ? 
_reflns.limit_h_min                                    ? 
_reflns.limit_k_max                                    ? 
_reflns.limit_k_min                                    ? 
_reflns.limit_l_max                                    ? 
_reflns.limit_l_min                                    ? 
_reflns.number_all                                     ? 
_reflns.number_obs                                     8264 
_reflns.observed_criterion                             ? 
_reflns.observed_criterion_F_max                       ? 
_reflns.observed_criterion_F_min                       ? 
_reflns.observed_criterion_I_max                       ? 
_reflns.observed_criterion_I_min                       ? 
_reflns.observed_criterion_sigma_F                     ? 
_reflns.observed_criterion_sigma_I                     ? 
_reflns.percent_possible_obs                           97.56 
_reflns.R_free_details                                 ? 
_reflns.Rmerge_F_all                                   ? 
_reflns.Rmerge_F_obs                                   ? 
_reflns.Friedel_coverage                               ? 
_reflns.number_gt                                      ? 
_reflns.threshold_expression                           ? 
_reflns.pdbx_redundancy                                2.0 
_reflns.pdbx_Rmerge_I_obs                              ? 
_reflns.pdbx_Rmerge_I_all                              ? 
_reflns.pdbx_Rsym_value                                ? 
_reflns.pdbx_netI_over_av_sigmaI                       ? 
_reflns.pdbx_netI_over_sigmaI                          9.82 
_reflns.pdbx_res_netI_over_av_sigmaI_2                 ? 
_reflns.pdbx_res_netI_over_sigmaI_2                    ? 
_reflns.pdbx_chi_squared                               ? 
_reflns.pdbx_scaling_rejects                           ? 
_reflns.pdbx_d_res_high_opt                            ? 
_reflns.pdbx_d_res_low_opt                             ? 
_reflns.pdbx_d_res_opt_method                          ? 
_reflns.phase_calculation_details                      ? 
_reflns.pdbx_Rrim_I_all                                ? 
_reflns.pdbx_Rpim_I_all                                ? 
_reflns.pdbx_d_opt                                     ? 
_reflns.pdbx_number_measured_all                       ? 
_reflns.pdbx_diffrn_id                                 1 
_reflns.pdbx_ordinal                                   1 
_reflns.pdbx_CC_half                                   1 
_reflns.pdbx_CC_star                                   ? 
_reflns.pdbx_R_split                                   ? 
_reflns.pdbx_aniso_diffraction_limit_axis_1_ortho[1]   ? 
_reflns.pdbx_aniso_diffraction_limit_axis_1_ortho[2]   ? 
_reflns.pdbx_aniso_diffraction_limit_axis_1_ortho[3]   ? 
_reflns.pdbx_aniso_diffraction_limit_axis_2_ortho[1]   ? 
_reflns.pdbx_aniso_diffraction_limit_axis_2_ortho[2]   ? 
_reflns.pdbx_aniso_diffraction_limit_axis_2_ortho[3]   ? 
_reflns.pdbx_aniso_diffraction_limit_axis_3_ortho[1]   ? 
_reflns.pdbx_aniso_diffraction_limit_axis_3_ortho[2]   ? 
_reflns.pdbx_aniso_diffraction_limit_axis_3_ortho[3]   ? 
_reflns.pdbx_aniso_diffraction_limit_1                 ? 
_reflns.pdbx_aniso_diffraction_limit_2                 ? 
_reflns.pdbx_aniso_diffraction_limit_3                 ? 
_reflns.pdbx_aniso_B_tensor_eigenvector_1_ortho[1]     ? 
_reflns.pdbx_aniso_B_tensor_eigenvector_1_ortho[2]     ? 
_reflns.pdbx_aniso_B_tensor_eigenvector_1_ortho[3]     ? 
_reflns.pdbx_aniso_B_tensor_eigenvector_2_ortho[1]     ? 
_reflns.pdbx_aniso_B_tensor_eigenvector_2_ortho[2]     ? 
_reflns.pdbx_aniso_B_tensor_eigenvector_2_ortho[3]     ? 
_reflns.pdbx_aniso_B_tensor_eigenvector_3_ortho[1]     ? 
_reflns.pdbx_aniso_B_tensor_eigenvector_3_ortho[2]     ? 
_reflns.pdbx_aniso_B_tensor_eigenvector_3_ortho[3]     ? 
_reflns.pdbx_aniso_B_tensor_eigenvalue_1               ? 
_reflns.pdbx_aniso_B_tensor_eigenvalue_2               ? 
_reflns.pdbx_aniso_B_tensor_eigenvalue_3               ? 
_reflns.pdbx_orthogonalization_convention              ? 
_reflns.pdbx_percent_possible_ellipsoidal              ? 
_reflns.pdbx_percent_possible_spherical                ? 
_reflns.pdbx_percent_possible_ellipsoidal_anomalous    ? 
_reflns.pdbx_percent_possible_spherical_anomalous      ? 
_reflns.pdbx_redundancy_anomalous                      ? 
_reflns.pdbx_CC_half_anomalous                         ? 
_reflns.pdbx_absDiff_over_sigma_anomalous              ? 
_reflns.pdbx_percent_possible_anomalous                ? 
_reflns.pdbx_observed_signal_threshold                 ? 
_reflns.pdbx_signal_type                               ? 
_reflns.pdbx_signal_details                            ? 
_reflns.pdbx_signal_software_id                        ? 
# 
_reflns_shell.d_res_high                                    2.19 
_reflns_shell.d_res_low                                     2.268 
_reflns_shell.meanI_over_sigI_all                           ? 
_reflns_shell.meanI_over_sigI_obs                           ? 
_reflns_shell.number_measured_all                           ? 
_reflns_shell.number_measured_obs                           ? 
_reflns_shell.number_possible                               ? 
_reflns_shell.number_unique_all                             ? 
_reflns_shell.number_unique_obs                             4149 
_reflns_shell.percent_possible_all                          ? 
_reflns_shell.percent_possible_obs                          ? 
_reflns_shell.Rmerge_F_all                                  ? 
_reflns_shell.Rmerge_F_obs                                  ? 
_reflns_shell.Rmerge_I_all                                  ? 
_reflns_shell.Rmerge_I_obs                                  ? 
_reflns_shell.meanI_over_sigI_gt                            ? 
_reflns_shell.meanI_over_uI_all                             ? 
_reflns_shell.meanI_over_uI_gt                              ? 
_reflns_shell.number_measured_gt                            ? 
_reflns_shell.number_unique_gt                              ? 
_reflns_shell.percent_possible_gt                           ? 
_reflns_shell.Rmerge_F_gt                                   ? 
_reflns_shell.Rmerge_I_gt                                   ? 
_reflns_shell.pdbx_redundancy                               ? 
_reflns_shell.pdbx_Rsym_value                               ? 
_reflns_shell.pdbx_chi_squared                              ? 
_reflns_shell.pdbx_netI_over_sigmaI_all                     ? 
_reflns_shell.pdbx_netI_over_sigmaI_obs                     ? 
_reflns_shell.pdbx_Rrim_I_all                               ? 
_reflns_shell.pdbx_Rpim_I_all                               ? 
_reflns_shell.pdbx_rejects                                  ? 
_reflns_shell.pdbx_ordinal                                  1 
_reflns_shell.pdbx_diffrn_id                                1 
_reflns_shell.pdbx_CC_half                                  0.985 
_reflns_shell.pdbx_CC_star                                  ? 
_reflns_shell.pdbx_R_split                                  ? 
_reflns_shell.pdbx_percent_possible_ellipsoidal             ? 
_reflns_shell.pdbx_percent_possible_spherical               ? 
_reflns_shell.pdbx_percent_possible_ellipsoidal_anomalous   ? 
_reflns_shell.pdbx_percent_possible_spherical_anomalous     ? 
_reflns_shell.pdbx_redundancy_anomalous                     ? 
_reflns_shell.pdbx_CC_half_anomalous                        ? 
_reflns_shell.pdbx_absDiff_over_sigma_anomalous             ? 
_reflns_shell.pdbx_percent_possible_anomalous               ? 
# 
_refine.aniso_B[1][1]                            ? 
_refine.aniso_B[1][2]                            ? 
_refine.aniso_B[1][3]                            ? 
_refine.aniso_B[2][2]                            ? 
_refine.aniso_B[2][3]                            ? 
_refine.aniso_B[3][3]                            ? 
_refine.B_iso_max                                ? 
_refine.B_iso_mean                               30.87 
_refine.B_iso_min                                ? 
_refine.correlation_coeff_Fo_to_Fc               ? 
_refine.correlation_coeff_Fo_to_Fc_free          ? 
_refine.details                                  ? 
_refine.diff_density_max                         ? 
_refine.diff_density_max_esd                     ? 
_refine.diff_density_min                         ? 
_refine.diff_density_min_esd                     ? 
_refine.diff_density_rms                         ? 
_refine.diff_density_rms_esd                     ? 
_refine.entry_id                                 7X7G 
_refine.pdbx_refine_id                           'X-RAY DIFFRACTION' 
_refine.ls_abs_structure_details                 ? 
_refine.ls_abs_structure_Flack                   ? 
_refine.ls_abs_structure_Flack_esd               ? 
_refine.ls_abs_structure_Rogers                  ? 
_refine.ls_abs_structure_Rogers_esd              ? 
_refine.ls_d_res_high                            2.19 
_refine.ls_d_res_low                             48.63 
_refine.ls_extinction_coef                       ? 
_refine.ls_extinction_coef_esd                   ? 
_refine.ls_extinction_expression                 ? 
_refine.ls_extinction_method                     ? 
_refine.ls_goodness_of_fit_all                   ? 
_refine.ls_goodness_of_fit_all_esd               ? 
_refine.ls_goodness_of_fit_obs                   ? 
_refine.ls_goodness_of_fit_obs_esd               ? 
_refine.ls_hydrogen_treatment                    ? 
_refine.ls_matrix_type                           ? 
_refine.ls_number_constraints                    ? 
_refine.ls_number_parameters                     ? 
_refine.ls_number_reflns_all                     ? 
_refine.ls_number_reflns_obs                     7748 
_refine.ls_number_reflns_R_free                  765 
_refine.ls_number_reflns_R_work                  6983 
_refine.ls_number_restraints                     ? 
_refine.ls_percent_reflns_obs                    97.28 
_refine.ls_percent_reflns_R_free                 9.87 
_refine.ls_R_factor_all                          ? 
_refine.ls_R_factor_obs                          0.2575 
_refine.ls_R_factor_R_free                       0.2685 
_refine.ls_R_factor_R_free_error                 ? 
_refine.ls_R_factor_R_free_error_details         ? 
_refine.ls_R_factor_R_work                       0.2560 
_refine.ls_R_Fsqd_factor_obs                     ? 
_refine.ls_R_I_factor_obs                        ? 
_refine.ls_redundancy_reflns_all                 ? 
_refine.ls_redundancy_reflns_obs                 ? 
_refine.ls_restrained_S_all                      ? 
_refine.ls_restrained_S_obs                      ? 
_refine.ls_shift_over_esd_max                    ? 
_refine.ls_shift_over_esd_mean                   ? 
_refine.ls_structure_factor_coef                 ? 
_refine.ls_weighting_details                     ? 
_refine.ls_weighting_scheme                      ? 
_refine.ls_wR_factor_all                         ? 
_refine.ls_wR_factor_obs                         ? 
_refine.ls_wR_factor_R_free                      ? 
_refine.ls_wR_factor_R_work                      ? 
_refine.occupancy_max                            ? 
_refine.occupancy_min                            ? 
_refine.solvent_model_details                    'FLAT BULK SOLVENT MODEL' 
_refine.solvent_model_param_bsol                 ? 
_refine.solvent_model_param_ksol                 ? 
_refine.pdbx_R_complete                          ? 
_refine.ls_R_factor_gt                           ? 
_refine.ls_goodness_of_fit_gt                    ? 
_refine.ls_goodness_of_fit_ref                   ? 
_refine.ls_shift_over_su_max                     ? 
_refine.ls_shift_over_su_max_lt                  ? 
_refine.ls_shift_over_su_mean                    ? 
_refine.ls_shift_over_su_mean_lt                 ? 
_refine.pdbx_ls_sigma_I                          ? 
_refine.pdbx_ls_sigma_F                          1.38 
_refine.pdbx_ls_sigma_Fsqd                       ? 
_refine.pdbx_data_cutoff_high_absF               ? 
_refine.pdbx_data_cutoff_high_rms_absF           ? 
_refine.pdbx_data_cutoff_low_absF                ? 
_refine.pdbx_isotropic_thermal_model             ? 
_refine.pdbx_ls_cross_valid_method               'FREE R-VALUE' 
_refine.pdbx_method_to_determine_struct          'MOLECULAR REPLACEMENT' 
_refine.pdbx_starting_model                      1Y8D 
_refine.pdbx_stereochemistry_target_values       'GeoStd + Monomer Library + CDL v1.2' 
_refine.pdbx_R_Free_selection_details            ? 
_refine.pdbx_stereochem_target_val_spec_case     ? 
_refine.pdbx_overall_ESU_R                       ? 
_refine.pdbx_overall_ESU_R_Free                  ? 
_refine.pdbx_solvent_vdw_probe_radii             1.1100 
_refine.pdbx_solvent_ion_probe_radii             ? 
_refine.pdbx_solvent_shrinkage_radii             0.9000 
_refine.pdbx_real_space_R                        ? 
_refine.pdbx_density_correlation                 ? 
_refine.pdbx_pd_number_of_powder_patterns        ? 
_refine.pdbx_pd_number_of_points                 ? 
_refine.pdbx_pd_meas_number_of_points            ? 
_refine.pdbx_pd_proc_ls_prof_R_factor            ? 
_refine.pdbx_pd_proc_ls_prof_wR_factor           ? 
_refine.pdbx_pd_Marquardt_correlation_coeff      ? 
_refine.pdbx_pd_Fsqrd_R_factor                   ? 
_refine.pdbx_pd_ls_matrix_band_width             ? 
_refine.pdbx_overall_phase_error                 37.5678 
_refine.pdbx_overall_SU_R_free_Cruickshank_DPI   ? 
_refine.pdbx_overall_SU_R_free_Blow_DPI          ? 
_refine.pdbx_overall_SU_R_Blow_DPI               ? 
_refine.pdbx_TLS_residual_ADP_flag               ? 
_refine.pdbx_diffrn_id                           1 
_refine.overall_SU_B                             ? 
_refine.overall_SU_ML                            0.1756 
_refine.overall_SU_R_Cruickshank_DPI             ? 
_refine.overall_SU_R_free                        ? 
_refine.overall_FOM_free_R_set                   ? 
_refine.overall_FOM_work_R_set                   ? 
_refine.pdbx_average_fsc_overall                 ? 
_refine.pdbx_average_fsc_work                    ? 
_refine.pdbx_average_fsc_free                    ? 
# 
_refine_hist.pdbx_refine_id                   'X-RAY DIFFRACTION' 
_refine_hist.cycle_id                         LAST 
_refine_hist.details                          ? 
_refine_hist.d_res_high                       2.19 
_refine_hist.d_res_low                        48.63 
_refine_hist.number_atoms_solvent             39 
_refine_hist.number_atoms_total               728 
_refine_hist.number_reflns_all                ? 
_refine_hist.number_reflns_obs                ? 
_refine_hist.number_reflns_R_free             ? 
_refine_hist.number_reflns_R_work             ? 
_refine_hist.R_factor_all                     ? 
_refine_hist.R_factor_obs                     ? 
_refine_hist.R_factor_R_free                  ? 
_refine_hist.R_factor_R_work                  ? 
_refine_hist.pdbx_number_residues_total       ? 
_refine_hist.pdbx_B_iso_mean_ligand           ? 
_refine_hist.pdbx_B_iso_mean_solvent          ? 
_refine_hist.pdbx_number_atoms_protein        0 
_refine_hist.pdbx_number_atoms_nucleic_acid   684 
_refine_hist.pdbx_number_atoms_ligand         5 
_refine_hist.pdbx_number_atoms_lipid          ? 
_refine_hist.pdbx_number_atoms_carb           ? 
_refine_hist.pdbx_pseudo_atom_details         ? 
# 
loop_
_refine_ls_restr.pdbx_refine_id 
_refine_ls_restr.criterion 
_refine_ls_restr.dev_ideal 
_refine_ls_restr.dev_ideal_target 
_refine_ls_restr.number 
_refine_ls_restr.rejects 
_refine_ls_restr.type 
_refine_ls_restr.weight 
_refine_ls_restr.pdbx_restraint_function 
'X-RAY DIFFRACTION' ? 0.0090  ? 770  ? f_bond_d           ? ? 
'X-RAY DIFFRACTION' ? 2.0230  ? 1190 ? f_angle_d          ? ? 
'X-RAY DIFFRACTION' ? 0.1891  ? 126  ? f_chiral_restr     ? ? 
'X-RAY DIFFRACTION' ? 0.0051  ? 32   ? f_plane_restr      ? ? 
'X-RAY DIFFRACTION' ? 33.0353 ? 306  ? f_dihedral_angle_d ? ? 
# 
loop_
_refine_ls_shell.pdbx_refine_id 
_refine_ls_shell.d_res_high 
_refine_ls_shell.d_res_low 
_refine_ls_shell.number_reflns_all 
_refine_ls_shell.number_reflns_obs 
_refine_ls_shell.number_reflns_R_free 
_refine_ls_shell.number_reflns_R_work 
_refine_ls_shell.percent_reflns_obs 
_refine_ls_shell.percent_reflns_R_free 
_refine_ls_shell.R_factor_all 
_refine_ls_shell.R_factor_obs 
_refine_ls_shell.R_factor_R_free 
_refine_ls_shell.R_factor_R_free_error 
_refine_ls_shell.R_factor_R_work 
_refine_ls_shell.redundancy_reflns_all 
_refine_ls_shell.redundancy_reflns_obs 
_refine_ls_shell.wR_factor_all 
_refine_ls_shell.wR_factor_obs 
_refine_ls_shell.wR_factor_R_free 
_refine_ls_shell.wR_factor_R_work 
_refine_ls_shell.pdbx_R_complete 
_refine_ls_shell.pdbx_total_number_of_bins_used 
_refine_ls_shell.pdbx_phase_error 
_refine_ls_shell.pdbx_fsc_work 
_refine_ls_shell.pdbx_fsc_free 
'X-RAY DIFFRACTION' 2.19 2.36  . . 159 1428 98.08 . . . 0.3371 . 0.3312 . . . . . . . . . . . 
'X-RAY DIFFRACTION' 2.36 2.59  . . 157 1401 98.30 . . . 0.2984 . 0.2797 . . . . . . . . . . . 
'X-RAY DIFFRACTION' 2.59 2.97  . . 155 1364 96.26 . . . 0.3196 . 0.3098 . . . . . . . . . . . 
'X-RAY DIFFRACTION' 2.97 3.74  . . 148 1408 96.77 . . . 0.2493 . 0.2585 . . . . . . . . . . . 
'X-RAY DIFFRACTION' 3.74 48.63 . . 146 1382 96.95 . . . 0.2212 . 0.2054 . . . . . . . . . . . 
# 
_struct.entry_id                     7X7G 
_struct.title                        'Crystal structure of a dimeric interlocked parallel G-quadruplex' 
_struct.pdbx_model_details           ? 
_struct.pdbx_formula_weight          ? 
_struct.pdbx_formula_weight_method   ? 
_struct.pdbx_model_type_details      ? 
_struct.pdbx_CASP_flag               N 
# 
_struct_keywords.entry_id        7X7G 
_struct_keywords.text            'G-quadruplex, interlocked, DNA' 
_struct_keywords.pdbx_keywords   DNA 
# 
loop_
_struct_asym.id 
_struct_asym.pdbx_blank_PDB_chainid_flag 
_struct_asym.pdbx_modified 
_struct_asym.entity_id 
_struct_asym.details 
A N N 1 ? 
B N N 1 ? 
C N N 2 ? 
D N N 2 ? 
E N N 2 ? 
F N N 2 ? 
G N N 2 ? 
H N N 3 ? 
I N N 3 ? 
# 
loop_
_struct_conn.id 
_struct_conn.conn_type_id 
_struct_conn.pdbx_leaving_atom_flag 
_struct_conn.pdbx_PDB_id 
_struct_conn.ptnr1_label_asym_id 
_struct_conn.ptnr1_label_comp_id 
_struct_conn.ptnr1_label_seq_id 
_struct_conn.ptnr1_label_atom_id 
_struct_conn.pdbx_ptnr1_label_alt_id 
_struct_conn.pdbx_ptnr1_PDB_ins_code 
_struct_conn.pdbx_ptnr1_standard_comp_id 
_struct_conn.ptnr1_symmetry 
_struct_conn.ptnr2_label_asym_id 
_struct_conn.ptnr2_label_comp_id 
_struct_conn.ptnr2_label_seq_id 
_struct_conn.ptnr2_label_atom_id 
_struct_conn.pdbx_ptnr2_label_alt_id 
_struct_conn.pdbx_ptnr2_PDB_ins_code 
_struct_conn.ptnr1_auth_asym_id 
_struct_conn.ptnr1_auth_comp_id 
_struct_conn.ptnr1_auth_seq_id 
_struct_conn.ptnr2_auth_asym_id 
_struct_conn.ptnr2_auth_comp_id 
_struct_conn.ptnr2_auth_seq_id 
_struct_conn.ptnr2_symmetry 
_struct_conn.pdbx_ptnr3_label_atom_id 
_struct_conn.pdbx_ptnr3_label_seq_id 
_struct_conn.pdbx_ptnr3_label_comp_id 
_struct_conn.pdbx_ptnr3_label_asym_id 
_struct_conn.pdbx_ptnr3_label_alt_id 
_struct_conn.pdbx_ptnr3_PDB_ins_code 
_struct_conn.details 
_struct_conn.pdbx_dist_value 
_struct_conn.pdbx_value_order 
_struct_conn.pdbx_role 
metalc1  metalc ? ? A DG 1  O6 ? ? ? 1_555 E K  .  K  ? ? A DG 1   A K  103 1_555 ? ? ? ? ? ? ?            2.836 ? ? 
metalc2  metalc ? ? A DG 1  O6 ? ? ? 1_555 F K  .  K  ? ? A DG 1   B K  101 1_555 ? ? ? ? ? ? ?            2.876 ? ? 
metalc3  metalc ? ? A DG 2  O6 ? ? ? 1_555 D K  .  K  ? ? A DG 2   A K  102 1_555 ? ? ? ? ? ? ?            2.651 ? ? 
metalc4  metalc ? ? A DG 2  O6 ? ? ? 1_555 E K  .  K  ? ? A DG 2   A K  103 1_555 ? ? ? ? ? ? ?            2.942 ? ? 
metalc5  metalc ? ? A DG 3  O6 ? ? ? 1_555 C K  .  K  ? ? A DG 3   A K  101 1_555 ? ? ? ? ? ? ?            2.829 ? ? 
metalc6  metalc ? ? A DG 3  O6 ? ? ? 1_555 D K  .  K  ? ? A DG 3   A K  102 1_555 ? ? ? ? ? ? ?            2.734 ? ? 
metalc7  metalc ? ? A DG 4  O6 ? ? ? 1_555 C K  .  K  ? ? A DG 4   A K  101 1_555 ? ? ? ? ? ? ?            2.780 ? ? 
metalc8  metalc ? ? A DG 6  O6 ? ? ? 1_555 D K  .  K  ? ? A DG 6   A K  102 1_555 ? ? ? ? ? ? ?            2.933 ? ? 
metalc9  metalc ? ? A DG 6  O6 ? ? ? 1_555 E K  .  K  ? ? A DG 6   A K  103 1_555 ? ? ? ? ? ? ?            2.720 ? ? 
metalc10 metalc ? ? A DG 7  O6 ? ? ? 1_555 C K  .  K  ? ? A DG 7   A K  101 1_555 ? ? ? ? ? ? ?            2.845 ? ? 
metalc11 metalc ? ? A DG 7  O6 ? ? ? 1_555 D K  .  K  ? ? A DG 7   A K  102 1_555 ? ? ? ? ? ? ?            2.731 ? ? 
metalc12 metalc ? ? A DG 8  O6 ? ? ? 1_555 C K  .  K  ? ? A DG 8   A K  101 1_555 ? ? ? ? ? ? ?            2.667 ? ? 
metalc13 metalc ? ? A DG 10 O6 ? ? ? 1_555 C K  .  K  ? ? A DG 10  A K  101 1_555 ? ? ? ? ? ? ?            2.859 ? ? 
metalc14 metalc ? ? A DG 10 O6 ? ? ? 1_555 D K  .  K  ? ? A DG 10  A K  102 1_555 ? ? ? ? ? ? ?            2.609 ? ? 
metalc15 metalc ? ? A DG 11 O6 ? ? ? 1_555 C K  .  K  ? ? A DG 11  A K  101 1_555 ? ? ? ? ? ? ?            2.769 ? ? 
metalc16 metalc ? ? A DG 13 O6 ? ? ? 1_555 D K  .  K  ? ? A DG 13  A K  102 1_555 ? ? ? ? ? ? ?            2.949 ? ? 
metalc17 metalc ? ? A DG 13 O6 ? ? ? 1_555 E K  .  K  ? ? A DG 13  A K  103 1_555 ? ? ? ? ? ? ?            2.898 ? ? 
metalc18 metalc ? ? A DG 14 O6 ? ? ? 1_555 C K  .  K  ? ? A DG 14  A K  101 1_555 ? ? ? ? ? ? ?            2.837 ? ? 
metalc19 metalc ? ? A DG 14 O6 ? ? ? 1_555 D K  .  K  ? ? A DG 14  A K  102 1_555 ? ? ? ? ? ? ?            2.739 ? ? 
metalc20 metalc ? ? A DG 15 O6 ? ? ? 1_555 C K  .  K  ? ? A DG 15  A K  101 1_555 ? ? ? ? ? ? ?            2.755 ? ? 
metalc21 metalc ? ? D K  .  K  ? ? ? 1_555 B DG 1  O6 ? ? A K  102 B DG 1   1_555 ? ? ? ? ? ? ?            2.778 ? ? 
metalc22 metalc ? ? E K  .  K  ? ? ? 1_555 B DG 1  O6 ? ? A K  103 B DG 1   1_555 ? ? ? ? ? ? ?            2.881 ? ? 
metalc23 metalc ? ? E K  .  K  ? ? ? 1_555 B DG 2  O6 ? ? A K  103 B DG 2   1_555 ? ? ? ? ? ? ?            2.858 ? ? 
metalc24 metalc ? ? E K  .  K  ? ? ? 1_555 B DG 6  O6 ? ? A K  103 B DG 6   1_555 ? ? ? ? ? ? ?            2.648 ? ? 
metalc25 metalc ? ? E K  .  K  ? ? ? 1_555 B DG 13 O6 ? ? A K  103 B DG 13  1_555 ? ? ? ? ? ? ?            2.881 ? ? 
metalc26 metalc ? ? B DG 2  O6 ? ? ? 1_555 F K  .  K  ? ? B DG 2   B K  101 1_555 ? ? ? ? ? ? ?            2.863 ? ? 
metalc27 metalc ? ? B DG 3  O6 ? ? ? 1_555 F K  .  K  ? ? B DG 3   B K  101 1_555 ? ? ? ? ? ? ?            2.807 ? ? 
metalc28 metalc ? ? B DG 3  O6 ? ? ? 1_555 G K  .  K  ? ? B DG 3   B K  102 1_555 ? ? ? ? ? ? ?            2.929 ? ? 
metalc29 metalc ? ? B DG 4  O6 ? ? ? 1_555 G K  .  K  ? ? B DG 4   B K  102 1_555 ? ? ? ? ? ? ?            2.814 ? ? 
metalc30 metalc ? ? B DG 6  O6 ? ? ? 1_555 F K  .  K  ? ? B DG 6   B K  101 1_555 ? ? ? ? ? ? ?            3.054 ? ? 
metalc31 metalc ? ? B DG 7  O6 ? ? ? 1_555 F K  .  K  ? ? B DG 7   B K  101 1_555 ? ? ? ? ? ? ?            2.735 ? ? 
metalc32 metalc ? ? B DG 7  O6 ? ? ? 1_555 G K  .  K  ? ? B DG 7   B K  102 1_555 ? ? ? ? ? ? ?            3.050 ? ? 
metalc33 metalc ? ? B DG 8  O6 ? ? ? 1_555 G K  .  K  ? ? B DG 8   B K  102 1_555 ? ? ? ? ? ? ?            2.675 ? ? 
metalc34 metalc ? ? B DG 10 O6 ? ? ? 1_555 F K  .  K  ? ? B DG 10  B K  101 1_555 ? ? ? ? ? ? ?            2.636 ? ? 
metalc35 metalc ? ? B DG 10 O6 ? ? ? 1_555 G K  .  K  ? ? B DG 10  B K  102 1_555 ? ? ? ? ? ? ?            3.092 ? ? 
metalc36 metalc ? ? B DG 11 O6 ? ? ? 1_555 G K  .  K  ? ? B DG 11  B K  102 1_555 ? ? ? ? ? ? ?            2.754 ? ? 
metalc37 metalc ? ? B DG 13 O6 ? ? ? 1_555 F K  .  K  ? ? B DG 13  B K  101 1_555 ? ? ? ? ? ? ?            2.983 ? ? 
metalc38 metalc ? ? B DG 14 O6 ? ? ? 1_555 F K  .  K  ? ? B DG 14  B K  101 1_555 ? ? ? ? ? ? ?            2.775 ? ? 
metalc39 metalc ? ? B DG 14 O6 ? ? ? 1_555 G K  .  K  ? ? B DG 14  B K  102 1_555 ? ? ? ? ? ? ?            3.012 ? ? 
metalc40 metalc ? ? B DG 15 O6 ? ? ? 1_555 G K  .  K  ? ? B DG 15  B K  102 1_555 ? ? ? ? ? ? ?            2.774 ? ? 
hydrog1  hydrog ? ? A DG 1  N7 ? ? ? 1_555 B DG 6  N2 ? ? A DG 1   B DG 6   1_555 ? ? ? ? ? ? TYPE_6_PAIR  ?     ? ? 
hydrog2  hydrog ? ? A DG 1  O6 ? ? ? 1_555 B DG 6  N1 ? ? A DG 1   B DG 6   1_555 ? ? ? ? ? ? TYPE_6_PAIR  ?     ? ? 
hydrog3  hydrog ? ? A DG 1  N1 ? ? ? 1_555 B DG 13 O6 ? ? A DG 1   B DG 13  1_555 ? ? ? ? ? ? TYPE_6_PAIR  ?     ? ? 
hydrog4  hydrog ? ? A DG 1  N2 ? ? ? 1_555 B DG 13 N7 ? ? A DG 1   B DG 13  1_555 ? ? ? ? ? ? TYPE_6_PAIR  ?     ? ? 
hydrog5  hydrog ? ? A DG 2  N1 ? ? ? 1_555 A DG 6  O6 ? ? A DG 2   A DG 6   1_555 ? ? ? ? ? ? TYPE_6_PAIR  ?     ? ? 
hydrog6  hydrog ? ? A DG 2  N2 ? ? ? 1_555 A DG 6  N7 ? ? A DG 2   A DG 6   1_555 ? ? ? ? ? ? TYPE_6_PAIR  ?     ? ? 
hydrog7  hydrog ? ? A DG 2  N7 ? ? ? 1_555 A DG 13 N2 ? ? A DG 2   A DG 13  1_555 ? ? ? ? ? ? TYPE_6_PAIR  ?     ? ? 
hydrog8  hydrog ? ? A DG 2  O6 ? ? ? 1_555 A DG 13 N1 ? ? A DG 2   A DG 13  1_555 ? ? ? ? ? ? TYPE_6_PAIR  ?     ? ? 
hydrog9  hydrog ? ? A DG 3  N1 ? ? ? 1_555 A DG 7  O6 ? ? A DG 3   A DG 7   1_555 ? ? ? ? ? ? TYPE_6_PAIR  ?     ? ? 
hydrog10 hydrog ? ? A DG 3  N2 ? ? ? 1_555 A DG 7  N7 ? ? A DG 3   A DG 7   1_555 ? ? ? ? ? ? TYPE_6_PAIR  ?     ? ? 
hydrog11 hydrog ? ? A DG 3  N7 ? ? ? 1_555 A DG 14 N2 ? ? A DG 3   A DG 14  1_555 ? ? ? ? ? ? TYPE_6_PAIR  ?     ? ? 
hydrog12 hydrog ? ? A DG 3  O6 ? ? ? 1_555 A DG 14 N1 ? ? A DG 3   A DG 14  1_555 ? ? ? ? ? ? TYPE_6_PAIR  ?     ? ? 
hydrog13 hydrog ? ? A DG 4  N1 ? ? ? 1_555 A DG 8  O6 ? ? A DG 4   A DG 8   1_555 ? ? ? ? ? ? TYPE_6_PAIR  ?     ? ? 
hydrog14 hydrog ? ? A DG 4  N2 ? ? ? 1_555 A DG 8  N7 ? ? A DG 4   A DG 8   1_555 ? ? ? ? ? ? TYPE_6_PAIR  ?     ? ? 
hydrog15 hydrog ? ? A DG 4  N7 ? ? ? 1_555 A DG 15 N2 ? ? A DG 4   A DG 15  1_555 ? ? ? ? ? ? TYPE_6_PAIR  ?     ? ? 
hydrog16 hydrog ? ? A DG 4  O6 ? ? ? 1_555 A DG 15 N1 ? ? A DG 4   A DG 15  1_555 ? ? ? ? ? ? TYPE_6_PAIR  ?     ? ? 
hydrog17 hydrog ? ? A DG 6  N1 ? ? ? 1_555 B DG 1  O6 ? ? A DG 6   B DG 1   1_555 ? ? ? ? ? ? TYPE_6_PAIR  ?     ? ? 
hydrog18 hydrog ? ? A DG 6  N2 ? ? ? 1_555 B DG 1  N7 ? ? A DG 6   B DG 1   1_555 ? ? ? ? ? ? TYPE_6_PAIR  ?     ? ? 
hydrog19 hydrog ? ? A DG 7  N2 ? ? ? 1_555 A DA 9  N7 ? ? A DG 7   A DA 9   1_555 ? ? ? ? ? ? TYPE_11_PAIR ?     ? ? 
hydrog20 hydrog ? ? A DG 7  N3 ? ? ? 1_555 A DA 9  N6 ? ? A DG 7   A DA 9   1_555 ? ? ? ? ? ? TYPE_11_PAIR ?     ? ? 
hydrog21 hydrog ? ? A DG 7  N1 ? ? ? 1_555 A DG 10 O6 ? ? A DG 7   A DG 10  1_555 ? ? ? ? ? ? TYPE_6_PAIR  ?     ? ? 
hydrog22 hydrog ? ? A DG 7  N2 ? ? ? 1_555 A DG 10 N7 ? ? A DG 7   A DG 10  1_555 ? ? ? ? ? ? TYPE_6_PAIR  ?     ? ? 
hydrog23 hydrog ? ? A DG 8  N1 ? ? ? 1_555 A DG 11 O6 ? ? A DG 8   A DG 11  1_555 ? ? ? ? ? ? TYPE_6_PAIR  ?     ? ? 
hydrog24 hydrog ? ? A DG 8  N2 ? ? ? 1_555 A DG 11 N7 ? ? A DG 8   A DG 11  1_555 ? ? ? ? ? ? TYPE_6_PAIR  ?     ? ? 
hydrog25 hydrog ? ? A DG 10 N1 ? ? ? 1_555 A DG 14 O6 ? ? A DG 10  A DG 14  1_555 ? ? ? ? ? ? TYPE_6_PAIR  ?     ? ? 
hydrog26 hydrog ? ? A DG 10 N2 ? ? ? 1_555 A DG 14 N7 ? ? A DG 10  A DG 14  1_555 ? ? ? ? ? ? TYPE_6_PAIR  ?     ? ? 
hydrog27 hydrog ? ? A DG 11 N1 ? ? ? 1_555 A DG 15 O6 ? ? A DG 11  A DG 15  1_555 ? ? ? ? ? ? TYPE_6_PAIR  ?     ? ? 
hydrog28 hydrog ? ? A DG 11 N2 ? ? ? 1_555 A DG 15 N7 ? ? A DG 11  A DG 15  1_555 ? ? ? ? ? ? TYPE_6_PAIR  ?     ? ? 
hydrog29 hydrog ? ? A DG 13 N7 ? ? ? 1_555 B DG 1  N2 ? ? A DG 13  B DG 1   1_555 ? ? ? ? ? ? TYPE_6_PAIR  ?     ? ? 
hydrog30 hydrog ? ? A DG 13 O6 ? ? ? 1_555 B DG 1  N1 ? ? A DG 13  B DG 1   1_555 ? ? ? ? ? ? TYPE_6_PAIR  ?     ? ? 
hydrog31 hydrog ? ? B DG 2  N1 ? ? ? 1_555 B DG 6  O6 ? ? B DG 2   B DG 6   1_555 ? ? ? ? ? ? TYPE_6_PAIR  ?     ? ? 
hydrog32 hydrog ? ? B DG 2  N2 ? ? ? 1_555 B DG 6  N7 ? ? B DG 2   B DG 6   1_555 ? ? ? ? ? ? TYPE_6_PAIR  ?     ? ? 
hydrog33 hydrog ? ? B DG 2  N7 ? ? ? 1_555 B DG 13 N2 ? ? B DG 2   B DG 13  1_555 ? ? ? ? ? ? TYPE_6_PAIR  ?     ? ? 
hydrog34 hydrog ? ? B DG 2  O6 ? ? ? 1_555 B DG 13 N1 ? ? B DG 2   B DG 13  1_555 ? ? ? ? ? ? TYPE_6_PAIR  ?     ? ? 
hydrog35 hydrog ? ? B DG 3  N1 ? ? ? 1_555 B DG 7  O6 ? ? B DG 3   B DG 7   1_555 ? ? ? ? ? ? TYPE_6_PAIR  ?     ? ? 
hydrog36 hydrog ? ? B DG 3  N2 ? ? ? 1_555 B DG 7  N7 ? ? B DG 3   B DG 7   1_555 ? ? ? ? ? ? TYPE_6_PAIR  ?     ? ? 
hydrog37 hydrog ? ? B DG 3  N7 ? ? ? 1_555 B DG 14 N2 ? ? B DG 3   B DG 14  1_555 ? ? ? ? ? ? TYPE_6_PAIR  ?     ? ? 
hydrog38 hydrog ? ? B DG 3  O6 ? ? ? 1_555 B DG 14 N1 ? ? B DG 3   B DG 14  1_555 ? ? ? ? ? ? TYPE_6_PAIR  ?     ? ? 
hydrog39 hydrog ? ? B DG 4  N1 ? ? ? 1_555 B DG 8  O6 ? ? B DG 4   B DG 8   1_555 ? ? ? ? ? ? TYPE_6_PAIR  ?     ? ? 
hydrog40 hydrog ? ? B DG 4  N2 ? ? ? 1_555 B DG 8  N7 ? ? B DG 4   B DG 8   1_555 ? ? ? ? ? ? TYPE_6_PAIR  ?     ? ? 
hydrog41 hydrog ? ? B DG 4  N7 ? ? ? 1_555 B DG 15 N2 ? ? B DG 4   B DG 15  1_555 ? ? ? ? ? ? TYPE_6_PAIR  ?     ? ? 
hydrog42 hydrog ? ? B DG 4  O6 ? ? ? 1_555 B DG 15 N1 ? ? B DG 4   B DG 15  1_555 ? ? ? ? ? ? TYPE_6_PAIR  ?     ? ? 
hydrog43 hydrog ? ? B DG 7  N2 ? ? ? 1_555 B DA 9  N7 ? ? B DG 7   B DA 9   1_555 ? ? ? ? ? ? TYPE_11_PAIR ?     ? ? 
hydrog44 hydrog ? ? B DG 7  N3 ? ? ? 1_555 B DA 9  N6 ? ? B DG 7   B DA 9   1_555 ? ? ? ? ? ? TYPE_11_PAIR ?     ? ? 
hydrog45 hydrog ? ? B DG 7  N1 ? ? ? 1_555 B DG 10 O6 ? ? B DG 7   B DG 10  1_555 ? ? ? ? ? ? TYPE_6_PAIR  ?     ? ? 
hydrog46 hydrog ? ? B DG 7  N2 ? ? ? 1_555 B DG 10 N7 ? ? B DG 7   B DG 10  1_555 ? ? ? ? ? ? TYPE_6_PAIR  ?     ? ? 
hydrog47 hydrog ? ? B DG 8  N1 ? ? ? 1_555 B DG 11 O6 ? ? B DG 8   B DG 11  1_555 ? ? ? ? ? ? TYPE_6_PAIR  ?     ? ? 
hydrog48 hydrog ? ? B DG 8  N2 ? ? ? 1_555 B DG 11 N7 ? ? B DG 8   B DG 11  1_555 ? ? ? ? ? ? TYPE_6_PAIR  ?     ? ? 
hydrog49 hydrog ? ? B DG 10 N1 ? ? ? 1_555 B DG 14 O6 ? ? B DG 10  B DG 14  1_555 ? ? ? ? ? ? TYPE_6_PAIR  ?     ? ? 
hydrog50 hydrog ? ? B DG 10 N2 ? ? ? 1_555 B DG 14 N7 ? ? B DG 10  B DG 14  1_555 ? ? ? ? ? ? TYPE_6_PAIR  ?     ? ? 
hydrog51 hydrog ? ? B DG 11 N1 ? ? ? 1_555 B DG 15 O6 ? ? B DG 11  B DG 15  1_555 ? ? ? ? ? ? TYPE_6_PAIR  ?     ? ? 
hydrog52 hydrog ? ? B DG 11 N2 ? ? ? 1_555 B DG 15 N7 ? ? B DG 11  B DG 15  1_555 ? ? ? ? ? ? TYPE_6_PAIR  ?     ? ? 
# 
loop_
_struct_conn_type.id 
_struct_conn_type.criteria 
_struct_conn_type.reference 
metalc ? ? 
hydrog ? ? 
# 
_atom_sites.entry_id                    7X7G 
_atom_sites.Cartn_transf_matrix[1][1]   ? 
_atom_sites.Cartn_transf_matrix[1][2]   ? 
_atom_sites.Cartn_transf_matrix[1][3]   ? 
_atom_sites.Cartn_transf_matrix[2][1]   ? 
_atom_sites.Cartn_transf_matrix[2][2]   ? 
_atom_sites.Cartn_transf_matrix[2][3]   ? 
_atom_sites.Cartn_transf_matrix[3][1]   ? 
_atom_sites.Cartn_transf_matrix[3][2]   ? 
_atom_sites.Cartn_transf_matrix[3][3]   ? 
_atom_sites.Cartn_transf_vector[1]      ? 
_atom_sites.Cartn_transf_vector[2]      ? 
_atom_sites.Cartn_transf_vector[3]      ? 
_atom_sites.fract_transf_matrix[1][1]   -0.00477900 
_atom_sites.fract_transf_matrix[1][2]   0.00841107 
_atom_sites.fract_transf_matrix[1][3]   0.03798358 
_atom_sites.fract_transf_matrix[2][1]   0.03170452 
_atom_sites.fract_transf_matrix[2][2]   -0.00107302 
_atom_sites.fract_transf_matrix[2][3]   0.00422660 
_atom_sites.fract_transf_matrix[3][1]   0.00065961 
_atom_sites.fract_transf_matrix[3][2]   0.02054965 
_atom_sites.fract_transf_matrix[3][3]   0.00026920 
_atom_sites.fract_transf_vector[1]      -0.282020 
_atom_sites.fract_transf_vector[2]      -0.010891 
_atom_sites.fract_transf_vector[3]      -0.246135 
_atom_sites.solution_primary            ? 
_atom_sites.solution_secondary          ? 
_atom_sites.solution_hydrogens          ? 
_atom_sites.special_details             ? 
# 
loop_
_atom_type.symbol 
_atom_type.scat_dispersion_real 
_atom_type.scat_dispersion_imag 
_atom_type.scat_Cromer_Mann_a1 
_atom_type.scat_Cromer_Mann_a2 
_atom_type.scat_Cromer_Mann_a3 
_atom_type.scat_Cromer_Mann_a4 
_atom_type.scat_Cromer_Mann_b1 
_atom_type.scat_Cromer_Mann_b2 
_atom_type.scat_Cromer_Mann_b3 
_atom_type.scat_Cromer_Mann_b4 
_atom_type.scat_Cromer_Mann_c 
_atom_type.scat_source 
_atom_type.scat_dispersion_source 
C ? ? 3.54356  2.42580 ? ? 25.62398 1.50364  ? ? 0.0 
;2-Gaussian fit: Grosse-Kunstleve RW, Sauter NK, Adams PD: Newsletter of the IUCr Commission on Crystallographic Computing 2004, 3, 22-31.
;
? 
K ? ? 16.37977 2.54835 ? ? 4.54127  84.28225 ? ? 0.0 
;2-Gaussian fit: Grosse-Kunstleve RW, Sauter NK, Adams PD: Newsletter of the IUCr Commission on Crystallographic Computing 2004, 3, 22-31.
;
? 
N ? ? 4.01032  2.96436 ? ? 19.97189 1.75589  ? ? 0.0 
;2-Gaussian fit: Grosse-Kunstleve RW, Sauter NK, Adams PD: Newsletter of the IUCr Commission on Crystallographic Computing 2004, 3, 22-31.
;
? 
O ? ? 4.49882  3.47563 ? ? 15.80542 1.70748  ? ? 0.0 
;2-Gaussian fit: Grosse-Kunstleve RW, Sauter NK, Adams PD: Newsletter of the IUCr Commission on Crystallographic Computing 2004, 3, 22-31.
;
? 
P ? ? 9.51135  5.44231 ? ? 1.42069  35.72801 ? ? 0.0 
;2-Gaussian fit: Grosse-Kunstleve RW, Sauter NK, Adams PD: Newsletter of the IUCr Commission on Crystallographic Computing 2004, 3, 22-31.
;
? 
# 
loop_
_atom_site.group_PDB 
_atom_site.id 
_atom_site.type_symbol 
_atom_site.label_atom_id 
_atom_site.label_alt_id 
_atom_site.label_comp_id 
_atom_site.label_asym_id 
_atom_site.label_entity_id 
_atom_site.label_seq_id 
_atom_site.pdbx_PDB_ins_code 
_atom_site.Cartn_x 
_atom_site.Cartn_y 
_atom_site.Cartn_z 
_atom_site.occupancy 
_atom_site.B_iso_or_equiv 
_atom_site.pdbx_formal_charge 
_atom_site.auth_seq_id 
_atom_site.auth_comp_id 
_atom_site.auth_asym_id 
_atom_site.auth_atom_id 
_atom_site.pdbx_PDB_model_num 
ATOM   1   O "O5'" . DG  A 1 1  ? 4.41616   -6.90864  -1.43322  1.000 25.57409 ? 1   DG  A "O5'" 1 
ATOM   2   C "C5'" . DG  A 1 1  ? 4.30306   -8.10035  -0.62243  1.000 22.63449 ? 1   DG  A "C5'" 1 
ATOM   3   C "C4'" . DG  A 1 1  ? 3.15569   -8.94963  -1.11314  1.000 31.19655 ? 1   DG  A "C4'" 1 
ATOM   4   O "O4'" . DG  A 1 1  ? 1.92943   -8.47581  -0.51712  1.000 23.63500 ? 1   DG  A "O4'" 1 
ATOM   5   C "C3'" . DG  A 1 1  ? 2.93584   -8.92779  -2.62342  1.000 31.72801 ? 1   DG  A "C3'" 1 
ATOM   6   O "O3'" . DG  A 1 1  ? 2.37870   -10.16186 -3.06589  1.000 36.38932 ? 1   DG  A "O3'" 1 
ATOM   7   C "C2'" . DG  A 1 1  ? 1.95023   -7.77660  -2.76716  1.000 29.52506 ? 1   DG  A "C2'" 1 
ATOM   8   C "C1'" . DG  A 1 1  ? 1.08031   -7.96192  -1.53609  1.000 26.85624 ? 1   DG  A "C1'" 1 
ATOM   9   N N9    . DG  A 1 1  ? 0.45225   -6.73432  -1.05630  1.000 25.95553 ? 1   DG  A N9    1 
ATOM   10  C C8    . DG  A 1 1  ? -0.88603  -6.46093  -1.15501  1.000 24.57076 ? 1   DG  A C8    1 
ATOM   11  N N7    . DG  A 1 1  ? -1.21013  -5.29220  -0.66842  1.000 27.52196 ? 1   DG  A N7    1 
ATOM   12  C C5    . DG  A 1 1  ? -0.01146  -4.75812  -0.22610  1.000 21.13279 ? 1   DG  A C5    1 
ATOM   13  C C6    . DG  A 1 1  ? 0.25236   -3.51500  0.39720   1.000 23.21954 ? 1   DG  A C6    1 
ATOM   14  O O6    . DG  A 1 1  ? -0.54638  -2.62163  0.68679   1.000 17.82345 ? 1   DG  A O6    1 
ATOM   15  N N1    . DG  A 1 1  ? 1.60712   -3.36413  0.68447   1.000 27.47290 ? 1   DG  A N1    1 
ATOM   16  C C2    . DG  A 1 1  ? 2.57989   -4.29434  0.41277   1.000 28.49197 ? 1   DG  A C2    1 
ATOM   17  N N2    . DG  A 1 1  ? 3.83027   -3.96983  0.76228   1.000 25.05688 ? 1   DG  A N2    1 
ATOM   18  N N3    . DG  A 1 1  ? 2.33355   -5.46857  -0.16522  1.000 29.91352 ? 1   DG  A N3    1 
ATOM   19  C C4    . DG  A 1 1  ? 1.02386   -5.63279  -0.46071  1.000 26.46883 ? 1   DG  A C4    1 
ATOM   20  P P     . DG  A 1 2  ? 2.44524   -10.37331 -4.65599  1.000 30.48307 ? 2   DG  A P     1 
ATOM   21  O OP1   . DG  A 1 2  ? 1.98302   -11.75032 -5.03660  1.000 30.40800 ? 2   DG  A OP1   1 
ATOM   22  O OP2   . DG  A 1 2  ? 3.75997   -9.96523  -5.26773  1.000 41.88491 ? 2   DG  A OP2   1 
ATOM   23  O "O5'" . DG  A 1 2  ? 1.34538   -9.36941  -5.19162  1.000 26.76138 ? 2   DG  A "O5'" 1 
ATOM   24  C "C5'" . DG  A 1 2  ? -0.00939  -9.82011  -5.12336  1.000 30.36910 ? 2   DG  A "C5'" 1 
ATOM   25  C "C4'" . DG  A 1 2  ? -0.94018  -8.65220  -5.30301  1.000 27.16151 ? 2   DG  A "C4'" 1 
ATOM   26  O "O4'" . DG  A 1 2  ? -0.57839  -7.56247  -4.43894  1.000 26.54572 ? 2   DG  A "O4'" 1 
ATOM   27  C "C3'" . DG  A 1 2  ? -1.03632  -8.08626  -6.71731  1.000 31.38091 ? 2   DG  A "C3'" 1 
ATOM   28  O "O3'" . DG  A 1 2  ? -2.37598  -8.33526  -7.11239  1.000 33.65208 ? 2   DG  A "O3'" 1 
ATOM   29  C "C2'" . DG  A 1 2  ? -0.76102  -6.59550  -6.54128  1.000 29.94623 ? 2   DG  A "C2'" 1 
ATOM   30  C "C1'" . DG  A 1 2  ? -1.05315  -6.38628  -5.06911  1.000 25.93384 ? 2   DG  A "C1'" 1 
ATOM   31  N N9    . DG  A 1 2  ? -0.36986  -5.25754  -4.45635  1.000 29.33113 ? 2   DG  A N9    1 
ATOM   32  C C8    . DG  A 1 2  ? 0.95720   -5.13116  -4.14172  1.000 26.73685 ? 2   DG  A C8    1 
ATOM   33  N N7    . DG  A 1 2  ? 1.24343   -3.98906  -3.57584  1.000 25.31360 ? 2   DG  A N7    1 
ATOM   34  C C5    . DG  A 1 2  ? 0.02767   -3.32443  -3.51752  1.000 27.58986 ? 2   DG  A C5    1 
ATOM   35  C C6    . DG  A 1 2  ? -0.28330  -2.04542  -3.00298  1.000 27.53699 ? 2   DG  A C6    1 
ATOM   36  O O6    . DG  A 1 2  ? 0.48724   -1.23039  -2.48826  1.000 26.03721 ? 2   DG  A O6    1 
ATOM   37  N N1    . DG  A 1 2  ? -1.64340  -1.76392  -3.13278  1.000 26.30287 ? 2   DG  A N1    1 
ATOM   38  C C2    . DG  A 1 2  ? -2.57664  -2.60518  -3.69065  1.000 28.13785 ? 2   DG  A C2    1 
ATOM   39  N N2    . DG  A 1 2  ? -3.83861  -2.16883  -3.73737  1.000 27.41113 ? 2   DG  A N2    1 
ATOM   40  N N3    . DG  A 1 2  ? -2.28768  -3.80787  -4.17215  1.000 26.65816 ? 2   DG  A N3    1 
ATOM   41  C C4    . DG  A 1 2  ? -0.97521  -4.09874  -4.05081  1.000 27.03824 ? 2   DG  A C4    1 
ATOM   42  P P     . DG  A 1 3  ? -2.66115  -8.16651  -8.67853  1.000 37.79092 ? 3   DG  A P     1 
ATOM   43  O OP1   . DG  A 1 3  ? -3.69348  -9.15191  -9.14296  1.000 36.57860 ? 3   DG  A OP1   1 
ATOM   44  O OP2   . DG  A 1 3  ? -1.41121  -8.12459  -9.51807  1.000 33.72017 ? 3   DG  A OP2   1 
ATOM   45  O "O5'" . DG  A 1 3  ? -3.31236  -6.71553  -8.69525  1.000 36.68213 ? 3   DG  A "O5'" 1 
ATOM   46  C "C5'" . DG  A 1 3  ? -4.49732  -6.50209  -9.48227  1.000 37.80131 ? 3   DG  A "C5'" 1 
ATOM   47  C "C4'" . DG  A 1 3  ? -5.18498  -5.24436  -9.01724  1.000 37.47327 ? 3   DG  A "C4'" 1 
ATOM   48  O "O4'" . DG  A 1 3  ? -4.42290  -4.61821  -7.96454  1.000 39.00263 ? 3   DG  A "O4'" 1 
ATOM   49  C "C3'" . DG  A 1 3  ? -5.38317  -4.19216  -10.10290 1.000 39.03864 ? 3   DG  A "C3'" 1 
ATOM   50  O "O3'" . DG  A 1 3  ? -6.76845  -3.92072  -10.24322 1.000 40.41540 ? 3   DG  A "O3'" 1 
ATOM   51  C "C2'" . DG  A 1 3  ? -4.64396  -2.96286  -9.58872  1.000 37.61439 ? 3   DG  A "C2'" 1 
ATOM   52  C "C1'" . DG  A 1 3  ? -4.55109  -3.21049  -8.09941  1.000 37.26979 ? 3   DG  A "C1'" 1 
ATOM   53  N N9    . DG  A 1 3  ? -3.38178  -2.58242  -7.50381  1.000 30.08154 ? 3   DG  A N9    1 
ATOM   54  C C8    . DG  A 1 3  ? -2.11607  -3.10200  -7.45328  1.000 29.00386 ? 3   DG  A C8    1 
ATOM   55  N N7    . DG  A 1 3  ? -1.25916  -2.30462  -6.87169  1.000 31.22055 ? 3   DG  A N7    1 
ATOM   56  C C5    . DG  A 1 3  ? -2.00750  -1.18639  -6.53202  1.000 30.66467 ? 3   DG  A C5    1 
ATOM   57  C C6    . DG  A 1 3  ? -1.61287  -0.00204  -5.86754  1.000 29.01787 ? 3   DG  A C6    1 
ATOM   58  O O6    . DG  A 1 3  ? -0.48787  0.29864   -5.45428  1.000 26.49093 ? 3   DG  A O6    1 
ATOM   59  N N1    . DG  A 1 3  ? -2.68409  0.87481   -5.71136  1.000 25.68964 ? 3   DG  A N1    1 
ATOM   60  C C2    . DG  A 1 3  ? -3.96742  0.64043   -6.13914  1.000 30.49187 ? 3   DG  A C2    1 
ATOM   61  N N2    . DG  A 1 3  ? -4.86250  1.60764   -5.90314  1.000 25.35993 ? 3   DG  A N2    1 
ATOM   62  N N3    . DG  A 1 3  ? -4.34559  -0.47600  -6.75845  1.000 28.36551 ? 3   DG  A N3    1 
ATOM   63  C C4    . DG  A 1 3  ? -3.31688  -1.34042  -6.91818  1.000 28.02843 ? 3   DG  A C4    1 
ATOM   64  P P     . DG  A 1 4  ? -6.96575  -3.31577  -11.71408 1.000 52.29663 ? 4   DG  A P     1 
ATOM   65  O OP1   . DG  A 1 4  ? -8.21332  -3.90390  -12.34097 1.000 48.05025 ? 4   DG  A OP1   1 
ATOM   66  O OP2   . DG  A 1 4  ? -5.72461  -3.39341  -12.57097 1.000 31.88104 ? 4   DG  A OP2   1 
ATOM   67  O "O5'" . DG  A 1 4  ? -7.23618  -1.76791  -11.42784 1.000 37.58723 ? 4   DG  A "O5'" 1 
ATOM   68  C "C5'" . DG  A 1 4  ? -8.15713  -1.41087  -10.38041 1.000 35.43033 ? 4   DG  A "C5'" 1 
ATOM   69  C "C4'" . DG  A 1 4  ? -8.20980  0.08939   -10.27838 1.000 33.28747 ? 4   DG  A "C4'" 1 
ATOM   70  O "O4'" . DG  A 1 4  ? -7.07403  0.53922   -9.51429  1.000 33.47144 ? 4   DG  A "O4'" 1 
ATOM   71  C "C3'" . DG  A 1 4  ? -8.14103  0.82013   -11.61573 1.000 31.18846 ? 4   DG  A "C3'" 1 
ATOM   72  O "O3'" . DG  A 1 4  ? -8.86567  2.04133   -11.55650 1.000 36.28428 ? 4   DG  A "O3'" 1 
ATOM   73  C "C2'" . DG  A 1 4  ? -6.65116  1.10723   -11.74708 1.000 35.56982 ? 4   DG  A "C2'" 1 
ATOM   74  C "C1'" . DG  A 1 4  ? -6.29720  1.42822   -10.30767 1.000 31.61913 ? 4   DG  A "C1'" 1 
ATOM   75  N N9    . DG  A 1 4  ? -4.89574  1.22560   -9.96077  1.000 33.02090 ? 4   DG  A N9    1 
ATOM   76  C C8    . DG  A 1 4  ? -4.08132  0.15736   -10.23064 1.000 33.89295 ? 4   DG  A C8    1 
ATOM   77  N N7    . DG  A 1 4  ? -2.86710  0.30635   -9.76038  1.000 32.53747 ? 4   DG  A N7    1 
ATOM   78  C C5    . DG  A 1 4  ? -2.88893  1.54874   -9.14498  1.000 27.90708 ? 4   DG  A C5    1 
ATOM   79  C C6    . DG  A 1 4  ? -1.86350  2.24429   -8.46005  1.000 29.84090 ? 4   DG  A C6    1 
ATOM   80  O O6    . DG  A 1 4  ? -0.69901  1.88312   -8.26123  1.000 26.31702 ? 4   DG  A O6    1 
ATOM   81  N N1    . DG  A 1 4  ? -2.31575  3.47636   -7.98800  1.000 27.44090 ? 4   DG  A N1    1 
ATOM   82  C C2    . DG  A 1 4  ? -3.58348  3.97255   -8.15806  1.000 27.38019 ? 4   DG  A C2    1 
ATOM   83  N N2    . DG  A 1 4  ? -3.83778  5.17766   -7.64063  1.000 26.43761 ? 4   DG  A N2    1 
ATOM   84  N N3    . DG  A 1 4  ? -4.54876  3.32151   -8.79824  1.000 29.14678 ? 4   DG  A N3    1 
ATOM   85  C C4    . DG  A 1 4  ? -4.13185  2.12348   -9.26159  1.000 27.24016 ? 4   DG  A C4    1 
ATOM   86  P P     . DT  A 1 5  ? -10.45219 1.83331   -11.64924 1.000 34.09978 ? 5   DT  A P     1 
ATOM   87  O OP1   . DT  A 1 5  ? -10.82564 0.68117   -12.53257 1.000 32.47435 ? 5   DT  A OP1   1 
ATOM   88  O OP2   . DT  A 1 5  ? -11.09278 3.13857   -12.02499 1.000 37.71725 ? 5   DT  A OP2   1 
ATOM   89  O "O5'" . DT  A 1 5  ? -10.89390 1.48356   -10.14347 1.000 27.77726 ? 5   DT  A "O5'" 1 
ATOM   90  C "C5'" . DT  A 1 5  ? -10.61825 2.45377   -9.11035  1.000 29.44158 ? 5   DT  A "C5'" 1 
ATOM   91  C "C4'" . DT  A 1 5  ? -11.31413 2.07106   -7.82649  1.000 33.00996 ? 5   DT  A "C4'" 1 
ATOM   92  O "O4'" . DT  A 1 5  ? -12.72316 2.37073   -7.92534  1.000 35.14366 ? 5   DT  A "O4'" 1 
ATOM   93  C "C3'" . DT  A 1 5  ? -11.22293 0.60206   -7.42973  1.000 33.82541 ? 5   DT  A "C3'" 1 
ATOM   94  O "O3'" . DT  A 1 5  ? -11.24347 0.50611   -6.01276  1.000 34.66060 ? 5   DT  A "O3'" 1 
ATOM   95  C "C2'" . DT  A 1 5  ? -12.50965 0.02129   -7.98814  1.000 30.86155 ? 5   DT  A "C2'" 1 
ATOM   96  C "C1'" . DT  A 1 5  ? -13.48422 1.17595   -7.81256  1.000 36.47414 ? 5   DT  A "C1'" 1 
ATOM   97  N N1    . DT  A 1 5  ? -14.53503 1.23518   -8.84231  1.000 33.60143 ? 5   DT  A N1    1 
ATOM   98  C C2    . DT  A 1 5  ? -15.79554 0.78512   -8.51931  1.000 36.02455 ? 5   DT  A C2    1 
ATOM   99  O O2    . DT  A 1 5  ? -16.07950 0.33755   -7.41909  1.000 34.08378 ? 5   DT  A O2    1 
ATOM   100 N N3    . DT  A 1 5  ? -16.71420 0.87890   -9.53211  1.000 37.66189 ? 5   DT  A N3    1 
ATOM   101 C C4    . DT  A 1 5  ? -16.50172 1.36804   -10.80496 1.000 34.41959 ? 5   DT  A C4    1 
ATOM   102 O O4    . DT  A 1 5  ? -17.42613 1.39326   -11.61028 1.000 32.60332 ? 5   DT  A O4    1 
ATOM   103 C C5    . DT  A 1 5  ? -15.15924 1.82578   -11.07457 1.000 36.58512 ? 5   DT  A C5    1 
ATOM   104 C C7    . DT  A 1 5  ? -14.84312 2.36980   -12.43700 1.000 33.86772 ? 5   DT  A C7    1 
ATOM   105 C C6    . DT  A 1 5  ? -14.25150 1.73974   -10.09141 1.000 34.29666 ? 5   DT  A C6    1 
ATOM   106 P P     . DG  A 1 6  ? -10.21878 -0.60254  -5.46994  1.000 38.14626 ? 6   DG  A P     1 
ATOM   107 O OP1   . DG  A 1 6  ? -9.09058  -0.88430  -6.43251  1.000 27.93266 ? 6   DG  A OP1   1 
ATOM   108 O OP2   . DG  A 1 6  ? -10.95160 -1.82301  -4.99242  1.000 33.53802 ? 6   DG  A OP2   1 
ATOM   109 O "O5'" . DG  A 1 6  ? -9.61035  0.13464   -4.19061  1.000 25.20978 ? 6   DG  A "O5'" 1 
ATOM   110 C "C5'" . DG  A 1 6  ? -10.53199 0.70314   -3.24332  1.000 27.80572 ? 6   DG  A "C5'" 1 
ATOM   111 C "C4'" . DG  A 1 6  ? -9.93010  1.95708   -2.66958  1.000 29.41117 ? 6   DG  A "C4'" 1 
ATOM   112 O "O4'" . DG  A 1 6  ? -8.72205  1.61283   -1.96033  1.000 28.56544 ? 6   DG  A "O4'" 1 
ATOM   113 C "C3'" . DG  A 1 6  ? -9.56232  3.00561   -3.71598  1.000 24.28668 ? 6   DG  A "C3'" 1 
ATOM   114 O "O3'" . DG  A 1 6  ? -10.05609 4.26870   -3.29562  1.000 28.43252 ? 6   DG  A "O3'" 1 
ATOM   115 C "C2'" . DG  A 1 6  ? -8.03775  2.97901   -3.74053  1.000 29.99157 ? 6   DG  A "C2'" 1 
ATOM   116 C "C1'" . DG  A 1 6  ? -7.68269  2.49808   -2.34638  1.000 27.55075 ? 6   DG  A "C1'" 1 
ATOM   117 N N9    . DG  A 1 6  ? -6.42862  1.75992   -2.30942  1.000 27.63143 ? 6   DG  A N9    1 
ATOM   118 C C8    . DG  A 1 6  ? -6.19614  0.48037   -2.74264  1.000 26.20001 ? 6   DG  A C8    1 
ATOM   119 N N7    . DG  A 1 6  ? -4.95223  0.10724   -2.58982  1.000 23.83424 ? 6   DG  A N7    1 
ATOM   120 C C5    . DG  A 1 6  ? -4.32934  1.21259   -2.02972  1.000 24.57027 ? 6   DG  A C5    1 
ATOM   121 C C6    . DG  A 1 6  ? -2.97993  1.39841   -1.64802  1.000 23.70716 ? 6   DG  A C6    1 
ATOM   122 O O6    . DG  A 1 6  ? -2.04981  0.59323   -1.73465  1.000 20.84788 ? 6   DG  A O6    1 
ATOM   123 N N1    . DG  A 1 6  ? -2.77366  2.66959   -1.11590  1.000 24.04464 ? 6   DG  A N1    1 
ATOM   124 C C2    . DG  A 1 6  ? -3.73595  3.64027   -0.98066  1.000 24.37947 ? 6   DG  A C2    1 
ATOM   125 N N2    . DG  A 1 6  ? -3.34337  4.80652   -0.45685  1.000 24.08534 ? 6   DG  A N2    1 
ATOM   126 N N3    . DG  A 1 6  ? -5.00352  3.47258   -1.34319  1.000 23.15781 ? 6   DG  A N3    1 
ATOM   127 C C4    . DG  A 1 6  ? -5.22733  2.23972   -1.85513  1.000 25.06063 ? 6   DG  A C4    1 
ATOM   128 P P     . DG  A 1 7  ? -9.75740  5.40406   -4.38478  1.000 36.06990 ? 7   DG  A P     1 
ATOM   129 O OP1   . DG  A 1 7  ? -10.85739 6.42088   -4.37851  1.000 40.74836 ? 7   DG  A OP1   1 
ATOM   130 O OP2   . DG  A 1 7  ? -9.42760  4.85401   -5.74898  1.000 31.71901 ? 7   DG  A OP2   1 
ATOM   131 O "O5'" . DG  A 1 7  ? -8.45209  6.12289   -3.79442  1.000 31.29393 ? 7   DG  A "O5'" 1 
ATOM   132 C "C5'" . DG  A 1 7  ? -8.58238  6.87852   -2.57226  1.000 26.85243 ? 7   DG  A "C5'" 1 
ATOM   133 C "C4'" . DG  A 1 7  ? -7.36578  7.74945   -2.37581  1.000 27.69597 ? 7   DG  A "C4'" 1 
ATOM   134 O "O4'" . DG  A 1 7  ? -6.19721  6.91404   -2.26739  1.000 30.57474 ? 7   DG  A "O4'" 1 
ATOM   135 C "C3'" . DG  A 1 7  ? -7.08477  8.74770   -3.49578  1.000 31.30880 ? 7   DG  A "C3'" 1 
ATOM   136 O "O3'" . DG  A 1 7  ? -6.64711  9.95237   -2.88389  1.000 33.12778 ? 7   DG  A "O3'" 1 
ATOM   137 C "C2'" . DG  A 1 7  ? -5.97858  8.07027   -4.29528  1.000 29.96494 ? 7   DG  A "C2'" 1 
ATOM   138 C "C1'" . DG  A 1 7  ? -5.22012  7.32735   -3.21477  1.000 29.16927 ? 7   DG  A "C1'" 1 
ATOM   139 N N9    . DG  A 1 7  ? -4.51799  6.12694   -3.66021  1.000 32.29222 ? 7   DG  A N9    1 
ATOM   140 C C8    . DG  A 1 7  ? -5.02434  4.98798   -4.23227  1.000 32.31341 ? 7   DG  A C8    1 
ATOM   141 N N7    . DG  A 1 7  ? -4.11098  4.08134   -4.47640  1.000 27.75054 ? 7   DG  A N7    1 
ATOM   142 C C5    . DG  A 1 7  ? -2.93151  4.66001   -4.03020  1.000 28.44597 ? 7   DG  A C5    1 
ATOM   143 C C6    . DG  A 1 7  ? -1.61061  4.15029   -4.02770  1.000 26.55393 ? 7   DG  A C6    1 
ATOM   144 O O6    . DG  A 1 7  ? -1.21881  3.05760   -4.45010  1.000 21.72118 ? 7   DG  A O6    1 
ATOM   145 N N1    . DG  A 1 7  ? -0.71410  5.06689   -3.47811  1.000 23.99281 ? 7   DG  A N1    1 
ATOM   146 C C2    . DG  A 1 7  ? -1.05177  6.30711   -2.99271  1.000 25.49004 ? 7   DG  A C2    1 
ATOM   147 N N2    . DG  A 1 7  ? -0.06233  7.05838   -2.50076  1.000 29.01706 ? 7   DG  A N2    1 
ATOM   148 N N3    . DG  A 1 7  ? -2.28808  6.78697   -2.98618  1.000 23.60171 ? 7   DG  A N3    1 
ATOM   149 C C4    . DG  A 1 7  ? -3.17156  5.91373   -3.51650  1.000 30.01250 ? 7   DG  A C4    1 
ATOM   150 P P     . DG  A 1 8  ? -6.34592  11.15272  -3.89951  1.000 29.91939 ? 8   DG  A P     1 
ATOM   151 O OP1   . DG  A 1 8  ? -6.74285  12.45402  -3.27216  1.000 34.32716 ? 8   DG  A OP1   1 
ATOM   152 O OP2   . DG  A 1 8  ? -6.91026  10.92868  -5.27335  1.000 34.65620 ? 8   DG  A OP2   1 
ATOM   153 O "O5'" . DG  A 1 8  ? -4.74637  11.13681  -4.00677  1.000 35.87835 ? 8   DG  A "O5'" 1 
ATOM   154 C "C5'" . DG  A 1 8  ? -3.96654  11.40136  -2.81565  1.000 33.88675 ? 8   DG  A "C5'" 1 
ATOM   155 C "C4'" . DG  A 1 8  ? -2.50491  11.50125  -3.17641  1.000 33.87931 ? 8   DG  A "C4'" 1 
ATOM   156 O "O4'" . DG  A 1 8  ? -1.99752  10.18423  -3.48545  1.000 34.58715 ? 8   DG  A "O4'" 1 
ATOM   157 C "C3'" . DG  A 1 8  ? -2.19505  12.36878  -4.39457  1.000 33.67509 ? 8   DG  A "C3'" 1 
ATOM   158 O "O3'" . DG  A 1 8  ? -0.93350  13.00266  -4.23960  1.000 36.77932 ? 8   DG  A "O3'" 1 
ATOM   159 C "C2'" . DG  A 1 8  ? -2.09760  11.33154  -5.50252  1.000 34.84157 ? 8   DG  A "C2'" 1 
ATOM   160 C "C1'" . DG  A 1 8  ? -1.36470  10.23364  -4.75948  1.000 31.94401 ? 8   DG  A "C1'" 1 
ATOM   161 N N9    . DG  A 1 8  ? -1.43666  8.91219   -5.37298  1.000 27.60627 ? 8   DG  A N9    1 
ATOM   162 C C8    . DG  A 1 8  ? -2.52358  8.21364   -5.83208  1.000 29.83698 ? 8   DG  A C8    1 
ATOM   163 N N7    . DG  A 1 8  ? -2.21028  7.03821   -6.31513  1.000 26.95407 ? 8   DG  A N7    1 
ATOM   164 C C5    . DG  A 1 8  ? -0.83277  6.95902   -6.16608  1.000 24.87302 ? 8   DG  A C5    1 
ATOM   165 C C6    . DG  A 1 8  ? 0.06681   5.92001   -6.50704  1.000 23.67906 ? 8   DG  A C6    1 
ATOM   166 O O6    . DG  A 1 8  ? -0.18606  4.83031   -7.02967  1.000 19.60374 ? 8   DG  A O6    1 
ATOM   167 N N1    . DG  A 1 8  ? 1.37832   6.25378   -6.17451  1.000 24.96482 ? 8   DG  A N1    1 
ATOM   168 C C2    . DG  A 1 8  ? 1.77437   7.43323   -5.59765  1.000 26.75425 ? 8   DG  A C2    1 
ATOM   169 N N2    . DG  A 1 8  ? 3.08312   7.58023   -5.35995  1.000 30.43079 ? 8   DG  A N2    1 
ATOM   170 N N3    . DG  A 1 8  ? 0.93397   8.41258   -5.27655  1.000 29.05003 ? 8   DG  A N3    1 
ATOM   171 C C4    . DG  A 1 8  ? -0.34614  8.10753   -5.58749  1.000 27.04530 ? 8   DG  A C4    1 
ATOM   172 P P     . DA  A 1 9  ? -1.01934  14.45041  -3.56132  1.000 31.20496 ? 9   DA  A P     1 
ATOM   173 O OP1   . DA  A 1 9  ? -2.41596  14.81210  -3.15452  1.000 38.23905 ? 9   DA  A OP1   1 
ATOM   174 O OP2   . DA  A 1 9  ? -0.32127  15.47066  -4.40443  1.000 33.92372 ? 9   DA  A OP2   1 
ATOM   175 O "O5'" . DA  A 1 9  ? -0.14498  14.26304  -2.24755  1.000 35.88635 ? 9   DA  A "O5'" 1 
ATOM   176 C "C5'" . DA  A 1 9  ? 1.17741   13.71751  -2.41669  1.000 35.25319 ? 9   DA  A "C5'" 1 
ATOM   177 C "C4'" . DA  A 1 9  ? 1.92706   13.75637  -1.10951  1.000 34.02942 ? 9   DA  A "C4'" 1 
ATOM   178 O "O4'" . DA  A 1 9  ? 1.01710   13.51411  -0.01646  1.000 34.24828 ? 9   DA  A "O4'" 1 
ATOM   179 C "C3'" . DA  A 1 9  ? 3.02663   12.70334  -1.02333  1.000 34.56683 ? 9   DA  A "C3'" 1 
ATOM   180 O "O3'" . DA  A 1 9  ? 4.28351   13.35513  -1.15435  1.000 37.96710 ? 9   DA  A "O3'" 1 
ATOM   181 C "C2'" . DA  A 1 9  ? 2.83101   12.07422  0.35244   1.000 34.27635 ? 9   DA  A "C2'" 1 
ATOM   182 C "C1'" . DA  A 1 9  ? 1.34810   12.28155  0.61015   1.000 34.29232 ? 9   DA  A "C1'" 1 
ATOM   183 N N9    . DA  A 1 9  ? 0.47729   11.25517  0.05193   1.000 27.64663 ? 9   DA  A N9    1 
ATOM   184 C C8    . DA  A 1 9  ? 0.74129   10.38862  -0.97476  1.000 32.52732 ? 9   DA  A C8    1 
ATOM   185 N N7    . DA  A 1 9  ? -0.25525  9.59073   -1.25114  1.000 35.73431 ? 9   DA  A N7    1 
ATOM   186 C C5    . DA  A 1 9  ? -1.24190  9.94477   -0.34772  1.000 32.61759 ? 9   DA  A C5    1 
ATOM   187 C C6    . DA  A 1 9  ? -2.54308  9.45737   -0.13037  1.000 27.19356 ? 9   DA  A C6    1 
ATOM   188 N N6    . DA  A 1 9  ? -3.09115  8.47358   -0.83477  1.000 26.75851 ? 9   DA  A N6    1 
ATOM   189 N N1    . DA  A 1 9  ? -3.26592  10.03806  0.85066   1.000 28.20837 ? 9   DA  A N1    1 
ATOM   190 C C2    . DA  A 1 9  ? -2.70693  11.02647  1.55757   1.000 32.22828 ? 9   DA  A C2    1 
ATOM   191 N N3    . DA  A 1 9  ? -1.49780  11.56447  1.44540   1.000 30.19710 ? 9   DA  A N3    1 
ATOM   192 C C4    . DA  A 1 9  ? -0.80256  10.97067  0.46360   1.000 31.06649 ? 9   DA  A C4    1 
ATOM   193 P P     . DG  A 1 10 ? 4.98965   12.82164  -2.49031  1.000 37.31652 ? 10  DG  A P     1 
ATOM   194 O OP1   . DG  A 1 10 ? 6.32904   13.47565  -2.68697  1.000 38.44297 ? 10  DG  A OP1   1 
ATOM   195 O OP2   . DG  A 1 10 ? 4.08509   12.87138  -3.68826  1.000 34.28634 ? 10  DG  A OP2   1 
ATOM   196 O "O5'" . DG  A 1 10 ? 5.23638   11.27547  -2.15921  1.000 35.60178 ? 10  DG  A "O5'" 1 
ATOM   197 C "C5'" . DG  A 1 10 ? 6.20498   10.92493  -1.14705  1.000 37.98851 ? 10  DG  A "C5'" 1 
ATOM   198 C "C4'" . DG  A 1 10 ? 6.71629   9.53428   -1.42091  1.000 33.73184 ? 10  DG  A "C4'" 1 
ATOM   199 O "O4'" . DG  A 1 10 ? 5.64679   8.60033   -1.21487  1.000 33.57077 ? 10  DG  A "O4'" 1 
ATOM   200 C "C3'" . DG  A 1 10 ? 7.17115   9.29634   -2.85645  1.000 33.93771 ? 10  DG  A "C3'" 1 
ATOM   201 O "O3'" . DG  A 1 10 ? 8.57459   9.48403   -2.97803  1.000 37.45450 ? 10  DG  A "O3'" 1 
ATOM   202 C "C2'" . DG  A 1 10 ? 6.79390   7.84114   -3.12953  1.000 34.59035 ? 10  DG  A "C2'" 1 
ATOM   203 C "C1'" . DG  A 1 10 ? 5.98836   7.41180   -1.91320  1.000 35.47023 ? 10  DG  A "C1'" 1 
ATOM   204 N N9    . DG  A 1 10 ? 4.75672   6.70112   -2.23637  1.000 32.55606 ? 10  DG  A N9    1 
ATOM   205 C C8    . DG  A 1 10 ? 3.47076   7.15165   -2.08438  1.000 31.50710 ? 10  DG  A C8    1 
ATOM   206 N N7    . DG  A 1 10 ? 2.57405   6.27984   -2.46209  1.000 25.20370 ? 10  DG  A N7    1 
ATOM   207 C C5    . DG  A 1 10 ? 3.31477   5.18801   -2.88931  1.000 27.22971 ? 10  DG  A C5    1 
ATOM   208 C C6    . DG  A 1 10 ? 2.87986   3.94085   -3.39628  1.000 25.42137 ? 10  DG  A C6    1 
ATOM   209 O O6    . DG  A 1 10 ? 1.72045   3.56430   -3.58579  1.000 24.41754 ? 10  DG  A O6    1 
ATOM   210 N N1    . DG  A 1 10 ? 3.95535   3.11095   -3.70887  1.000 23.29461 ? 10  DG  A N1    1 
ATOM   211 C C2    . DG  A 1 10 ? 5.27831   3.44158   -3.54635  1.000 31.62972 ? 10  DG  A C2    1 
ATOM   212 N N2    . DG  A 1 10 ? 6.17713   2.51689   -3.90557  1.000 27.03022 ? 10  DG  A N2    1 
ATOM   213 N N3    . DG  A 1 10 ? 5.69286   4.61268   -3.06496  1.000 29.26738 ? 10  DG  A N3    1 
ATOM   214 C C4    . DG  A 1 10 ? 4.66088   5.43223   -2.75573  1.000 29.82421 ? 10  DG  A C4    1 
ATOM   215 P P     . DG  A 1 11 ? 8.91608   9.80534   -4.51156  1.000 39.34304 ? 11  DG  A P     1 
ATOM   216 O OP1   . DG  A 1 11 ? 10.11006  10.71172  -4.59830  1.000 41.22063 ? 11  DG  A OP1   1 
ATOM   217 O OP2   . DG  A 1 11 ? 7.71111   10.29329  -5.27563  1.000 35.46173 ? 11  DG  A OP2   1 
ATOM   218 O "O5'" . DG  A 1 11 ? 9.33576   8.38699   -5.11975  1.000 34.06704 ? 11  DG  A "O5'" 1 
ATOM   219 C "C5'" . DG  A 1 11 ? 10.46028  7.68592   -4.54084  1.000 34.29613 ? 11  DG  A "C5'" 1 
ATOM   220 C "C4'" . DG  A 1 11 ? 10.69454  6.39438   -5.28568  1.000 34.22157 ? 11  DG  A "C4'" 1 
ATOM   221 O "O4'" . DG  A 1 11 ? 9.48633   5.60741   -5.26639  1.000 35.13937 ? 11  DG  A "O4'" 1 
ATOM   222 C "C3'" . DG  A 1 11 ? 11.04557  6.54950   -6.75887  1.000 32.72296 ? 11  DG  A "C3'" 1 
ATOM   223 O "O3'" . DG  A 1 11 ? 11.73320  5.39160   -7.20588  1.000 35.48004 ? 11  DG  A "O3'" 1 
ATOM   224 C "C2'" . DG  A 1 11 ? 9.66177   6.58214   -7.38740  1.000 31.84022 ? 11  DG  A "C2'" 1 
ATOM   225 C "C1'" . DG  A 1 11 ? 8.99713   5.47246   -6.59813  1.000 30.09728 ? 11  DG  A "C1'" 1 
ATOM   226 N N9    . DG  A 1 11 ? 7.54069   5.52057   -6.54915  1.000 28.49911 ? 11  DG  A N9    1 
ATOM   227 C C8    . DG  A 1 11 ? 6.70297   6.53400   -6.16383  1.000 32.75920 ? 11  DG  A C8    1 
ATOM   228 N N7    . DG  A 1 11 ? 5.43756   6.20214   -6.22081  1.000 28.92848 ? 11  DG  A N7    1 
ATOM   229 C C5    . DG  A 1 11 ? 5.44457   4.88897   -6.66730  1.000 27.87937 ? 11  DG  A C5    1 
ATOM   230 C C6    . DG  A 1 11 ? 4.36788   4.00226   -6.91784  1.000 28.86806 ? 11  DG  A C6    1 
ATOM   231 O O6    . DG  A 1 11 ? 3.15669   4.21166   -6.79734  1.000 22.17705 ? 11  DG  A O6    1 
ATOM   232 N N1    . DG  A 1 11 ? 4.82779   2.76153   -7.35867  1.000 29.80688 ? 11  DG  A N1    1 
ATOM   233 C C2    . DG  A 1 11 ? 6.14526   2.41941   -7.53777  1.000 29.20567 ? 11  DG  A C2    1 
ATOM   234 N N2    . DG  A 1 11 ? 6.39415   1.17725   -7.96343  1.000 24.21381 ? 11  DG  A N2    1 
ATOM   235 N N3    . DG  A 1 11 ? 7.15870   3.24725   -7.29721  1.000 26.77762 ? 11  DG  A N3    1 
ATOM   236 C C4    . DG  A 1 11 ? 6.73478   4.45797   -6.86898  1.000 28.81470 ? 11  DG  A C4    1 
ATOM   237 P P     . DT  A 1 12 ? 13.28038  5.34950   -6.79068  1.000 36.10219 ? 12  DT  A P     1 
ATOM   238 O OP1   . DT  A 1 12 ? 13.85097  6.72497   -6.55704  1.000 35.10137 ? 12  DT  A OP1   1 
ATOM   239 O OP2   . DT  A 1 12 ? 14.03936  4.51263   -7.78225  1.000 36.40317 ? 12  DT  A OP2   1 
ATOM   240 O "O5'" . DT  A 1 12 ? 13.29328  4.56927   -5.38939  1.000 34.45704 ? 12  DT  A "O5'" 1 
ATOM   241 C "C5'" . DT  A 1 12 ? 12.78050  3.22034   -5.34569  1.000 35.36082 ? 12  DT  A "C5'" 1 
ATOM   242 C "C4'" . DT  A 1 12 ? 13.13517  2.58131   -4.02664  1.000 35.69523 ? 12  DT  A "C4'" 1 
ATOM   243 O "O4'" . DT  A 1 12 ? 14.56194  2.37048   -3.95490  1.000 34.48878 ? 12  DT  A "O4'" 1 
ATOM   244 C "C3'" . DT  A 1 12 ? 12.75501  3.38577   -2.78800  1.000 30.18760 ? 12  DT  A "C3'" 1 
ATOM   245 O "O3'" . DT  A 1 12 ? 12.36384  2.49025   -1.75448  1.000 36.39873 ? 12  DT  A "O3'" 1 
ATOM   246 C "C2'" . DT  A 1 12 ? 14.05311  4.09492   -2.43377  1.000 31.51240 ? 12  DT  A "C2'" 1 
ATOM   247 C "C1'" . DT  A 1 12 ? 15.11091  3.08491   -2.85624  1.000 35.32927 ? 12  DT  A "C1'" 1 
ATOM   248 N N1    . DT  A 1 12 ? 16.38127  3.67763   -3.32296  1.000 34.69197 ? 12  DT  A N1    1 
ATOM   249 C C2    . DT  A 1 12 ? 17.45576  3.72587   -2.45860  1.000 35.98798 ? 12  DT  A C2    1 
ATOM   250 O O2    . DT  A 1 12 ? 17.40776  3.31512   -1.30938  1.000 38.39504 ? 12  DT  A O2    1 
ATOM   251 N N3    . DT  A 1 12 ? 18.59259  4.28463   -2.98483  1.000 36.62649 ? 12  DT  A N3    1 
ATOM   252 C C4    . DT  A 1 12 ? 18.76162  4.77924   -4.26344  1.000 37.60241 ? 12  DT  A C4    1 
ATOM   253 O O4    . DT  A 1 12 ? 19.84665  5.25408   -4.59655  1.000 40.67461 ? 12  DT  A O4    1 
ATOM   254 C C5    . DT  A 1 12 ? 17.59959  4.68965   -5.11766  1.000 32.16648 ? 12  DT  A C5    1 
ATOM   255 C C7    . DT  A 1 12 ? 17.69321  5.20434   -6.52219  1.000 36.39909 ? 12  DT  A C7    1 
ATOM   256 C C6    . DT  A 1 12 ? 16.48348  4.14853   -4.61373  1.000 30.41474 ? 12  DT  A C6    1 
ATOM   257 P P     . DG  A 1 13 ? 11.23297  3.12755   -0.81032  1.000 34.69234 ? 13  DG  A P     1 
ATOM   258 O OP1   . DG  A 1 13 ? 10.27877  4.01470   -1.57470  1.000 30.13442 ? 13  DG  A OP1   1 
ATOM   259 O OP2   . DG  A 1 13 ? 11.83142  3.75974   0.41126   1.000 31.75596 ? 13  DG  A OP2   1 
ATOM   260 O "O5'" . DG  A 1 13 ? 10.43725  1.83217   -0.34187  1.000 27.20072 ? 13  DG  A "O5'" 1 
ATOM   261 C "C5'" . DG  A 1 13 ? 11.18928  0.63956   -0.05415  1.000 24.78687 ? 13  DG  A "C5'" 1 
ATOM   262 C "C4'" . DG  A 1 13 ? 10.44720  -0.54097  -0.61771  1.000 28.50782 ? 13  DG  A "C4'" 1 
ATOM   263 O "O4'" . DG  A 1 13 ? 9.08658   -0.48950  -0.14325  1.000 32.56841 ? 13  DG  A "O4'" 1 
ATOM   264 C "C3'" . DG  A 1 13 ? 10.39734  -0.57838  -2.14616  1.000 27.63926 ? 13  DG  A "C3'" 1 
ATOM   265 O "O3'" . DG  A 1 13 ? 10.91809  -1.81465  -2.61817  1.000 31.93124 ? 13  DG  A "O3'" 1 
ATOM   266 C "C2'" . DG  A 1 13 ? 8.91693   -0.42341  -2.48082  1.000 25.50876 ? 13  DG  A "C2'" 1 
ATOM   267 C "C1'" . DG  A 1 13 ? 8.21366   -0.84482  -1.20434  1.000 30.03452 ? 13  DG  A "C1'" 1 
ATOM   268 N N9    . DG  A 1 13 ? 6.94509   -0.15338  -1.00049  1.000 28.74419 ? 13  DG  A N9    1 
ATOM   269 C C8    . DG  A 1 13 ? 6.71858   1.08759   -0.46290  1.000 27.33785 ? 13  DG  A C8    1 
ATOM   270 N N7    . DG  A 1 13 ? 5.45362   1.42224   -0.45240  1.000 24.16368 ? 13  DG  A N7    1 
ATOM   271 C C5    . DG  A 1 13 ? 4.80924   0.33579   -1.02831  1.000 28.71777 ? 13  DG  A C5    1 
ATOM   272 C C6    . DG  A 1 13 ? 3.43258   0.12423   -1.28777  1.000 25.88075 ? 13  DG  A C6    1 
ATOM   273 O O6    . DG  A 1 13 ? 2.48660   0.87781   -1.04229  1.000 22.27469 ? 13  DG  A O6    1 
ATOM   274 N N1    . DG  A 1 13 ? 3.21124   -1.11765  -1.88117  1.000 24.36490 ? 13  DG  A N1    1 
ATOM   275 C C2    . DG  A 1 13 ? 4.18972   -2.03053  -2.19131  1.000 27.68444 ? 13  DG  A C2    1 
ATOM   276 N N2    . DG  A 1 13 ? 3.79188   -3.16891  -2.76703  1.000 27.44277 ? 13  DG  A N2    1 
ATOM   277 N N3    . DG  A 1 13 ? 5.48286   -1.83601  -1.95326  1.000 26.48390 ? 13  DG  A N3    1 
ATOM   278 C C4    . DG  A 1 13 ? 5.71752   -0.63842  -1.37259  1.000 26.48479 ? 13  DG  A C4    1 
ATOM   279 P P     . DG  A 1 14 ? 11.18979  -1.81164  -4.20117  1.000 31.77793 ? 14  DG  A P     1 
ATOM   280 O OP1   . DG  A 1 14 ? 12.30522  -2.74818  -4.56788  1.000 29.75405 ? 14  DG  A OP1   1 
ATOM   281 O OP2   . DG  A 1 14 ? 11.30859  -0.42815  -4.77140  1.000 30.65630 ? 14  DG  A OP2   1 
ATOM   282 O "O5'" . DG  A 1 14 ? 9.84617   -2.47368  -4.75478  1.000 28.07790 ? 14  DG  A "O5'" 1 
ATOM   283 C "C5'" . DG  A 1 14 ? 9.50005   -3.77692  -4.25357  1.000 24.86155 ? 14  DG  A "C5'" 1 
ATOM   284 C "C4'" . DG  A 1 14 ? 8.52578   -4.44985  -5.18773  1.000 27.64301 ? 14  DG  A "C4'" 1 
ATOM   285 O "O4'" . DG  A 1 14 ? 7.19586   -3.96035  -4.92323  1.000 32.53193 ? 14  DG  A "O4'" 1 
ATOM   286 C "C3'" . DG  A 1 14 ? 8.77562   -4.26718  -6.68227  1.000 22.63356 ? 14  DG  A "C3'" 1 
ATOM   287 O "O3'" . DG  A 1 14 ? 8.47061   -5.51206  -7.30000  1.000 23.50656 ? 14  DG  A "O3'" 1 
ATOM   288 C "C2'" . DG  A 1 14 ? 7.81101   -3.14473  -7.05147  1.000 24.24848 ? 14  DG  A "C2'" 1 
ATOM   289 C "C1'" . DG  A 1 14 ? 6.64958   -3.37310  -6.09784  1.000 26.57824 ? 14  DG  A "C1'" 1 
ATOM   290 N N9    . DG  A 1 14 ? 5.93937   -2.17323  -5.66761  1.000 27.95540 ? 14  DG  A N9    1 
ATOM   291 C C8    . DG  A 1 14 ? 6.43747   -1.04230  -5.07351  1.000 26.92262 ? 14  DG  A C8    1 
ATOM   292 N N7    . DG  A 1 14 ? 5.51150   -0.16392  -4.77987  1.000 27.75064 ? 14  DG  A N7    1 
ATOM   293 C C5    . DG  A 1 14 ? 4.32916   -0.76192  -5.19433  1.000 29.04160 ? 14  DG  A C5    1 
ATOM   294 C C6    . DG  A 1 14 ? 2.99543   -0.28976  -5.12522  1.000 29.15113 ? 14  DG  A C6    1 
ATOM   295 O O6    . DG  A 1 14 ? 2.59778   0.79188   -4.68453  1.000 28.71909 ? 14  DG  A O6    1 
ATOM   296 N N1    . DG  A 1 14 ? 2.09466   -1.21352  -5.65224  1.000 28.27796 ? 14  DG  A N1    1 
ATOM   297 C C2    . DG  A 1 14 ? 2.43579   -2.43427  -6.18140  1.000 30.08718 ? 14  DG  A C2    1 
ATOM   298 N N2    . DG  A 1 14 ? 1.43541   -3.19055  -6.64559  1.000 23.42591 ? 14  DG  A N2    1 
ATOM   299 N N3    . DG  A 1 14 ? 3.68606   -2.88687  -6.24031  1.000 26.07708 ? 14  DG  A N3    1 
ATOM   300 C C4    . DG  A 1 14 ? 4.57545   -2.00456  -5.72930  1.000 28.71069 ? 14  DG  A C4    1 
ATOM   301 P P     . DG  A 1 15 ? 8.53425   -5.55018  -8.90006  1.000 23.51585 ? 15  DG  A P     1 
ATOM   302 O OP1   . DG  A 1 15 ? 8.93138   -6.90520  -9.39871  1.000 24.36734 ? 15  DG  A OP1   1 
ATOM   303 O OP2   . DG  A 1 15 ? 9.33496   -4.42251  -9.48636  1.000 26.51786 ? 15  DG  A OP2   1 
ATOM   304 O "O5'" . DG  A 1 15 ? 7.00317   -5.32979  -9.29236  1.000 22.83346 ? 15  DG  A "O5'" 1 
ATOM   305 C "C5'" . DG  A 1 15 ? 6.14639   -6.48043  -9.41193  1.000 19.34284 ? 15  DG  A "C5'" 1 
ATOM   306 C "C4'" . DG  A 1 15 ? 4.93676   -6.10868  -10.23112 1.000 28.11611 ? 15  DG  A "C4'" 1 
ATOM   307 O "O4'" . DG  A 1 15 ? 4.26061   -4.99956  -9.60241  1.000 27.92747 ? 15  DG  A "O4'" 1 
ATOM   308 C "C3'" . DG  A 1 15 ? 5.23149   -5.68108  -11.66705 1.000 27.62862 ? 15  DG  A "C3'" 1 
ATOM   309 O "O3'" . DG  A 1 15 ? 4.21311   -6.23098  -12.48899 1.000 36.81441 ? 15  DG  A "O3'" 1 
ATOM   310 C "C2'" . DG  A 1 15 ? 5.12146   -4.16352  -11.59978 1.000 30.81904 ? 15  DG  A "C2'" 1 
ATOM   311 C "C1'" . DG  A 1 15 ? 4.00999   -3.99911  -10.58051 1.000 27.49072 ? 15  DG  A "C1'" 1 
ATOM   312 N N9    . DG  A 1 15 ? 3.97255   -2.71208  -9.89719  1.000 24.36497 ? 15  DG  A N9    1 
ATOM   313 C C8    . DG  A 1 15 ? 5.02243   -2.02049  -9.35128  1.000 28.56478 ? 15  DG  A C8    1 
ATOM   314 N N7    . DG  A 1 15 ? 4.65998   -0.89760  -8.78547  1.000 28.55263 ? 15  DG  A N7    1 
ATOM   315 C C5    . DG  A 1 15 ? 3.28604   -0.85318  -8.96260  1.000 27.99222 ? 15  DG  A C5    1 
ATOM   316 C C6    . DG  A 1 15 ? 2.34865   0.12408   -8.55056  1.000 28.74228 ? 15  DG  A C6    1 
ATOM   317 O O6    . DG  A 1 15 ? 2.56065   1.17596   -7.94292  1.000 27.99232 ? 15  DG  A O6    1 
ATOM   318 N N1    . DG  A 1 15 ? 1.05375   -0.22165  -8.92739  1.000 27.35463 ? 15  DG  A N1    1 
ATOM   319 C C2    . DG  A 1 15 ? 0.70719   -1.35622  -9.61427  1.000 26.75552 ? 15  DG  A C2    1 
ATOM   320 N N2    . DG  A 1 15 ? -0.59291  -1.51401  -9.88925  1.000 29.88853 ? 15  DG  A N2    1 
ATOM   321 N N3    . DG  A 1 15 ? 1.58254   -2.28288  -9.99481  1.000 25.62864 ? 15  DG  A N3    1 
ATOM   322 C C4    . DG  A 1 15 ? 2.84898   -1.96697  -9.63919  1.000 26.64587 ? 15  DG  A C4    1 
ATOM   323 P P     . DT  A 1 16 ? 4.71819   -6.52281  -13.98186 1.000 42.35183 ? 16  DT  A P     1 
ATOM   324 O OP1   . DT  A 1 16 ? 4.55430   -7.97803  -14.31825 1.000 40.55230 ? 16  DT  A OP1   1 
ATOM   325 O OP2   . DT  A 1 16 ? 6.08822   -5.96660  -14.27415 1.000 38.54413 ? 16  DT  A OP2   1 
ATOM   326 O "O5'" . DT  A 1 16 ? 3.64423   -5.71648  -14.85274 1.000 34.32591 ? 16  DT  A "O5'" 1 
ATOM   327 C "C5'" . DT  A 1 16 ? 3.91733   -4.36694  -15.27149 1.000 32.15495 ? 16  DT  A "C5'" 1 
ATOM   328 C "C4'" . DT  A 1 16 ? 2.61358   -3.68041  -15.60006 1.000 30.56774 ? 16  DT  A "C4'" 1 
ATOM   329 O "O4'" . DT  A 1 16 ? 1.92299   -4.40101  -16.64505 1.000 33.57495 ? 16  DT  A "O4'" 1 
ATOM   330 C "C3'" . DT  A 1 16 ? 1.63118   -3.58006  -14.43699 1.000 35.93945 ? 16  DT  A "C3'" 1 
ATOM   331 O "O3'" . DT  A 1 16 ? 0.87775   -2.37795  -14.53009 1.000 43.60971 ? 16  DT  A "O3'" 1 
ATOM   332 C "C2'" . DT  A 1 16 ? 0.71107   -4.76726  -14.66624 1.000 37.55497 ? 16  DT  A "C2'" 1 
ATOM   333 C "C1'" . DT  A 1 16 ? 0.64501   -4.82330  -16.18390 1.000 31.61239 ? 16  DT  A "C1'" 1 
ATOM   334 N N1    . DT  A 1 16 ? 0.32082   -6.17177  -16.71430 1.000 32.01044 ? 16  DT  A N1    1 
ATOM   335 C C2    . DT  A 1 16 ? 1.32537   -7.08619  -16.97052 1.000 33.60790 ? 16  DT  A C2    1 
ATOM   336 O O2    . DT  A 1 16 ? 2.51339   -6.84794  -16.83390 1.000 37.01537 ? 16  DT  A O2    1 
ATOM   337 N N3    . DT  A 1 16 ? 0.89434   -8.30715  -17.42428 1.000 31.56793 ? 16  DT  A N3    1 
ATOM   338 C C4    . DT  A 1 16 ? -0.40909  -8.70679  -17.63726 1.000 38.04687 ? 16  DT  A C4    1 
ATOM   339 O O4    . DT  A 1 16 ? -0.64214  -9.84053  -18.05472 1.000 44.11456 ? 16  DT  A O4    1 
ATOM   340 C C5    . DT  A 1 16 ? -1.41148  -7.71095  -17.33867 1.000 33.35986 ? 16  DT  A C5    1 
ATOM   341 C C7    . DT  A 1 16 ? -2.85369  -8.05922  -17.54251 1.000 36.10738 ? 16  DT  A C7    1 
ATOM   342 C C6    . DT  A 1 16 ? -1.00410  -6.51410  -16.89535 1.000 36.93921 ? 16  DT  A C6    1 
ATOM   343 O "O5'" . DG  B 1 1  ? 4.43322   6.93147   2.58849   1.000 28.78067 ? 1   DG  B "O5'" 1 
ATOM   344 C "C5'" . DG  B 1 1  ? 4.55417   8.20519   1.91366   1.000 30.09060 ? 1   DG  B "C5'" 1 
ATOM   345 C "C4'" . DG  B 1 1  ? 3.28027   9.00656   2.06429   1.000 33.16473 ? 1   DG  B "C4'" 1 
ATOM   346 O "O4'" . DG  B 1 1  ? 2.28934   8.51522   1.13455   1.000 28.08374 ? 1   DG  B "O4'" 1 
ATOM   347 C "C3'" . DG  B 1 1  ? 2.63353   8.97219   3.44657   1.000 30.72305 ? 1   DG  B "C3'" 1 
ATOM   348 O "O3'" . DG  B 1 1  ? 2.02067   10.22911  3.71375   1.000 34.73403 ? 1   DG  B "O3'" 1 
ATOM   349 C "C2'" . DG  B 1 1  ? 1.60144   7.86578   3.28278   1.000 28.80087 ? 1   DG  B "C2'" 1 
ATOM   350 C "C1'" . DG  B 1 1  ? 1.13927   8.09143   1.85491   1.000 30.45900 ? 1   DG  B "C1'" 1 
ATOM   351 N N9    . DG  B 1 1  ? 0.59920   6.89956   1.20423   1.000 30.00966 ? 1   DG  B N9    1 
ATOM   352 C C8    . DG  B 1 1  ? -0.72696  6.67940   0.94237   1.000 27.44780 ? 1   DG  B C8    1 
ATOM   353 N N7    . DG  B 1 1  ? -0.95526  5.52960   0.36398   1.000 27.31660 ? 1   DG  B N7    1 
ATOM   354 C C5    . DG  B 1 1  ? 0.29911   4.95570   0.23595   1.000 24.36396 ? 1   DG  B C5    1 
ATOM   355 C C6    . DG  B 1 1  ? 0.67093   3.70628   -0.31863  1.000 24.39526 ? 1   DG  B C6    1 
ATOM   356 O O6    . DG  B 1 1  ? -0.06080  2.84777   -0.81744  1.000 22.83092 ? 1   DG  B O6    1 
ATOM   357 N N1    . DG  B 1 1  ? 2.04679   3.50401   -0.24151  1.000 23.28592 ? 1   DG  B N1    1 
ATOM   358 C C2    . DG  B 1 1  ? 2.94684   4.39471   0.29016   1.000 27.66960 ? 1   DG  B C2    1 
ATOM   359 N N2    . DG  B 1 1  ? 4.23416   4.02746   0.27026   1.000 25.88296 ? 1   DG  B N2    1 
ATOM   360 N N3    . DG  B 1 1  ? 2.60215   5.56865   0.81138   1.000 25.69857 ? 1   DG  B N3    1 
ATOM   361 C C4    . DG  B 1 1  ? 1.26737   5.78434   0.75500   1.000 28.06883 ? 1   DG  B C4    1 
ATOM   362 P P     . DG  B 1 2  ? 1.55612   10.45324  5.23363   1.000 34.54425 ? 2   DG  B P     1 
ATOM   363 O OP1   . DG  B 1 2  ? 1.17196   11.89167  5.44418   1.000 38.37514 ? 2   DG  B OP1   1 
ATOM   364 O OP2   . DG  B 1 2  ? 2.55028   9.93488   6.23865   1.000 42.52738 ? 2   DG  B OP2   1 
ATOM   365 O "O5'" . DG  B 1 2  ? 0.21332   9.57782   5.38450   1.000 30.95763 ? 2   DG  B "O5'" 1 
ATOM   366 C "C5'" . DG  B 1 2  ? -0.98981  10.06092  4.75683   1.000 29.31769 ? 2   DG  B "C5'" 1 
ATOM   367 C "C4'" . DG  B 1 2  ? -2.07640  9.01911   4.83655   1.000 30.67016 ? 2   DG  B "C4'" 1 
ATOM   368 O "O4'" . DG  B 1 2  ? -1.68273  7.85769   4.07984   1.000 29.75782 ? 2   DG  B "O4'" 1 
ATOM   369 C "C3'" . DG  B 1 2  ? -2.42270  8.52752   6.24182   1.000 31.86390 ? 2   DG  B "C3'" 1 
ATOM   370 O "O3'" . DG  B 1 2  ? -3.83974  8.47864   6.34162   1.000 37.60079 ? 2   DG  B "O3'" 1 
ATOM   371 C "C2'" . DG  B 1 2  ? -1.82949  7.12523   6.27442   1.000 27.35035 ? 2   DG  B "C2'" 1 
ATOM   372 C "C1'" . DG  B 1 2  ? -2.03704  6.70651   4.83253   1.000 27.86742 ? 2   DG  B "C1'" 1 
ATOM   373 N N9    . DG  B 1 2  ? -1.22310  5.58467   4.37850   1.000 27.08030 ? 2   DG  B N9    1 
ATOM   374 C C8    . DG  B 1 2  ? 0.13059   5.39608   4.45883   1.000 28.76635 ? 2   DG  B C8    1 
ATOM   375 N N7    . DG  B 1 2  ? 0.52458   4.26463   3.93449   1.000 27.70798 ? 2   DG  B N7    1 
ATOM   376 C C5    . DG  B 1 2  ? -0.64418  3.66763   3.48653   1.000 26.13615 ? 2   DG  B C5    1 
ATOM   377 C C6    . DG  B 1 2  ? -0.84766  2.42594   2.83498   1.000 23.21904 ? 2   DG  B C6    1 
ATOM   378 O O6    . DG  B 1 2  ? -0.00391  1.58554   2.51656   1.000 20.02844 ? 2   DG  B O6    1 
ATOM   379 N N1    . DG  B 1 2  ? -2.19681  2.21272   2.55800   1.000 28.97603 ? 2   DG  B N1    1 
ATOM   380 C C2    . DG  B 1 2  ? -3.21547  3.08292   2.86340   1.000 26.15100 ? 2   DG  B C2    1 
ATOM   381 N N2    . DG  B 1 2  ? -4.45478  2.71397   2.51801   1.000 25.72185 ? 2   DG  B N2    1 
ATOM   382 N N3    . DG  B 1 2  ? -3.02788  4.24765   3.47079   1.000 24.54830 ? 2   DG  B N3    1 
ATOM   383 C C4    . DG  B 1 2  ? -1.72626  4.47335   3.75162   1.000 25.99970 ? 2   DG  B C4    1 
ATOM   384 P P     . DG  B 1 3  ? -4.38953  8.50661   7.84536   1.000 34.64897 ? 3   DG  B P     1 
ATOM   385 O OP1   . DG  B 1 3  ? -5.18136  9.75546   8.09764   1.000 36.31659 ? 3   DG  B OP1   1 
ATOM   386 O OP2   . DG  B 1 3  ? -3.31889  8.23669   8.86985   1.000 37.66402 ? 3   DG  B OP2   1 
ATOM   387 O "O5'" . DG  B 1 3  ? -5.40425  7.26326   7.85723   1.000 37.05011 ? 3   DG  B "O5'" 1 
ATOM   388 C "C5'" . DG  B 1 3  ? -6.61428  7.34848   7.06674   1.000 42.64284 ? 3   DG  B "C5'" 1 
ATOM   389 C "C4'" . DG  B 1 3  ? -7.18036  5.96893   6.82862   1.000 40.53862 ? 3   DG  B "C4'" 1 
ATOM   390 O "O4'" . DG  B 1 3  ? -6.20618  5.17040   6.12543   1.000 34.71880 ? 3   DG  B "O4'" 1 
ATOM   391 C "C3'" . DG  B 1 3  ? -7.56776  5.19036   8.09068   1.000 36.46396 ? 3   DG  B "C3'" 1 
ATOM   392 O "O3'" . DG  B 1 3  ? -8.91550  4.74450   8.00152   1.000 36.83006 ? 3   DG  B "O3'" 1 
ATOM   393 C "C2'" . DG  B 1 3  ? -6.61921  3.99719   8.09289   1.000 34.95314 ? 3   DG  B "C2'" 1 
ATOM   394 C "C1'" . DG  B 1 3  ? -6.28123  3.84448   6.62433   1.000 33.70449 ? 3   DG  B "C1'" 1 
ATOM   395 N N9    . DG  B 1 3  ? -4.99579  3.19874   6.40397   1.000 30.51501 ? 3   DG  B N9    1 
ATOM   396 C C8    . DG  B 1 3  ? -3.76038  3.68091   6.74682   1.000 32.39521 ? 3   DG  B C8    1 
ATOM   397 N N7    . DG  B 1 3  ? -2.78873  2.86432   6.43661   1.000 29.89844 ? 3   DG  B N7    1 
ATOM   398 C C5    . DG  B 1 3  ? -3.42610  1.77356   5.86765   1.000 27.93211 ? 3   DG  B C5    1 
ATOM   399 C C6    . DG  B 1 3  ? -2.87893  0.58422   5.33804   1.000 27.45491 ? 3   DG  B C6    1 
ATOM   400 O O6    . DG  B 1 3  ? -1.68882  0.25355   5.28428   1.000 24.41786 ? 3   DG  B O6    1 
ATOM   401 N N1    . DG  B 1 3  ? -3.87784  -0.25584  4.84909   1.000 26.10550 ? 3   DG  B N1    1 
ATOM   402 C C2    . DG  B 1 3  ? -5.22524  0.01526   4.87122   1.000 30.77496 ? 3   DG  B C2    1 
ATOM   403 N N2    . DG  B 1 3  ? -6.03978  -0.91859  4.36875   1.000 28.45855 ? 3   DG  B N2    1 
ATOM   404 N N3    . DG  B 1 3  ? -5.74208  1.13601   5.36796   1.000 27.88234 ? 3   DG  B N3    1 
ATOM   405 C C4    . DG  B 1 3  ? -4.78639  1.96460   5.84498   1.000 26.61581 ? 3   DG  B C4    1 
ATOM   406 P P     . DG  B 1 4  ? -9.48421  4.17921   9.39056   1.000 47.55068 ? 4   DG  B P     1 
ATOM   407 O OP1   . DG  B 1 4  ? -10.80306 4.85085   9.70152   1.000 42.52945 ? 4   DG  B OP1   1 
ATOM   408 O OP2   . DG  B 1 4  ? -8.48156  4.21332   10.51760  1.000 40.56163 ? 4   DG  B OP2   1 
ATOM   409 O "O5'" . DG  B 1 4  ? -9.77464  2.63149   9.09395   1.000 33.70693 ? 4   DG  B "O5'" 1 
ATOM   410 C "C5'" . DG  B 1 4  ? -10.72661 2.29532   8.06283   1.000 40.23247 ? 4   DG  B "C5'" 1 
ATOM   411 C "C4'" . DG  B 1 4  ? -10.70350 0.80774   7.82984   1.000 36.08932 ? 4   DG  B "C4'" 1 
ATOM   412 O "O4'" . DG  B 1 4  ? -9.38451  0.42490   7.39431   1.000 34.48783 ? 4   DG  B "O4'" 1 
ATOM   413 C "C3'" . DG  B 1 4  ? -11.01464 -0.03395  9.06420   1.000 33.44861 ? 4   DG  B "C3'" 1 
ATOM   414 O "O3'" . DG  B 1 4  ? -11.73133 -1.20278  8.69179   1.000 41.44903 ? 4   DG  B "O3'" 1 
ATOM   415 C "C2'" . DG  B 1 4  ? -9.62416  -0.41021  9.55540   1.000 33.66579 ? 4   DG  B "C2'" 1 
ATOM   416 C "C1'" . DG  B 1 4  ? -8.90813  -0.62101  8.23470   1.000 35.69826 ? 4   DG  B "C1'" 1 
ATOM   417 N N9    . DG  B 1 4  ? -7.45139  -0.53247  8.29391   1.000 28.53713 ? 4   DG  B N9    1 
ATOM   418 C C8    . DG  B 1 4  ? -6.69089  0.47885   8.82011   1.000 32.28446 ? 4   DG  B C8    1 
ATOM   419 N N7    . DG  B 1 4  ? -5.40391  0.26385   8.71271   1.000 29.57020 ? 4   DG  B N7    1 
ATOM   420 C C5    . DG  B 1 4  ? -5.31218  -0.96350  8.07651   1.000 27.76209 ? 4   DG  B C5    1 
ATOM   421 C C6    . DG  B 1 4  ? -4.16955  -1.70357  7.69197   1.000 26.83066 ? 4   DG  B C6    1 
ATOM   422 O O6    . DG  B 1 4  ? -2.98238  -1.40554  7.85018   1.000 26.07218 ? 4   DG  B O6    1 
ATOM   423 N N1    . DG  B 1 4  ? -4.52156  -2.89883  7.06840   1.000 27.24217 ? 4   DG  B N1    1 
ATOM   424 C C2    . DG  B 1 4  ? -5.80930  -3.32285  6.84518   1.000 30.61945 ? 4   DG  B C2    1 
ATOM   425 N N2    . DG  B 1 4  ? -5.95596  -4.50180  6.23002   1.000 26.04636 ? 4   DG  B N2    1 
ATOM   426 N N3    . DG  B 1 4  ? -6.88686  -2.62960  7.20674   1.000 25.55926 ? 4   DG  B N3    1 
ATOM   427 C C4    . DG  B 1 4  ? -6.56487  -1.46517  7.81291   1.000 25.82921 ? 4   DG  B C4    1 
ATOM   428 P P     . DT  B 1 5  ? -13.27361 -0.92769  8.35194   1.000 35.57527 ? 5   DT  B P     1 
ATOM   429 O OP1   . DT  B 1 5  ? -13.83859 0.19436   9.17218   1.000 32.64387 ? 5   DT  B OP1   1 
ATOM   430 O OP2   . DT  B 1 5  ? -14.04491 -2.21700  8.44940   1.000 37.90751 ? 5   DT  B OP2   1 
ATOM   431 O "O5'" . DT  B 1 5  ? -13.27994 -0.47604  6.81041   1.000 28.27318 ? 5   DT  B "O5'" 1 
ATOM   432 C "C5'" . DT  B 1 5  ? -12.72212 -1.37561  5.82774   1.000 33.84913 ? 5   DT  B "C5'" 1 
ATOM   433 C "C4'" . DT  B 1 5  ? -13.11663 -0.93950  4.43801   1.000 40.00800 ? 5   DT  B "C4'" 1 
ATOM   434 O "O4'" . DT  B 1 5  ? -14.52701 -1.17774  4.23536   1.000 36.28983 ? 5   DT  B "O4'" 1 
ATOM   435 C "C3'" . DT  B 1 5  ? -12.87869 0.53395   4.11755   1.000 39.03321 ? 5   DT  B "C3'" 1 
ATOM   436 O "O3'" . DT  B 1 5  ? -12.48478 0.66921   2.75686   1.000 39.58242 ? 5   DT  B "O3'" 1 
ATOM   437 C "C2'" . DT  B 1 5  ? -14.24489 1.16432   4.33405   1.000 35.79558 ? 5   DT  B "C2'" 1 
ATOM   438 C "C1'" . DT  B 1 5  ? -15.19856 0.04218   3.95662   1.000 35.86034 ? 5   DT  B "C1'" 1 
ATOM   439 N N1    . DT  B 1 5  ? -16.45194 0.03124   4.73139   1.000 36.40800 ? 5   DT  B N1    1 
ATOM   440 C C2    . DT  B 1 5  ? -17.58453 0.56344   4.15495   1.000 36.71175 ? 5   DT  B C2    1 
ATOM   441 O O2    . DT  B 1 5  ? -17.59553 1.04973   3.03584   1.000 35.54249 ? 5   DT  B O2    1 
ATOM   442 N N3    . DT  B 1 5  ? -18.70710 0.51217   4.93777   1.000 36.32876 ? 5   DT  B N3    1 
ATOM   443 C C4    . DT  B 1 5  ? -18.80966 -0.01251  6.20986   1.000 35.20610 ? 5   DT  B C4    1 
ATOM   444 O O4    . DT  B 1 5  ? -19.89078 0.00857   6.79101   1.000 31.18861 ? 5   DT  B O4    1 
ATOM   445 C C5    . DT  B 1 5  ? -17.58828 -0.55514  6.75367   1.000 33.53251 ? 5   DT  B C5    1 
ATOM   446 C C7    . DT  B 1 5  ? -17.61658 -1.13966  8.13504   1.000 32.44454 ? 5   DT  B C7    1 
ATOM   447 C C6    . DT  B 1 5  ? -16.48268 -0.51168  5.99778   1.000 34.89957 ? 5   DT  B C6    1 
ATOM   448 P P     . DG  B 1 6  ? -11.20045 1.61582   2.58569   1.000 37.65973 ? 6   DG  B P     1 
ATOM   449 O OP1   . DG  B 1 6  ? -10.41018 1.77696   3.85398   1.000 31.43997 ? 6   DG  B OP1   1 
ATOM   450 O OP2   . DG  B 1 6  ? -11.57211 2.90430   1.91479   1.000 35.84635 ? 6   DG  B OP2   1 
ATOM   451 O "O5'" . DG  B 1 6  ? -10.32257 0.76356   1.56145   1.000 26.97208 ? 6   DG  B "O5'" 1 
ATOM   452 C "C5'" . DG  B 1 6  ? -10.98648 0.27499   0.38283   1.000 30.88723 ? 6   DG  B "C5'" 1 
ATOM   453 C "C4'" . DG  B 1 6  ? -10.39643 -1.05158  -0.01110  1.000 31.21977 ? 6   DG  B "C4'" 1 
ATOM   454 O "O4'" . DG  B 1 6  ? -9.03884  -0.83727  -0.44831  1.000 33.42830 ? 6   DG  B "O4'" 1 
ATOM   455 C "C3'" . DG  B 1 6  ? -10.36066 -2.10086  1.09728   1.000 30.50891 ? 6   DG  B "C3'" 1 
ATOM   456 O "O3'" . DG  B 1 6  ? -10.83026 -3.32651  0.56064   1.000 34.81267 ? 6   DG  B "O3'" 1 
ATOM   457 C "C2'" . DG  B 1 6  ? -8.88722  -2.19306  1.46990   1.000 30.17586 ? 6   DG  B "C2'" 1 
ATOM   458 C "C1'" . DG  B 1 6  ? -8.17842  -1.75992  0.20032   1.000 30.22592 ? 6   DG  B "C1'" 1 
ATOM   459 N N9    . DG  B 1 6  ? -6.92504  -1.07840  0.48174   1.000 29.78653 ? 6   DG  B N9    1 
ATOM   460 C C8    . DG  B 1 6  ? -6.76116  0.18655   0.98191   1.000 27.75163 ? 6   DG  B C8    1 
ATOM   461 N N7    . DG  B 1 6  ? -5.50596  0.50309   1.16452   1.000 27.24891 ? 6   DG  B N7    1 
ATOM   462 C C5    . DG  B 1 6  ? -4.80589  -0.62795  0.77490   1.000 24.89020 ? 6   DG  B C5    1 
ATOM   463 C C6    . DG  B 1 6  ? -3.41414  -0.87255  0.75994   1.000 22.78050 ? 6   DG  B C6    1 
ATOM   464 O O6    . DG  B 1 6  ? -2.50599  -0.10967  1.09988   1.000 18.88871 ? 6   DG  B O6    1 
ATOM   465 N N1    . DG  B 1 6  ? -3.12911  -2.15019  0.28130   1.000 21.52322 ? 6   DG  B N1    1 
ATOM   466 C C2    . DG  B 1 6  ? -4.06142  -3.07664  -0.11577  1.000 24.65401 ? 6   DG  B C2    1 
ATOM   467 N N2    . DG  B 1 6  ? -3.59639  -4.25679  -0.53420  1.000 22.20439 ? 6   DG  B N2    1 
ATOM   468 N N3    . DG  B 1 6  ? -5.37248  -2.85368  -0.09829  1.000 24.88416 ? 6   DG  B N3    1 
ATOM   469 C C4    . DG  B 1 6  ? -5.66870  -1.61338  0.35633   1.000 26.43936 ? 6   DG  B C4    1 
ATOM   470 P P     . DG  B 1 7  ? -10.94003 -4.47916  1.66682   1.000 40.05407 ? 7   DG  B P     1 
ATOM   471 O OP1   . DG  B 1 7  ? -12.08449 -5.38228  1.30720   1.000 40.63035 ? 7   DG  B OP1   1 
ATOM   472 O OP2   . DG  B 1 7  ? -10.96839 -3.95145  3.08119   1.000 31.01621 ? 7   DG  B OP2   1 
ATOM   473 O "O5'" . DG  B 1 7  ? -9.58929  -5.31919  1.45247   1.000 28.92577 ? 7   DG  B "O5'" 1 
ATOM   474 C "C5'" . DG  B 1 7  ? -9.46347  -6.09487  0.24366   1.000 29.58739 ? 7   DG  B "C5'" 1 
ATOM   475 C "C4'" . DG  B 1 7  ? -8.30954  -7.06090  0.35301   1.000 28.38618 ? 7   DG  B "C4'" 1 
ATOM   476 O "O4'" . DG  B 1 7  ? -7.07790  -6.32699  0.50789   1.000 32.52532 ? 7   DG  B "O4'" 1 
ATOM   477 C "C3'" . DG  B 1 7  ? -8.37873  -8.04549  1.51553   1.000 31.11538 ? 7   DG  B "C3'" 1 
ATOM   478 O "O3'" . DG  B 1 7  ? -7.86829  -9.27516  1.02404   1.000 30.58049 ? 7   DG  B "O3'" 1 
ATOM   479 C "C2'" . DG  B 1 7  ? -7.46684  -7.41302  2.55904   1.000 31.08976 ? 7   DG  B "C2'" 1 
ATOM   480 C "C1'" . DG  B 1 7  ? -6.41668  -6.73604  1.69841   1.000 29.24880 ? 7   DG  B "C1'" 1 
ATOM   481 N N9    . DG  B 1 7  ? -5.82363  -5.54103  2.28558   1.000 29.43170 ? 7   DG  B N9    1 
ATOM   482 C C8    . DG  B 1 7  ? -6.42654  -4.37000  2.66835   1.000 30.33661 ? 7   DG  B C8    1 
ATOM   483 N N7    . DG  B 1 7  ? -5.58152  -3.48567  3.13410   1.000 27.08095 ? 7   DG  B N7    1 
ATOM   484 C C5    . DG  B 1 7  ? -4.34773  -4.11141  3.04120   1.000 25.76817 ? 7   DG  B C5    1 
ATOM   485 C C6    . DG  B 1 7  ? -3.05864  -3.64410  3.39412   1.000 26.21362 ? 7   DG  B C6    1 
ATOM   486 O O6    . DG  B 1 7  ? -2.75240  -2.55164  3.88052   1.000 24.07907 ? 7   DG  B O6    1 
ATOM   487 N N1    . DG  B 1 7  ? -2.08123  -4.60461  3.13285   1.000 26.08880 ? 7   DG  B N1    1 
ATOM   488 C C2    . DG  B 1 7  ? -2.31721  -5.84985  2.60304   1.000 26.17256 ? 7   DG  B C2    1 
ATOM   489 N N2    . DG  B 1 7  ? -1.25864  -6.64487  2.41865   1.000 24.99564 ? 7   DG  B N2    1 
ATOM   490 N N3    . DG  B 1 7  ? -3.52324  -6.29206  2.26952   1.000 24.61506 ? 7   DG  B N3    1 
ATOM   491 C C4    . DG  B 1 7  ? -4.48350  -5.37389  2.51252   1.000 27.11951 ? 7   DG  B C4    1 
ATOM   492 P P     . DG  B 1 8  ? -7.83475  -10.46592 2.09051   1.000 28.06808 ? 8   DG  B P     1 
ATOM   493 O OP1   . DG  B 1 8  ? -8.11927  -11.76658 1.40340   1.000 30.58504 ? 8   DG  B OP1   1 
ATOM   494 O OP2   . DG  B 1 8  ? -8.69751  -10.19971 3.28414   1.000 34.48792 ? 8   DG  B OP2   1 
ATOM   495 O "O5'" . DG  B 1 8  ? -6.30693  -10.48327 2.57397   1.000 32.42456 ? 8   DG  B "O5'" 1 
ATOM   496 C "C5'" . DG  B 1 8  ? -5.30069  -11.04033 1.69155   1.000 32.32203 ? 8   DG  B "C5'" 1 
ATOM   497 C "C4'" . DG  B 1 8  ? -3.99544  -11.19099 2.43264   1.000 29.45140 ? 8   DG  B "C4'" 1 
ATOM   498 O "O4'" . DG  B 1 8  ? -3.52943  -9.88742  2.83429   1.000 28.91737 ? 8   DG  B "O4'" 1 
ATOM   499 C "C3'" . DG  B 1 8  ? -4.06702  -12.02794 3.71116   1.000 34.03130 ? 8   DG  B "C3'" 1 
ATOM   500 O "O3'" . DG  B 1 8  ? -2.86067  -12.75351 3.89723   1.000 36.10199 ? 8   DG  B "O3'" 1 
ATOM   501 C "C2'" . DG  B 1 8  ? -4.17985  -10.96280 4.79007   1.000 27.80711 ? 8   DG  B "C2'" 1 
ATOM   502 C "C1'" . DG  B 1 8  ? -3.23055  -9.92922  4.22380   1.000 29.86833 ? 8   DG  B "C1'" 1 
ATOM   503 N N9    . DG  B 1 8  ? -3.38401  -8.58763  4.76902   1.000 28.22642 ? 8   DG  B N9    1 
ATOM   504 C C8    . DG  B 1 8  ? -4.51323  -7.82057  4.89327   1.000 29.12571 ? 8   DG  B C8    1 
ATOM   505 N N7    . DG  B 1 8  ? -4.27616  -6.64636  5.41958   1.000 27.82123 ? 8   DG  B N7    1 
ATOM   506 C C5    . DG  B 1 8  ? -2.91101  -6.64729  5.65847   1.000 24.70863 ? 8   DG  B C5    1 
ATOM   507 C C6    . DG  B 1 8  ? -2.08396  -5.64348  6.21367   1.000 25.52290 ? 8   DG  B C6    1 
ATOM   508 O O6    . DG  B 1 8  ? -2.41786  -4.52847  6.62382   1.000 23.13066 ? 8   DG  B O6    1 
ATOM   509 N N1    . DG  B 1 8  ? -0.75139  -6.05119  6.26806   1.000 28.04185 ? 8   DG  B N1    1 
ATOM   510 C C2    . DG  B 1 8  ? -0.27728  -7.26962  5.84749   1.000 27.85657 ? 8   DG  B C2    1 
ATOM   511 N N2    . DG  B 1 8  ? 1.03670   -7.49068  5.98276   1.000 25.10052 ? 8   DG  B N2    1 
ATOM   512 N N3    . DG  B 1 8  ? -1.05221  -8.21549  5.32498   1.000 29.11920 ? 8   DG  B N3    1 
ATOM   513 C C4    . DG  B 1 8  ? -2.34896  -7.83481  5.26000   1.000 26.68243 ? 8   DG  B C4    1 
ATOM   514 P P     . DA  B 1 9  ? -2.87833  -14.16898 3.14790   1.000 36.18346 ? 9   DA  B P     1 
ATOM   515 O OP1   . DA  B 1 9  ? -4.15619  -14.41529 2.39587   1.000 33.52553 ? 9   DA  B OP1   1 
ATOM   516 O OP2   . DA  B 1 9  ? -2.47971  -15.26286 4.09753   1.000 36.44446 ? 9   DA  B OP2   1 
ATOM   517 O "O5'" . DA  B 1 9  ? -1.70856  -14.01826 2.06656   1.000 36.46435 ? 9   DA  B "O5'" 1 
ATOM   518 C "C5'" . DA  B 1 9  ? -0.58946  -13.17188 2.39001   1.000 32.49523 ? 9   DA  B "C5'" 1 
ATOM   519 C "C4'" . DA  B 1 9  ? 0.55946   -13.47579 1.46331   1.000 37.55604 ? 9   DA  B "C4'" 1 
ATOM   520 O "O4'" . DA  B 1 9  ? 0.15347   -13.25076 0.09844   1.000 36.28386 ? 9   DA  B "O4'" 1 
ATOM   521 C "C3'" . DA  B 1 9  ? 1.78350   -12.59978 1.71125   1.000 34.55617 ? 9   DA  B "C3'" 1 
ATOM   522 O "O3'" . DA  B 1 9  ? 2.86168   -13.41366 2.15485   1.000 39.71690 ? 9   DA  B "O3'" 1 
ATOM   523 C "C2'" . DA  B 1 9  ? 2.06355   -11.94368 0.36012   1.000 29.47353 ? 9   DA  B "C2'" 1 
ATOM   524 C "C1'" . DA  B 1 9  ? 0.72347   -12.02550 -0.34530  1.000 31.88366 ? 9   DA  B "C1'" 1 
ATOM   525 N N9    . DA  B 1 9  ? -0.21183  -10.95207 -0.02294  1.000 29.23931 ? 9   DA  B N9    1 
ATOM   526 C C8    . DA  B 1 9  ? -0.20967  -10.10474 1.05428   1.000 30.74766 ? 9   DA  B C8    1 
ATOM   527 N N7    . DA  B 1 9  ? -1.20188  -9.25435  1.05027   1.000 31.29150 ? 9   DA  B N7    1 
ATOM   528 C C5    . DA  B 1 9  ? -1.90716  -9.55280  -0.10293  1.000 27.75706 ? 9   DA  B C5    1 
ATOM   529 C C6    . DA  B 1 9  ? -3.06702  -8.99879  -0.67374  1.000 29.56671 ? 9   DA  B C6    1 
ATOM   530 N N6    . DA  B 1 9  ? -3.74863  -7.98727  -0.14247  1.000 28.31560 ? 9   DA  B N6    1 
ATOM   531 N N1    . DA  B 1 9  ? -3.50297  -9.53695  -1.83343  1.000 30.38536 ? 9   DA  B N1    1 
ATOM   532 C C2    . DA  B 1 9  ? -2.81512  -10.55164 -2.36692  1.000 29.61217 ? 9   DA  B C2    1 
ATOM   533 N N3    . DA  B 1 9  ? -1.71614  -11.14802 -1.92569  1.000 29.28076 ? 9   DA  B N3    1 
ATOM   534 C C4    . DA  B 1 9  ? -1.30463  -10.59694 -0.77622  1.000 29.67636 ? 9   DA  B C4    1 
ATOM   535 P P     . DG  B 1 10 ? 3.20866   -12.95610 3.65103   1.000 40.85251 ? 10  DG  B P     1 
ATOM   536 O OP1   . DG  B 1 10 ? 4.36842   -13.72523 4.22094   1.000 40.77396 ? 10  DG  B OP1   1 
ATOM   537 O OP2   . DG  B 1 10 ? 1.98783   -12.92138 4.52641   1.000 35.60083 ? 10  DG  B OP2   1 
ATOM   538 O "O5'" . DG  B 1 10 ? 3.67926   -11.43788 3.46698   1.000 36.39557 ? 10  DG  B "O5'" 1 
ATOM   539 C "C5'" . DG  B 1 10 ? 4.94801   -11.18316 2.83564   1.000 36.02516 ? 10  DG  B "C5'" 1 
ATOM   540 C "C4'" . DG  B 1 10 ? 5.43926   -9.81846  3.24524   1.000 33.68976 ? 10  DG  B "C4'" 1 
ATOM   541 O "O4'" . DG  B 1 10 ? 4.56697   -8.82459  2.68848   1.000 26.78924 ? 10  DG  B "O4'" 1 
ATOM   542 C "C3'" . DG  B 1 10 ? 5.42045   -9.54331  4.74340   1.000 33.54666 ? 10  DG  B "C3'" 1 
ATOM   543 O "O3'" . DG  B 1 10 ? 6.65715   -9.92993  5.33302   1.000 36.60003 ? 10  DG  B "O3'" 1 
ATOM   544 C "C2'" . DG  B 1 10 ? 5.22162   -8.02998  4.81694   1.000 31.55356 ? 10  DG  B "C2'" 1 
ATOM   545 C "C1'" . DG  B 1 10 ? 4.78652   -7.62441  3.41345   1.000 29.86137 ? 10  DG  B "C1'" 1 
ATOM   546 N N9    . DG  B 1 10 ? 3.55322   -6.85086  3.37353   1.000 28.90023 ? 10  DG  B N9    1 
ATOM   547 C C8    . DG  B 1 10 ? 2.33210   -7.27903  2.92208   1.000 29.33371 ? 10  DG  B C8    1 
ATOM   548 N N7    . DG  B 1 10 ? 1.40538   -6.36183  3.00409   1.000 23.10460 ? 10  DG  B N7    1 
ATOM   549 C C5    . DG  B 1 10 ? 2.05692   -5.26614  3.54372   1.000 23.21201 ? 10  DG  B C5    1 
ATOM   550 C C6    . DG  B 1 10 ? 1.55587   -3.98030  3.85031   1.000 24.33119 ? 10  DG  B C6    1 
ATOM   551 O O6    . DG  B 1 10 ? 0.40095   -3.56822  3.71375   1.000 26.14458 ? 10  DG  B O6    1 
ATOM   552 N N1    . DG  B 1 10 ? 2.55016   -3.15860  4.37681   1.000 25.12524 ? 10  DG  B N1    1 
ATOM   553 C C2    . DG  B 1 10 ? 3.85861   -3.52741  4.57664   1.000 30.48038 ? 10  DG  B C2    1 
ATOM   554 N N2    . DG  B 1 10 ? 4.67220   -2.60279  5.09908   1.000 25.74349 ? 10  DG  B N2    1 
ATOM   555 N N3    . DG  B 1 10 ? 4.33353   -4.73760  4.28841   1.000 27.51229 ? 10  DG  B N3    1 
ATOM   556 C C4    . DG  B 1 10 ? 3.38113   -5.54982  3.77566   1.000 26.49756 ? 10  DG  B C4    1 
ATOM   557 P P     . DG  B 1 11 ? 6.51672   -10.12133 6.92080   1.000 38.42923 ? 11  DG  B P     1 
ATOM   558 O OP1   . DG  B 1 11 ? 7.52695   -11.10808 7.43652   1.000 40.58387 ? 11  DG  B OP1   1 
ATOM   559 O OP2   . DG  B 1 11 ? 5.09962   -10.42847 7.33410   1.000 36.92691 ? 11  DG  B OP2   1 
ATOM   560 O "O5'" . DG  B 1 11 ? 6.89076   -8.67419  7.51119   1.000 29.68982 ? 11  DG  B "O5'" 1 
ATOM   561 C "C5'" . DG  B 1 11 ? 8.20286   -8.12453  7.25044   1.000 33.51565 ? 11  DG  B "C5'" 1 
ATOM   562 C "C4'" . DG  B 1 11 ? 8.40574   -6.85465  8.04241   1.000 31.65544 ? 11  DG  B "C4'" 1 
ATOM   563 O "O4'" . DG  B 1 11 ? 7.35494   -5.92125  7.72661   1.000 29.14943 ? 11  DG  B "O4'" 1 
ATOM   564 C "C3'" . DG  B 1 11 ? 8.35319   -7.01087  9.55547   1.000 32.55025 ? 11  DG  B "C3'" 1 
ATOM   565 O "O3'" . DG  B 1 11 ? 9.02168   -5.92281  10.17800  1.000 36.83679 ? 11  DG  B "O3'" 1 
ATOM   566 C "C2'" . DG  B 1 11 ? 6.85721   -6.89108  9.80562   1.000 34.86274 ? 11  DG  B "C2'" 1 
ATOM   567 C "C1'" . DG  B 1 11 ? 6.52035   -5.74531  8.86772   1.000 32.59055 ? 11  DG  B "C1'" 1 
ATOM   568 N N9    . DG  B 1 11 ? 5.14240   -5.69989  8.39545   1.000 26.89203 ? 11  DG  B N9    1 
ATOM   569 C C8    . DG  B 1 11 ? 4.39470   -6.69291  7.81564   1.000 30.85977 ? 11  DG  B C8    1 
ATOM   570 N N7    . DG  B 1 11 ? 3.19552   -6.29767  7.46922   1.000 28.81683 ? 11  DG  B N7    1 
ATOM   571 C C5    . DG  B 1 11 ? 3.15547   -4.95940  7.83685   1.000 28.62433 ? 11  DG  B C5    1 
ATOM   572 C C6    . DG  B 1 11 ? 2.11232   -4.01070  7.70987   1.000 24.63855 ? 11  DG  B C6    1 
ATOM   573 O O6    . DG  B 1 11 ? 0.98487   -4.17543  7.23594   1.000 23.48694 ? 11  DG  B O6    1 
ATOM   574 N N1    . DG  B 1 11 ? 2.49374   -2.76572  8.20867   1.000 27.97728 ? 11  DG  B N1    1 
ATOM   575 C C2    . DG  B 1 11 ? 3.71555   -2.47501  8.76392   1.000 28.25160 ? 11  DG  B C2    1 
ATOM   576 N N2    . DG  B 1 11 ? 3.90034   -1.21974  9.18811   1.000 25.06628 ? 11  DG  B N2    1 
ATOM   577 N N3    . DG  B 1 11 ? 4.70026   -3.36369  8.88262   1.000 22.82745 ? 11  DG  B N3    1 
ATOM   578 C C4    . DG  B 1 11 ? 4.35067   -4.57891  8.40246   1.000 26.55063 ? 11  DG  B C4    1 
ATOM   579 P P     . DT  B 1 12 ? 10.62351  -5.94615  10.09721  1.000 37.84428 ? 12  DT  B P     1 
ATOM   580 O OP1   . DT  B 1 12 ? 11.18214  -7.34219  10.04251  1.000 36.27089 ? 12  DT  B OP1   1 
ATOM   581 O OP2   . DT  B 1 12 ? 11.19375  -5.08220  11.18792  1.000 34.25188 ? 12  DT  B OP2   1 
ATOM   582 O "O5'" . DT  B 1 12 ? 10.95566  -5.22813  8.70415   1.000 38.49690 ? 12  DT  B "O5'" 1 
ATOM   583 C "C5'" . DT  B 1 12 ? 10.44657  -3.89902  8.47632   1.000 35.13871 ? 12  DT  B "C5'" 1 
ATOM   584 C "C4'" . DT  B 1 12 ? 11.21123  -3.25241  7.34926   1.000 38.48190 ? 12  DT  B "C4'" 1 
ATOM   585 O "O4'" . DT  B 1 12 ? 12.60226  -3.11476  7.71693   1.000 33.12990 ? 12  DT  B "O4'" 1 
ATOM   586 C "C3'" . DT  B 1 12 ? 11.18635  -4.01782  6.03163   1.000 36.03654 ? 12  DT  B "C3'" 1 
ATOM   587 O "O3'" . DT  B 1 12 ? 11.15029  -3.08902  4.95544   1.000 37.94043 ? 12  DT  B "O3'" 1 
ATOM   588 C "C2'" . DT  B 1 12 ? 12.49946  -4.78674  6.05703   1.000 35.84937 ? 12  DT  B "C2'" 1 
ATOM   589 C "C1'" . DT  B 1 12 ? 13.42451  -3.85086  6.82147   1.000 34.89261 ? 12  DT  B "C1'" 1 
ATOM   590 N N1    . DT  B 1 12 ? 14.44507  -4.52873  7.64095   1.000 38.71146 ? 12  DT  B N1    1 
ATOM   591 C C2    . DT  B 1 12 ? 15.71290  -4.69470  7.12180   1.000 43.23745 ? 12  DT  B C2    1 
ATOM   592 O O2    . DT  B 1 12 ? 16.02910  -4.32198  6.00303   1.000 35.77512 ? 12  DT  B O2    1 
ATOM   593 N N3    . DT  B 1 12 ? 16.59947  -5.32449  7.95911   1.000 40.47065 ? 12  DT  B N3    1 
ATOM   594 C C4    . DT  B 1 12 ? 16.35000  -5.78149  9.23739   1.000 38.44982 ? 12  DT  B C4    1 
ATOM   595 O O4    . DT  B 1 12 ? 17.24230  -6.32884  9.87845   1.000 43.55655 ? 12  DT  B O4    1 
ATOM   596 C C5    . DT  B 1 12 ? 15.00794  -5.56763  9.71980   1.000 36.76746 ? 12  DT  B C5    1 
ATOM   597 C C7    . DT  B 1 12 ? 14.65941  -6.03782  11.10177  1.000 34.22517 ? 12  DT  B C7    1 
ATOM   598 C C6    . DT  B 1 12 ? 14.13204  -4.95757  8.91098   1.000 37.40331 ? 12  DT  B C6    1 
ATOM   599 P P     . DG  B 1 13 ? 10.26513  -3.64402  3.73861   1.000 32.80987 ? 13  DG  B P     1 
ATOM   600 O OP1   . DG  B 1 13 ? 9.08073   -4.44660  4.20387   1.000 26.07829 ? 13  DG  B OP1   1 
ATOM   601 O OP2   . DG  B 1 13 ? 11.12556  -4.33570  2.71950   1.000 27.08793 ? 13  DG  B OP2   1 
ATOM   602 O "O5'" . DG  B 1 13 ? 9.72854   -2.28658  3.09572   1.000 30.51740 ? 13  DG  B "O5'" 1 
ATOM   603 C "C5'" . DG  B 1 13 ? 10.64385  -1.17812  3.00784   1.000 31.21072 ? 13  DG  B "C5'" 1 
ATOM   604 C "C4'" . DG  B 1 13 ? 9.92798   0.08230   3.41262   1.000 30.89104 ? 13  DG  B "C4'" 1 
ATOM   605 O "O4'" . DG  B 1 13 ? 8.72783   0.18922   2.62162   1.000 35.41795 ? 13  DG  B "O4'" 1 
ATOM   606 C "C3'" . DG  B 1 13 ? 9.51057   0.13147   4.88278   1.000 28.59399 ? 13  DG  B "C3'" 1 
ATOM   607 O "O3'" . DG  B 1 13 ? 9.88929   1.37449   5.46191   1.000 33.79701 ? 13  DG  B "O3'" 1 
ATOM   608 C "C2'" . DG  B 1 13 ? 7.99411   -0.01332  4.83325   1.000 29.24306 ? 13  DG  B "C2'" 1 
ATOM   609 C "C1'" . DG  B 1 13 ? 7.64089   0.53525   3.46517   1.000 31.46406 ? 13  DG  B "C1'" 1 
ATOM   610 N N9    . DG  B 1 13 ? 6.43235   -0.06313  2.91402   1.000 28.70868 ? 13  DG  B N9    1 
ATOM   611 C C8    . DG  B 1 13 ? 6.29458   -1.29473  2.32481   1.000 27.55415 ? 13  DG  B C8    1 
ATOM   612 N N7    . DG  B 1 13 ? 5.06502   -1.55772  1.96349   1.000 27.19519 ? 13  DG  B N7    1 
ATOM   613 C C5    . DG  B 1 13 ? 4.34654   -0.43609  2.35258   1.000 27.64918 ? 13  DG  B C5    1 
ATOM   614 C C6    . DG  B 1 13 ? 2.96516   -0.14793  2.22503   1.000 22.95947 ? 13  DG  B C6    1 
ATOM   615 O O6    . DG  B 1 13 ? 2.08266   -0.84848  1.72361   1.000 18.70553 ? 13  DG  B O6    1 
ATOM   616 N N1    . DG  B 1 13 ? 2.65662   1.10790   2.74574   1.000 24.15913 ? 13  DG  B N1    1 
ATOM   617 C C2    . DG  B 1 13 ? 3.55796   1.96898   3.32071   1.000 26.31953 ? 13  DG  B C2    1 
ATOM   618 N N2    . DG  B 1 13 ? 3.07798   3.13217   3.77130   1.000 26.00011 ? 13  DG  B N2    1 
ATOM   619 N N3    . DG  B 1 13 ? 4.85409   1.70056   3.44915   1.000 29.33975 ? 13  DG  B N3    1 
ATOM   620 C C4    . DG  B 1 13 ? 5.17606   0.48810   2.94474   1.000 28.10586 ? 13  DG  B C4    1 
ATOM   621 P P     . DG  B 1 14 ? 9.82103   1.38567   7.06717   1.000 34.36859 ? 14  DG  B P     1 
ATOM   622 O OP1   . DG  B 1 14 ? 10.91209  2.24166   7.64121   1.000 29.15281 ? 14  DG  B OP1   1 
ATOM   623 O OP2   . DG  B 1 14 ? 9.72239   0.00433   7.65323   1.000 26.66946 ? 14  DG  B OP2   1 
ATOM   624 O "O5'" . DG  B 1 14 ? 8.44147   2.14968   7.34965   1.000 29.77914 ? 14  DG  B "O5'" 1 
ATOM   625 C "C5'" . DG  B 1 14 ? 8.23514   3.41660   6.69762   1.000 25.61730 ? 14  DG  B "C5'" 1 
ATOM   626 C "C4'" . DG  B 1 14 ? 7.12144   4.17997   7.37076   1.000 24.51920 ? 14  DG  B "C4'" 1 
ATOM   627 O "O4'" . DG  B 1 14 ? 5.85803   3.78775   6.79896   1.000 32.78282 ? 14  DG  B "O4'" 1 
ATOM   628 C "C3'" . DG  B 1 14 ? 6.98217   3.99163   8.87497   1.000 26.03600 ? 14  DG  B "C3'" 1 
ATOM   629 O "O3'" . DG  B 1 14 ? 6.55462   5.25776   9.35970   1.000 22.91060 ? 14  DG  B "O3'" 1 
ATOM   630 C "C2'" . DG  B 1 14 ? 5.92636   2.89543   8.98253   1.000 26.47999 ? 14  DG  B "C2'" 1 
ATOM   631 C "C1'" . DG  B 1 14 ? 5.03668   3.17582   7.78457   1.000 22.73959 ? 14  DG  B "C1'" 1 
ATOM   632 N N9    . DG  B 1 14 ? 4.44124   2.01167   7.13984   1.000 24.33987 ? 14  DG  B N9    1 
ATOM   633 C C8    . DG  B 1 14 ? 5.04042   0.87498   6.66506   1.000 27.36651 ? 14  DG  B C8    1 
ATOM   634 N N7    . DG  B 1 14 ? 4.20271   0.05396   6.08482   1.000 25.66269 ? 14  DG  B N7    1 
ATOM   635 C C5    . DG  B 1 14 ? 2.97838   0.69848   6.17209   1.000 27.34641 ? 14  DG  B C5    1 
ATOM   636 C C6    . DG  B 1 14 ? 1.70169   0.29621   5.71244   1.000 26.99613 ? 14  DG  B C6    1 
ATOM   637 O O6    . DG  B 1 14 ? 1.39923   -0.75214  5.13310   1.000 26.77071 ? 14  DG  B O6    1 
ATOM   638 N N1    . DG  B 1 14 ? 0.73120   1.25818   5.99784   1.000 30.72665 ? 14  DG  B N1    1 
ATOM   639 C C2    . DG  B 1 14 ? 0.96187   2.44903   6.64451   1.000 30.48394 ? 14  DG  B C2    1 
ATOM   640 N N2    . DG  B 1 14 ? -0.08812  3.25161   6.84222   1.000 23.73322 ? 14  DG  B N2    1 
ATOM   641 N N3    . DG  B 1 14 ? 2.16033   2.83021   7.07234   1.000 28.82950 ? 14  DG  B N3    1 
ATOM   642 C C4    . DG  B 1 14 ? 3.11482   1.91155   6.80434   1.000 28.15562 ? 14  DG  B C4    1 
ATOM   643 P P     . DG  B 1 15 ? 6.20733   5.36757   10.91745  1.000 24.32712 ? 15  DG  B P     1 
ATOM   644 O OP1   . DG  B 1 15 ? 6.52365   6.73446   11.43586  1.000 29.22629 ? 15  DG  B OP1   1 
ATOM   645 O OP2   . DG  B 1 15 ? 6.75816   4.24535   11.74794  1.000 21.64468 ? 15  DG  B OP2   1 
ATOM   646 O "O5'" . DG  B 1 15 ? 4.62561   5.22670   10.88143  1.000 24.53723 ? 15  DG  B "O5'" 1 
ATOM   647 C "C5'" . DG  B 1 15 ? 3.81145   6.40224   11.05542  1.000 25.60324 ? 15  DG  B "C5'" 1 
ATOM   648 C "C4'" . DG  B 1 15 ? 2.52224   5.95508   11.68536  1.000 32.30298 ? 15  DG  B "C4'" 1 
ATOM   649 O "O4'" . DG  B 1 15 ? 1.86931   5.06658   10.76197  1.000 30.92805 ? 15  DG  B "O4'" 1 
ATOM   650 C "C3'" . DG  B 1 15 ? 2.73733   5.15694   12.96620  1.000 33.25324 ? 15  DG  B "C3'" 1 
ATOM   651 O "O3'" . DG  B 1 15 ? 2.62627   5.99492   14.11800  1.000 45.28772 ? 15  DG  B "O3'" 1 
ATOM   652 C "C2'" . DG  B 1 15 ? 1.67887   4.05905   12.90390  1.000 32.06707 ? 15  DG  B "C2'" 1 
ATOM   653 C "C1'" . DG  B 1 15 ? 1.13853   4.08202   11.48095  1.000 31.73474 ? 15  DG  B "C1'" 1 
ATOM   654 N N9    . DG  B 1 15 ? 1.26985   2.81752   10.75790  1.000 29.29880 ? 15  DG  B N9    1 
ATOM   655 C C8    . DG  B 1 15 ? 2.40483   2.08992   10.50966  1.000 28.96476 ? 15  DG  B C8    1 
ATOM   656 N N7    . DG  B 1 15 ? 2.18180   1.00150   9.81648   1.000 25.20887 ? 15  DG  B N7    1 
ATOM   657 C C5    . DG  B 1 15 ? 0.81402   1.01331   9.59247   1.000 29.56192 ? 15  DG  B C5    1 
ATOM   658 C C6    . DG  B 1 15 ? -0.00215  0.09110   8.89315   1.000 28.87906 ? 15  DG  B C6    1 
ATOM   659 O O6    . DG  B 1 15 ? 0.33477   -0.95392  8.32663   1.000 25.17712 ? 15  DG  B O6    1 
ATOM   660 N N1    . DG  B 1 15 ? -1.33731  0.48807   8.90087   1.000 28.27600 ? 15  DG  B N1    1 
ATOM   661 C C2    . DG  B 1 15 ? -1.82264  1.62041   9.50483   1.000 29.97724 ? 15  DG  B C2    1 
ATOM   662 N N2    . DG  B 1 15 ? -3.14022  1.83604   9.41039   1.000 31.43871 ? 15  DG  B N2    1 
ATOM   663 N N3    . DG  B 1 15 ? -1.05917  2.49292   10.15531  1.000 25.57563 ? 15  DG  B N3    1 
ATOM   664 C C4    . DG  B 1 15 ? 0.24158   2.12587   10.16343  1.000 27.71337 ? 15  DG  B C4    1 
ATOM   665 P P     . DT  B 1 16 ? 1.19173   6.39629   14.72087  1.000 48.12179 ? 16  DT  B P     1 
ATOM   666 O OP1   . DT  B 1 16 ? 0.14727   6.58987   13.65481  1.000 49.47488 ? 16  DT  B OP1   1 
ATOM   667 O OP2   . DT  B 1 16 ? 1.30688   7.56499   15.66064  1.000 42.24317 ? 16  DT  B OP2   1 
ATOM   668 O "O5'" . DT  B 1 16 ? 0.82748   5.09567   15.60106  1.000 38.98552 ? 16  DT  B "O5'" 1 
ATOM   669 C "C5'" . DT  B 1 16 ? -0.47278  4.98823   16.21839  1.000 33.92310 ? 16  DT  B "C5'" 1 
ATOM   670 C "C4'" . DT  B 1 16 ? -1.51365  4.62389   15.18825  1.000 36.80789 ? 16  DT  B "C4'" 1 
ATOM   671 O "O4'" . DT  B 1 16 ? -0.97981  3.68582   14.22423  1.000 38.33585 ? 16  DT  B "O4'" 1 
ATOM   672 C "C3'" . DT  B 1 16 ? -2.76845  3.97618   15.76654  1.000 32.73634 ? 16  DT  B "C3'" 1 
ATOM   673 O "O3'" . DT  B 1 16 ? -3.91088  4.58092   15.17631  1.000 41.82813 ? 16  DT  B "O3'" 1 
ATOM   674 C "C2'" . DT  B 1 16 ? -2.64276  2.51468   15.35377  1.000 33.06708 ? 16  DT  B "C2'" 1 
ATOM   675 C "C1'" . DT  B 1 16 ? -1.92034  2.63898   14.02477  1.000 38.65167 ? 16  DT  B "C1'" 1 
ATOM   676 N N1    . DT  B 1 16 ? -1.22838  1.41036   13.54241  1.000 31.82307 ? 16  DT  B N1    1 
ATOM   677 C C2    . DT  B 1 16 ? 0.10317   1.19857   13.84356  1.000 29.34189 ? 16  DT  B C2    1 
ATOM   678 O O2    . DT  B 1 16 ? 0.76737   1.94459   14.54019  1.000 37.26901 ? 16  DT  B O2    1 
ATOM   679 N N3    . DT  B 1 16 ? 0.64145   0.05143   13.32322  1.000 30.54507 ? 16  DT  B N3    1 
ATOM   680 C C4    . DT  B 1 16 ? 0.00031   -0.88633  12.54121  1.000 32.12219 ? 16  DT  B C4    1 
ATOM   681 O O4    . DT  B 1 16 ? 0.61404   -1.87045  12.14740  1.000 35.70703 ? 16  DT  B O4    1 
ATOM   682 C C5    . DT  B 1 16 ? -1.38530  -0.60795  12.25360  1.000 31.77943 ? 16  DT  B C5    1 
ATOM   683 C C7    . DT  B 1 16 ? -2.14983  -1.57889  11.40436  1.000 40.80710 ? 16  DT  B C7    1 
ATOM   684 C C6    . DT  B 1 16 ? -1.92506  0.50938   12.76238  1.000 31.39945 ? 16  DT  B C6    1 
HETATM 685 K K     . K   C 2 .  ? 0.99536   2.59689   -6.17617  1.000 21.85435 ? 101 K   A K     1 
HETATM 686 K K     . K   D 2 .  ? 0.43143   1.34801   -3.10358  1.000 12.72347 ? 102 K   A K     1 
HETATM 687 K K     . K   E 2 .  ? -0.07525  0.10695   0.07157   1.000 10.50881 ? 103 K   A K     1 
HETATM 688 K K     . K   F 2 .  ? -0.51186  -1.15727  3.16205   1.000 13.01153 ? 101 K   B K     1 
HETATM 689 K K     . K   G 2 .  ? -0.86570  -2.37835  6.27103   1.000 14.68578 ? 102 K   B K     1 
HETATM 690 O O     . HOH H 3 .  ? -6.67942  9.95897   -0.40619  1.000 38.25340 ? 201 HOH A O     1 
HETATM 691 O O     . HOH H 3 .  ? -3.54880  -9.25306  -4.98389  1.000 33.44610 ? 202 HOH A O     1 
HETATM 692 O O     . HOH H 3 .  ? -9.74152  -2.14141  -2.67142  1.000 34.98601 ? 203 HOH A O     1 
HETATM 693 O O     . HOH H 3 .  ? 8.52799   -8.76648  -7.48142  1.000 34.49541 ? 204 HOH A O     1 
HETATM 694 O O     . HOH H 3 .  ? -5.26119  9.96577   -7.22665  1.000 29.12816 ? 205 HOH A O     1 
HETATM 695 O O     . HOH H 3 .  ? 3.82339   -5.58438  -5.66862  1.000 27.92325 ? 206 HOH A O     1 
HETATM 696 O O     . HOH H 3 .  ? -4.61428  -5.28550  -4.52528  1.000 30.38151 ? 207 HOH A O     1 
HETATM 697 O O     . HOH H 3 .  ? 2.32521   10.02166  -3.42387  1.000 32.92151 ? 208 HOH A O     1 
HETATM 698 O O     . HOH H 3 .  ? 7.92367   -2.49164  -11.04720 1.000 30.80625 ? 209 HOH A O     1 
HETATM 699 O O     . HOH H 3 .  ? -6.98218  -5.16073  -6.79687  1.000 40.60529 ? 210 HOH A O     1 
HETATM 700 O O     . HOH H 3 .  ? -6.65723  -1.99889  -5.29695  1.000 26.08784 ? 211 HOH A O     1 
HETATM 701 O O     . HOH H 3 .  ? -10.61533 -2.19129  -12.99187 1.000 33.53102 ? 212 HOH A O     1 
HETATM 702 O O     . HOH H 3 .  ? 6.11310   15.63327  -0.73142  1.000 43.02310 ? 213 HOH A O     1 
HETATM 703 O O     . HOH H 3 .  ? -2.29074  13.85306  -0.29401  1.000 37.00192 ? 214 HOH A O     1 
HETATM 704 O O     . HOH H 3 .  ? -12.70765 0.80410   -14.78465 1.000 18.79990 ? 215 HOH A O     1 
HETATM 705 O O     . HOH H 3 .  ? -5.71933  6.76181   0.69678   1.000 27.13990 ? 216 HOH A O     1 
HETATM 706 O O     . HOH H 3 .  ? 7.61829   -7.34662  -4.79473  1.000 32.93128 ? 217 HOH A O     1 
HETATM 707 O O     . HOH H 3 .  ? 5.16060   14.91646  -6.61789  1.000 43.52887 ? 218 HOH A O     1 
HETATM 708 O O     . HOH I 3 .  ? -1.02449  12.53976  6.34292   1.000 36.79961 ? 201 HOH B O     1 
HETATM 709 O O     . HOH I 3 .  ? 6.07223   7.20280   13.83540  1.000 38.92027 ? 202 HOH B O     1 
HETATM 710 O O     . HOH I 3 .  ? -21.94936 1.35502   6.36337   1.000 30.40571 ? 203 HOH B O     1 
HETATM 711 O O     . HOH I 3 .  ? 7.44264   -1.23893  8.00760   1.000 34.29576 ? 204 HOH B O     1 
HETATM 712 O O     . HOH I 3 .  ? 5.45902   2.02470   12.28223  1.000 29.23483 ? 205 HOH B O     1 
HETATM 713 O O     . HOH I 3 .  ? -3.36043  -15.45892 6.70929   1.000 33.52254 ? 206 HOH B O     1 
HETATM 714 O O     . HOH I 3 .  ? -7.62411  -9.00463  5.59114   1.000 28.31886 ? 207 HOH B O     1 
HETATM 715 O O     . HOH I 3 .  ? 0.78901   -9.74541  3.79290   1.000 28.22094 ? 208 HOH B O     1 
HETATM 716 O O     . HOH I 3 .  ? -7.81171  2.99035   3.54697   1.000 23.45428 ? 209 HOH B O     1 
HETATM 717 O O     . HOH I 3 .  ? -5.38194  5.97066   3.05340   1.000 31.22213 ? 210 HOH B O     1 
HETATM 718 O O     . HOH I 3 .  ? 2.63657   5.66234   6.40725   1.000 26.94668 ? 211 HOH B O     1 
HETATM 719 O O     . HOH I 3 .  ? -0.61172  -13.29544 -3.70594  1.000 44.31243 ? 212 HOH B O     1 
HETATM 720 O O     . HOH I 3 .  ? -10.84998 -6.26364  4.99057   1.000 35.02383 ? 213 HOH B O     1 
HETATM 721 O O     . HOH I 3 .  ? 1.10451   8.92660   8.76372   1.000 39.28234 ? 214 HOH B O     1 
HETATM 722 O O     . HOH I 3 .  ? 5.56390   4.15942   14.58917  1.000 42.70889 ? 215 HOH B O     1 
HETATM 723 O O     . HOH I 3 .  ? -7.38873  -3.91407  -2.27986  1.000 28.73521 ? 216 HOH B O     1 
HETATM 724 O O     . HOH I 3 .  ? -5.60515  -6.29425  -2.31577  1.000 25.40387 ? 217 HOH B O     1 
HETATM 725 O O     . HOH I 3 .  ? 11.53925  -4.16442  -0.44622  1.000 32.28880 ? 218 HOH B O     1 
HETATM 726 O O     . HOH I 3 .  ? 11.37561  3.81607   4.02637   1.000 39.70102 ? 219 HOH B O     1 
HETATM 727 O O     . HOH I 3 .  ? 2.71549   -14.14930 7.64564   1.000 34.32830 ? 220 HOH B O     1 
HETATM 728 O O     . HOH I 3 .  ? 7.26724   -7.62561  13.08551  1.000 34.68723 ? 221 HOH B O     1 
# 
loop_
_pdbx_poly_seq_scheme.asym_id 
_pdbx_poly_seq_scheme.entity_id 
_pdbx_poly_seq_scheme.seq_id 
_pdbx_poly_seq_scheme.mon_id 
_pdbx_poly_seq_scheme.ndb_seq_num 
_pdbx_poly_seq_scheme.pdb_seq_num 
_pdbx_poly_seq_scheme.auth_seq_num 
_pdbx_poly_seq_scheme.pdb_mon_id 
_pdbx_poly_seq_scheme.auth_mon_id 
_pdbx_poly_seq_scheme.pdb_strand_id 
_pdbx_poly_seq_scheme.pdb_ins_code 
_pdbx_poly_seq_scheme.hetero 
A 1 1  DG 1  1  1  DG DG A . n 
A 1 2  DG 2  2  2  DG DG A . n 
A 1 3  DG 3  3  3  DG DG A . n 
A 1 4  DG 4  4  4  DG DG A . n 
A 1 5  DT 5  5  5  DT DT A . n 
A 1 6  DG 6  6  6  DG DG A . n 
A 1 7  DG 7  7  7  DG DG A . n 
A 1 8  DG 8  8  8  DG DG A . n 
A 1 9  DA 9  9  9  DA DA A . n 
A 1 10 DG 10 10 10 DG DG A . n 
A 1 11 DG 11 11 11 DG DG A . n 
A 1 12 DT 12 12 12 DT DT A . n 
A 1 13 DG 13 13 13 DG DG A . n 
A 1 14 DG 14 14 14 DG DG A . n 
A 1 15 DG 15 15 15 DG DG A . n 
A 1 16 DT 16 16 16 DT DT A . n 
B 1 1  DG 1  1  1  DG DG B . n 
B 1 2  DG 2  2  2  DG DG B . n 
B 1 3  DG 3  3  3  DG DG B . n 
B 1 4  DG 4  4  4  DG DG B . n 
B 1 5  DT 5  5  5  DT DT B . n 
B 1 6  DG 6  6  6  DG DG B . n 
B 1 7  DG 7  7  7  DG DG B . n 
B 1 8  DG 8  8  8  DG DG B . n 
B 1 9  DA 9  9  9  DA DA B . n 
B 1 10 DG 10 10 10 DG DG B . n 
B 1 11 DG 11 11 11 DG DG B . n 
B 1 12 DT 12 12 12 DT DT B . n 
B 1 13 DG 13 13 13 DG DG B . n 
B 1 14 DG 14 14 14 DG DG B . n 
B 1 15 DG 15 15 15 DG DG B . n 
B 1 16 DT 16 16 16 DT DT B . n 
# 
_pdbx_contact_author.id                 2 
_pdbx_contact_author.email              Phantuan@ntu.edu.sg 
_pdbx_contact_author.name_first         Tuan 
_pdbx_contact_author.name_last          Phan 
_pdbx_contact_author.name_mi            Anh 
_pdbx_contact_author.role               'principal investigator/group leader' 
_pdbx_contact_author.identifier_ORCID   0000-0002-4970-3861 
# 
loop_
_pdbx_nonpoly_scheme.asym_id 
_pdbx_nonpoly_scheme.entity_id 
_pdbx_nonpoly_scheme.mon_id 
_pdbx_nonpoly_scheme.ndb_seq_num 
_pdbx_nonpoly_scheme.pdb_seq_num 
_pdbx_nonpoly_scheme.auth_seq_num 
_pdbx_nonpoly_scheme.pdb_mon_id 
_pdbx_nonpoly_scheme.auth_mon_id 
_pdbx_nonpoly_scheme.pdb_strand_id 
_pdbx_nonpoly_scheme.pdb_ins_code 
C 2 K   1  101 1  K   K   A . 
D 2 K   1  102 2  K   K   A . 
E 2 K   1  103 3  K   K   A . 
F 2 K   1  101 4  K   K   B . 
G 2 K   1  102 5  K   K   B . 
H 3 HOH 1  201 24 HOH HOH A . 
H 3 HOH 2  202 10 HOH HOH A . 
H 3 HOH 3  203 40 HOH HOH A . 
H 3 HOH 4  204 33 HOH HOH A . 
H 3 HOH 5  205 7  HOH HOH A . 
H 3 HOH 6  206 5  HOH HOH A . 
H 3 HOH 7  207 17 HOH HOH A . 
H 3 HOH 8  208 39 HOH HOH A . 
H 3 HOH 9  209 6  HOH HOH A . 
H 3 HOH 10 210 25 HOH HOH A . 
H 3 HOH 11 211 41 HOH HOH A . 
H 3 HOH 12 212 9  HOH HOH A . 
H 3 HOH 13 213 19 HOH HOH A . 
H 3 HOH 14 214 2  HOH HOH A . 
H 3 HOH 15 215 8  HOH HOH A . 
H 3 HOH 16 216 16 HOH HOH A . 
H 3 HOH 17 217 28 HOH HOH A . 
H 3 HOH 18 218 43 HOH HOH A . 
I 3 HOH 1  201 42 HOH HOH B . 
I 3 HOH 2  202 38 HOH HOH B . 
I 3 HOH 3  203 4  HOH HOH B . 
I 3 HOH 4  204 13 HOH HOH B . 
I 3 HOH 5  205 3  HOH HOH B . 
I 3 HOH 6  206 11 HOH HOH B . 
I 3 HOH 7  207 15 HOH HOH B . 
I 3 HOH 8  208 32 HOH HOH B . 
I 3 HOH 9  209 21 HOH HOH B . 
I 3 HOH 10 210 23 HOH HOH B . 
I 3 HOH 11 211 12 HOH HOH B . 
I 3 HOH 12 212 1  HOH HOH B . 
I 3 HOH 13 213 35 HOH HOH B . 
I 3 HOH 14 214 29 HOH HOH B . 
I 3 HOH 15 215 30 HOH HOH B . 
I 3 HOH 16 216 18 HOH HOH B . 
I 3 HOH 17 217 14 HOH HOH B . 
I 3 HOH 18 218 27 HOH HOH B . 
I 3 HOH 19 219 46 HOH HOH B . 
I 3 HOH 20 220 31 HOH HOH B . 
I 3 HOH 21 221 37 HOH HOH B . 
# 
_pdbx_struct_assembly.id                   1 
_pdbx_struct_assembly.details              author_defined_assembly 
_pdbx_struct_assembly.method_details       ? 
_pdbx_struct_assembly.oligomeric_details   dimeric 
_pdbx_struct_assembly.oligomeric_count     2 
# 
_pdbx_struct_assembly_gen.assembly_id       1 
_pdbx_struct_assembly_gen.oper_expression   1 
_pdbx_struct_assembly_gen.asym_id_list      A,B,C,D,E,F,G,H,I 
# 
loop_
_pdbx_struct_assembly_prop.biol_id 
_pdbx_struct_assembly_prop.type 
_pdbx_struct_assembly_prop.value 
_pdbx_struct_assembly_prop.details 
1 'ABSA (A^2)' 2370 ? 
1 MORE         7    ? 
1 'SSA (A^2)'  5160 ? 
# 
_pdbx_struct_oper_list.id                   1 
_pdbx_struct_oper_list.type                 'identity operation' 
_pdbx_struct_oper_list.name                 1_555 
_pdbx_struct_oper_list.symmetry_operation   x,y,z 
_pdbx_struct_oper_list.matrix[1][1]         1.0000000000 
_pdbx_struct_oper_list.matrix[1][2]         0.0000000000 
_pdbx_struct_oper_list.matrix[1][3]         0.0000000000 
_pdbx_struct_oper_list.vector[1]            0.0000000000 
_pdbx_struct_oper_list.matrix[2][1]         0.0000000000 
_pdbx_struct_oper_list.matrix[2][2]         1.0000000000 
_pdbx_struct_oper_list.matrix[2][3]         0.0000000000 
_pdbx_struct_oper_list.vector[2]            0.0000000000 
_pdbx_struct_oper_list.matrix[3][1]         0.0000000000 
_pdbx_struct_oper_list.matrix[3][2]         0.0000000000 
_pdbx_struct_oper_list.matrix[3][3]         1.0000000000 
_pdbx_struct_oper_list.vector[3]            0.0000000000 
# 
loop_
_pdbx_struct_conn_angle.id 
_pdbx_struct_conn_angle.ptnr1_label_atom_id 
_pdbx_struct_conn_angle.ptnr1_label_alt_id 
_pdbx_struct_conn_angle.ptnr1_label_asym_id 
_pdbx_struct_conn_angle.ptnr1_label_comp_id 
_pdbx_struct_conn_angle.ptnr1_label_seq_id 
_pdbx_struct_conn_angle.ptnr1_auth_atom_id 
_pdbx_struct_conn_angle.ptnr1_auth_asym_id 
_pdbx_struct_conn_angle.ptnr1_auth_comp_id 
_pdbx_struct_conn_angle.ptnr1_auth_seq_id 
_pdbx_struct_conn_angle.ptnr1_PDB_ins_code 
_pdbx_struct_conn_angle.ptnr1_symmetry 
_pdbx_struct_conn_angle.ptnr2_label_atom_id 
_pdbx_struct_conn_angle.ptnr2_label_alt_id 
_pdbx_struct_conn_angle.ptnr2_label_asym_id 
_pdbx_struct_conn_angle.ptnr2_label_comp_id 
_pdbx_struct_conn_angle.ptnr2_label_seq_id 
_pdbx_struct_conn_angle.ptnr2_auth_atom_id 
_pdbx_struct_conn_angle.ptnr2_auth_asym_id 
_pdbx_struct_conn_angle.ptnr2_auth_comp_id 
_pdbx_struct_conn_angle.ptnr2_auth_seq_id 
_pdbx_struct_conn_angle.ptnr2_PDB_ins_code 
_pdbx_struct_conn_angle.ptnr2_symmetry 
_pdbx_struct_conn_angle.ptnr3_label_atom_id 
_pdbx_struct_conn_angle.ptnr3_label_alt_id 
_pdbx_struct_conn_angle.ptnr3_label_asym_id 
_pdbx_struct_conn_angle.ptnr3_label_comp_id 
_pdbx_struct_conn_angle.ptnr3_label_seq_id 
_pdbx_struct_conn_angle.ptnr3_auth_atom_id 
_pdbx_struct_conn_angle.ptnr3_auth_asym_id 
_pdbx_struct_conn_angle.ptnr3_auth_comp_id 
_pdbx_struct_conn_angle.ptnr3_auth_seq_id 
_pdbx_struct_conn_angle.ptnr3_PDB_ins_code 
_pdbx_struct_conn_angle.ptnr3_symmetry 
_pdbx_struct_conn_angle.value 
_pdbx_struct_conn_angle.value_esd 
1   O6 ? A DG 1  ? A DG 1  ? 1_555 K ? E K . ? A K 103 ? 1_555 O6 ? A DG 2  ? A DG 2  ? 1_555 77.5  ? 
2   O6 ? A DG 1  ? A DG 1  ? 1_555 K ? E K . ? A K 103 ? 1_555 O6 ? A DG 6  ? A DG 6  ? 1_555 101.3 ? 
3   O6 ? A DG 2  ? A DG 2  ? 1_555 K ? E K . ? A K 103 ? 1_555 O6 ? A DG 6  ? A DG 6  ? 1_555 69.0  ? 
4   O6 ? A DG 1  ? A DG 1  ? 1_555 K ? E K . ? A K 103 ? 1_555 O6 ? A DG 13 ? A DG 13 ? 1_555 119.1 ? 
5   O6 ? A DG 2  ? A DG 2  ? 1_555 K ? E K . ? A K 103 ? 1_555 O6 ? A DG 13 ? A DG 13 ? 1_555 67.5  ? 
6   O6 ? A DG 6  ? A DG 6  ? 1_555 K ? E K . ? A K 103 ? 1_555 O6 ? A DG 13 ? A DG 13 ? 1_555 109.8 ? 
7   O6 ? A DG 1  ? A DG 1  ? 1_555 K ? E K . ? A K 103 ? 1_555 O6 ? B DG 1  ? B DG 1  ? 1_555 169.3 ? 
8   O6 ? A DG 2  ? A DG 2  ? 1_555 K ? E K . ? A K 103 ? 1_555 O6 ? B DG 1  ? B DG 1  ? 1_555 99.4  ? 
9   O6 ? A DG 6  ? A DG 6  ? 1_555 K ? E K . ? A K 103 ? 1_555 O6 ? B DG 1  ? B DG 1  ? 1_555 68.2  ? 
10  O6 ? A DG 13 ? A DG 13 ? 1_555 K ? E K . ? A K 103 ? 1_555 O6 ? B DG 1  ? B DG 1  ? 1_555 67.9  ? 
11  O6 ? A DG 1  ? A DG 1  ? 1_555 K ? E K . ? A K 103 ? 1_555 O6 ? B DG 2  ? B DG 2  ? 1_555 108.4 ? 
12  O6 ? A DG 2  ? A DG 2  ? 1_555 K ? E K . ? A K 103 ? 1_555 O6 ? B DG 2  ? B DG 2  ? 1_555 167.1 ? 
13  O6 ? A DG 6  ? A DG 6  ? 1_555 K ? E K . ? A K 103 ? 1_555 O6 ? B DG 2  ? B DG 2  ? 1_555 119.6 ? 
14  O6 ? A DG 13 ? A DG 13 ? 1_555 K ? E K . ? A K 103 ? 1_555 O6 ? B DG 2  ? B DG 2  ? 1_555 99.7  ? 
15  O6 ? B DG 1  ? B DG 1  ? 1_555 K ? E K . ? A K 103 ? 1_555 O6 ? B DG 2  ? B DG 2  ? 1_555 76.8  ? 
16  O6 ? A DG 1  ? A DG 1  ? 1_555 K ? E K . ? A K 103 ? 1_555 O6 ? B DG 6  ? B DG 6  ? 1_555 71.6  ? 
17  O6 ? A DG 2  ? A DG 2  ? 1_555 K ? E K . ? A K 103 ? 1_555 O6 ? B DG 6  ? B DG 6  ? 1_555 118.4 ? 
18  O6 ? A DG 6  ? A DG 6  ? 1_555 K ? E K . ? A K 103 ? 1_555 O6 ? B DG 6  ? B DG 6  ? 1_555 66.8  ? 
19  O6 ? A DG 13 ? A DG 13 ? 1_555 K ? E K . ? A K 103 ? 1_555 O6 ? B DG 6  ? B DG 6  ? 1_555 169.3 ? 
20  O6 ? B DG 1  ? B DG 1  ? 1_555 K ? E K . ? A K 103 ? 1_555 O6 ? B DG 6  ? B DG 6  ? 1_555 101.7 ? 
21  O6 ? B DG 2  ? B DG 2  ? 1_555 K ? E K . ? A K 103 ? 1_555 O6 ? B DG 6  ? B DG 6  ? 1_555 74.5  ? 
22  O6 ? A DG 1  ? A DG 1  ? 1_555 K ? E K . ? A K 103 ? 1_555 O6 ? B DG 13 ? B DG 13 ? 1_555 71.4  ? 
23  O6 ? A DG 2  ? A DG 2  ? 1_555 K ? E K . ? A K 103 ? 1_555 O6 ? B DG 13 ? B DG 13 ? 1_555 101.8 ? 
24  O6 ? A DG 6  ? A DG 6  ? 1_555 K ? E K . ? A K 103 ? 1_555 O6 ? B DG 13 ? B DG 13 ? 1_555 169.7 ? 
25  O6 ? A DG 13 ? A DG 13 ? 1_555 K ? E K . ? A K 103 ? 1_555 O6 ? B DG 13 ? B DG 13 ? 1_555 69.3  ? 
26  O6 ? B DG 1  ? B DG 1  ? 1_555 K ? E K . ? A K 103 ? 1_555 O6 ? B DG 13 ? B DG 13 ? 1_555 119.3 ? 
27  O6 ? B DG 2  ? B DG 2  ? 1_555 K ? E K . ? A K 103 ? 1_555 O6 ? B DG 13 ? B DG 13 ? 1_555 70.3  ? 
28  O6 ? B DG 6  ? B DG 6  ? 1_555 K ? E K . ? A K 103 ? 1_555 O6 ? B DG 13 ? B DG 13 ? 1_555 116.0 ? 
29  O6 ? A DG 1  ? A DG 1  ? 1_555 K ? F K . ? B K 101 ? 1_555 O6 ? B DG 2  ? B DG 2  ? 1_555 107.2 ? 
30  O6 ? A DG 1  ? A DG 1  ? 1_555 K ? F K . ? B K 101 ? 1_555 O6 ? B DG 3  ? B DG 3  ? 1_555 154.4 ? 
31  O6 ? B DG 2  ? B DG 2  ? 1_555 K ? F K . ? B K 101 ? 1_555 O6 ? B DG 3  ? B DG 3  ? 1_555 76.3  ? 
32  O6 ? A DG 1  ? A DG 1  ? 1_555 K ? F K . ? B K 101 ? 1_555 O6 ? B DG 6  ? B DG 6  ? 1_555 65.5  ? 
33  O6 ? B DG 2  ? B DG 2  ? 1_555 K ? F K . ? B K 101 ? 1_555 O6 ? B DG 6  ? B DG 6  ? 1_555 68.6  ? 
34  O6 ? B DG 3  ? B DG 3  ? 1_555 K ? F K . ? B K 101 ? 1_555 O6 ? B DG 6  ? B DG 6  ? 1_555 93.7  ? 
35  O6 ? A DG 1  ? A DG 1  ? 1_555 K ? F K . ? B K 101 ? 1_555 O6 ? B DG 7  ? B DG 7  ? 1_555 87.5  ? 
36  O6 ? B DG 2  ? B DG 2  ? 1_555 K ? F K . ? B K 101 ? 1_555 O6 ? B DG 7  ? B DG 7  ? 1_555 133.9 ? 
37  O6 ? B DG 3  ? B DG 3  ? 1_555 K ? F K . ? B K 101 ? 1_555 O6 ? B DG 7  ? B DG 7  ? 1_555 73.4  ? 
38  O6 ? B DG 6  ? B DG 6  ? 1_555 K ? F K . ? B K 101 ? 1_555 O6 ? B DG 7  ? B DG 7  ? 1_555 79.5  ? 
39  O6 ? A DG 1  ? A DG 1  ? 1_555 K ? F K . ? B K 101 ? 1_555 O6 ? B DG 10 ? B DG 10 ? 1_555 73.7  ? 
40  O6 ? B DG 2  ? B DG 2  ? 1_555 K ? F K . ? B K 101 ? 1_555 O6 ? B DG 10 ? B DG 10 ? 1_555 149.5 ? 
41  O6 ? B DG 3  ? B DG 3  ? 1_555 K ? F K . ? B K 101 ? 1_555 O6 ? B DG 10 ? B DG 10 ? 1_555 116.5 ? 
42  O6 ? B DG 6  ? B DG 6  ? 1_555 K ? F K . ? B K 101 ? 1_555 O6 ? B DG 10 ? B DG 10 ? 1_555 132.9 ? 
43  O6 ? B DG 7  ? B DG 7  ? 1_555 K ? F K . ? B K 101 ? 1_555 O6 ? B DG 10 ? B DG 10 ? 1_555 76.3  ? 
44  O6 ? A DG 1  ? A DG 1  ? 1_555 K ? F K . ? B K 101 ? 1_555 O6 ? B DG 13 ? B DG 13 ? 1_555 69.4  ? 
45  O6 ? B DG 2  ? B DG 2  ? 1_555 K ? F K . ? B K 101 ? 1_555 O6 ? B DG 13 ? B DG 13 ? 1_555 68.8  ? 
46  O6 ? B DG 3  ? B DG 3  ? 1_555 K ? F K . ? B K 101 ? 1_555 O6 ? B DG 13 ? B DG 13 ? 1_555 132.6 ? 
47  O6 ? B DG 6  ? B DG 6  ? 1_555 K ? F K . ? B K 101 ? 1_555 O6 ? B DG 13 ? B DG 13 ? 1_555 101.9 ? 
48  O6 ? B DG 7  ? B DG 7  ? 1_555 K ? F K . ? B K 101 ? 1_555 O6 ? B DG 13 ? B DG 13 ? 1_555 153.1 ? 
49  O6 ? B DG 10 ? B DG 10 ? 1_555 K ? F K . ? B K 101 ? 1_555 O6 ? B DG 13 ? B DG 13 ? 1_555 83.9  ? 
50  O6 ? A DG 1  ? A DG 1  ? 1_555 K ? F K . ? B K 101 ? 1_555 O6 ? B DG 14 ? B DG 14 ? 1_555 133.9 ? 
51  O6 ? B DG 2  ? B DG 2  ? 1_555 K ? F K . ? B K 101 ? 1_555 O6 ? B DG 14 ? B DG 14 ? 1_555 84.2  ? 
52  O6 ? B DG 3  ? B DG 3  ? 1_555 K ? F K . ? B K 101 ? 1_555 O6 ? B DG 14 ? B DG 14 ? 1_555 71.2  ? 
53  O6 ? B DG 6  ? B DG 6  ? 1_555 K ? F K . ? B K 101 ? 1_555 O6 ? B DG 14 ? B DG 14 ? 1_555 151.5 ? 
54  O6 ? B DG 7  ? B DG 7  ? 1_555 K ? F K . ? B K 101 ? 1_555 O6 ? B DG 14 ? B DG 14 ? 1_555 116.9 ? 
55  O6 ? B DG 10 ? B DG 10 ? 1_555 K ? F K . ? B K 101 ? 1_555 O6 ? B DG 14 ? B DG 14 ? 1_555 75.3  ? 
56  O6 ? B DG 13 ? B DG 13 ? 1_555 K ? F K . ? B K 101 ? 1_555 O6 ? B DG 14 ? B DG 14 ? 1_555 74.2  ? 
57  O6 ? A DG 2  ? A DG 2  ? 1_555 K ? D K . ? A K 102 ? 1_555 O6 ? A DG 3  ? A DG 3  ? 1_555 80.4  ? 
58  O6 ? A DG 2  ? A DG 2  ? 1_555 K ? D K . ? A K 102 ? 1_555 O6 ? A DG 6  ? A DG 6  ? 1_555 70.1  ? 
59  O6 ? A DG 3  ? A DG 3  ? 1_555 K ? D K . ? A K 102 ? 1_555 O6 ? A DG 6  ? A DG 6  ? 1_555 91.0  ? 
60  O6 ? A DG 2  ? A DG 2  ? 1_555 K ? D K . ? A K 102 ? 1_555 O6 ? A DG 7  ? A DG 7  ? 1_555 137.4 ? 
61  O6 ? A DG 3  ? A DG 3  ? 1_555 K ? D K . ? A K 102 ? 1_555 O6 ? A DG 7  ? A DG 7  ? 1_555 67.2  ? 
62  O6 ? A DG 6  ? A DG 6  ? 1_555 K ? D K . ? A K 102 ? 1_555 O6 ? A DG 7  ? A DG 7  ? 1_555 83.1  ? 
63  O6 ? A DG 2  ? A DG 2  ? 1_555 K ? D K . ? A K 102 ? 1_555 O6 ? A DG 10 ? A DG 10 ? 1_555 149.2 ? 
64  O6 ? A DG 3  ? A DG 3  ? 1_555 K ? D K . ? A K 102 ? 1_555 O6 ? A DG 10 ? A DG 10 ? 1_555 109.5 ? 
65  O6 ? A DG 6  ? A DG 6  ? 1_555 K ? D K . ? A K 102 ? 1_555 O6 ? A DG 10 ? A DG 10 ? 1_555 136.3 ? 
66  O6 ? A DG 7  ? A DG 7  ? 1_555 K ? D K . ? A K 102 ? 1_555 O6 ? A DG 10 ? A DG 10 ? 1_555 71.1  ? 
67  O6 ? A DG 2  ? A DG 2  ? 1_555 K ? D K . ? A K 102 ? 1_555 O6 ? A DG 13 ? A DG 13 ? 1_555 70.6  ? 
68  O6 ? A DG 3  ? A DG 3  ? 1_555 K ? D K . ? A K 102 ? 1_555 O6 ? A DG 13 ? A DG 13 ? 1_555 140.7 ? 
69  O6 ? A DG 6  ? A DG 6  ? 1_555 K ? D K . ? A K 102 ? 1_555 O6 ? A DG 13 ? A DG 13 ? 1_555 102.8 ? 
70  O6 ? A DG 7  ? A DG 7  ? 1_555 K ? D K . ? A K 102 ? 1_555 O6 ? A DG 13 ? A DG 13 ? 1_555 150.0 ? 
71  O6 ? A DG 10 ? A DG 10 ? 1_555 K ? D K . ? A K 102 ? 1_555 O6 ? A DG 13 ? A DG 13 ? 1_555 85.4  ? 
72  O6 ? A DG 2  ? A DG 2  ? 1_555 K ? D K . ? A K 102 ? 1_555 O6 ? A DG 14 ? A DG 14 ? 1_555 85.4  ? 
73  O6 ? A DG 3  ? A DG 3  ? 1_555 K ? D K . ? A K 102 ? 1_555 O6 ? A DG 14 ? A DG 14 ? 1_555 72.0  ? 
74  O6 ? A DG 6  ? A DG 6  ? 1_555 K ? D K . ? A K 102 ? 1_555 O6 ? A DG 14 ? A DG 14 ? 1_555 152.4 ? 
75  O6 ? A DG 7  ? A DG 7  ? 1_555 K ? D K . ? A K 102 ? 1_555 O6 ? A DG 14 ? A DG 14 ? 1_555 108.7 ? 
76  O6 ? A DG 10 ? A DG 10 ? 1_555 K ? D K . ? A K 102 ? 1_555 O6 ? A DG 14 ? A DG 14 ? 1_555 71.0  ? 
77  O6 ? A DG 13 ? A DG 13 ? 1_555 K ? D K . ? A K 102 ? 1_555 O6 ? A DG 14 ? A DG 14 ? 1_555 79.6  ? 
78  O6 ? A DG 2  ? A DG 2  ? 1_555 K ? D K . ? A K 102 ? 1_555 O6 ? B DG 1  ? B DG 1  ? 1_555 109.7 ? 
79  O6 ? A DG 3  ? A DG 3  ? 1_555 K ? D K . ? A K 102 ? 1_555 O6 ? B DG 1  ? B DG 1  ? 1_555 148.8 ? 
80  O6 ? A DG 6  ? A DG 6  ? 1_555 K ? D K . ? A K 102 ? 1_555 O6 ? B DG 1  ? B DG 1  ? 1_555 66.7  ? 
81  O6 ? A DG 7  ? A DG 7  ? 1_555 K ? D K . ? A K 102 ? 1_555 O6 ? B DG 1  ? B DG 1  ? 1_555 87.7  ? 
82  O6 ? A DG 10 ? A DG 10 ? 1_555 K ? D K . ? A K 102 ? 1_555 O6 ? B DG 1  ? B DG 1  ? 1_555 77.4  ? 
83  O6 ? A DG 13 ? A DG 13 ? 1_555 K ? D K . ? A K 102 ? 1_555 O6 ? B DG 1  ? B DG 1  ? 1_555 68.5  ? 
84  O6 ? A DG 14 ? A DG 14 ? 1_555 K ? D K . ? A K 102 ? 1_555 O6 ? B DG 1  ? B DG 1  ? 1_555 136.4 ? 
85  O6 ? A DG 3  ? A DG 3  ? 1_555 K ? C K . ? A K 101 ? 1_555 O6 ? A DG 4  ? A DG 4  ? 1_555 70.3  ? 
86  O6 ? A DG 3  ? A DG 3  ? 1_555 K ? C K . ? A K 101 ? 1_555 O6 ? A DG 7  ? A DG 7  ? 1_555 64.4  ? 
87  O6 ? A DG 4  ? A DG 4  ? 1_555 K ? C K . ? A K 101 ? 1_555 O6 ? A DG 7  ? A DG 7  ? 1_555 91.3  ? 
88  O6 ? A DG 3  ? A DG 3  ? 1_555 K ? C K . ? A K 101 ? 1_555 O6 ? A DG 8  ? A DG 8  ? 1_555 122.0 ? 
89  O6 ? A DG 4  ? A DG 4  ? 1_555 K ? C K . ? A K 101 ? 1_555 O6 ? A DG 8  ? A DG 8  ? 1_555 72.8  ? 
90  O6 ? A DG 7  ? A DG 7  ? 1_555 K ? C K . ? A K 101 ? 1_555 O6 ? A DG 8  ? A DG 8  ? 1_555 73.4  ? 
91  O6 ? A DG 3  ? A DG 3  ? 1_555 K ? C K . ? A K 101 ? 1_555 O6 ? A DG 10 ? A DG 10 ? 1_555 100.2 ? 
92  O6 ? A DG 4  ? A DG 4  ? 1_555 K ? C K . ? A K 101 ? 1_555 O6 ? A DG 10 ? A DG 10 ? 1_555 157.1 ? 
93  O6 ? A DG 7  ? A DG 7  ? 1_555 K ? C K . ? A K 101 ? 1_555 O6 ? A DG 10 ? A DG 10 ? 1_555 66.0  ? 
94  O6 ? A DG 8  ? A DG 8  ? 1_555 K ? C K . ? A K 101 ? 1_555 O6 ? A DG 10 ? A DG 10 ? 1_555 96.8  ? 
95  O6 ? A DG 3  ? A DG 3  ? 1_555 K ? C K . ? A K 101 ? 1_555 O6 ? A DG 11 ? A DG 11 ? 1_555 160.1 ? 
96  O6 ? A DG 4  ? A DG 4  ? 1_555 K ? C K . ? A K 101 ? 1_555 O6 ? A DG 11 ? A DG 11 ? 1_555 117.2 ? 
97  O6 ? A DG 7  ? A DG 7  ? 1_555 K ? C K . ? A K 101 ? 1_555 O6 ? A DG 11 ? A DG 11 ? 1_555 130.5 ? 
98  O6 ? A DG 8  ? A DG 8  ? 1_555 K ? C K . ? A K 101 ? 1_555 O6 ? A DG 11 ? A DG 11 ? 1_555 77.6  ? 
99  O6 ? A DG 10 ? A DG 10 ? 1_555 K ? C K . ? A K 101 ? 1_555 O6 ? A DG 11 ? A DG 11 ? 1_555 78.9  ? 
100 O6 ? A DG 3  ? A DG 3  ? 1_555 K ? C K . ? A K 101 ? 1_555 O6 ? A DG 14 ? A DG 14 ? 1_555 69.2  ? 
101 O6 ? A DG 4  ? A DG 4  ? 1_555 K ? C K . ? A K 101 ? 1_555 O6 ? A DG 14 ? A DG 14 ? 1_555 125.1 ? 
102 O6 ? A DG 7  ? A DG 7  ? 1_555 K ? C K . ? A K 101 ? 1_555 O6 ? A DG 14 ? A DG 14 ? 1_555 102.9 ? 
103 O6 ? A DG 8  ? A DG 8  ? 1_555 K ? C K . ? A K 101 ? 1_555 O6 ? A DG 14 ? A DG 14 ? 1_555 162.0 ? 
104 O6 ? A DG 10 ? A DG 10 ? 1_555 K ? C K . ? A K 101 ? 1_555 O6 ? A DG 14 ? A DG 14 ? 1_555 66.2  ? 
105 O6 ? A DG 11 ? A DG 11 ? 1_555 K ? C K . ? A K 101 ? 1_555 O6 ? A DG 14 ? A DG 14 ? 1_555 92.8  ? 
106 O6 ? A DG 3  ? A DG 3  ? 1_555 K ? C K . ? A K 101 ? 1_555 O6 ? A DG 15 ? A DG 15 ? 1_555 92.4  ? 
107 O6 ? A DG 4  ? A DG 4  ? 1_555 K ? C K . ? A K 101 ? 1_555 O6 ? A DG 15 ? A DG 15 ? 1_555 74.5  ? 
108 O6 ? A DG 7  ? A DG 7  ? 1_555 K ? C K . ? A K 101 ? 1_555 O6 ? A DG 15 ? A DG 15 ? 1_555 156.2 ? 
109 O6 ? A DG 8  ? A DG 8  ? 1_555 K ? C K . ? A K 101 ? 1_555 O6 ? A DG 15 ? A DG 15 ? 1_555 118.6 ? 
110 O6 ? A DG 10 ? A DG 10 ? 1_555 K ? C K . ? A K 101 ? 1_555 O6 ? A DG 15 ? A DG 15 ? 1_555 127.7 ? 
111 O6 ? A DG 11 ? A DG 11 ? 1_555 K ? C K . ? A K 101 ? 1_555 O6 ? A DG 15 ? A DG 15 ? 1_555 73.3  ? 
112 O6 ? A DG 14 ? A DG 14 ? 1_555 K ? C K . ? A K 101 ? 1_555 O6 ? A DG 15 ? A DG 15 ? 1_555 71.8  ? 
113 O6 ? B DG 3  ? B DG 3  ? 1_555 K ? G K . ? B K 102 ? 1_555 O6 ? B DG 4  ? B DG 4  ? 1_555 70.6  ? 
114 O6 ? B DG 3  ? B DG 3  ? 1_555 K ? G K . ? B K 102 ? 1_555 O6 ? B DG 7  ? B DG 7  ? 1_555 67.2  ? 
115 O6 ? B DG 4  ? B DG 4  ? 1_555 K ? G K . ? B K 102 ? 1_555 O6 ? B DG 7  ? B DG 7  ? 1_555 89.7  ? 
116 O6 ? B DG 3  ? B DG 3  ? 1_555 K ? G K . ? B K 102 ? 1_555 O6 ? B DG 8  ? B DG 8  ? 1_555 127.1 ? 
117 O6 ? B DG 4  ? B DG 4  ? 1_555 K ? G K . ? B K 102 ? 1_555 O6 ? B DG 8  ? B DG 8  ? 1_555 76.6  ? 
118 O6 ? B DG 7  ? B DG 7  ? 1_555 K ? G K . ? B K 102 ? 1_555 O6 ? B DG 8  ? B DG 8  ? 1_555 72.5  ? 
119 O6 ? B DG 3  ? B DG 3  ? 1_555 K ? G K . ? B K 102 ? 1_555 O6 ? B DG 10 ? B DG 10 ? 1_555 100.5 ? 
120 O6 ? B DG 4  ? B DG 4  ? 1_555 K ? G K . ? B K 102 ? 1_555 O6 ? B DG 10 ? B DG 10 ? 1_555 154.9 ? 
121 O6 ? B DG 7  ? B DG 7  ? 1_555 K ? G K . ? B K 102 ? 1_555 O6 ? B DG 10 ? B DG 10 ? 1_555 65.4  ? 
122 O6 ? B DG 8  ? B DG 8  ? 1_555 K ? G K . ? B K 102 ? 1_555 O6 ? B DG 10 ? B DG 10 ? 1_555 92.1  ? 
123 O6 ? B DG 3  ? B DG 3  ? 1_555 K ? G K . ? B K 102 ? 1_555 O6 ? B DG 11 ? B DG 11 ? 1_555 153.3 ? 
124 O6 ? B DG 4  ? B DG 4  ? 1_555 K ? G K . ? B K 102 ? 1_555 O6 ? B DG 11 ? B DG 11 ? 1_555 122.3 ? 
125 O6 ? B DG 7  ? B DG 7  ? 1_555 K ? G K . ? B K 102 ? 1_555 O6 ? B DG 11 ? B DG 11 ? 1_555 130.8 ? 
126 O6 ? B DG 8  ? B DG 8  ? 1_555 K ? G K . ? B K 102 ? 1_555 O6 ? B DG 11 ? B DG 11 ? 1_555 79.6  ? 
127 O6 ? B DG 10 ? B DG 10 ? 1_555 K ? G K . ? B K 102 ? 1_555 O6 ? B DG 11 ? B DG 11 ? 1_555 76.3  ? 
128 O6 ? B DG 3  ? B DG 3  ? 1_555 K ? G K . ? B K 102 ? 1_555 O6 ? B DG 14 ? B DG 14 ? 1_555 66.3  ? 
129 O6 ? B DG 4  ? B DG 4  ? 1_555 K ? G K . ? B K 102 ? 1_555 O6 ? B DG 14 ? B DG 14 ? 1_555 126.2 ? 
130 O6 ? B DG 7  ? B DG 7  ? 1_555 K ? G K . ? B K 102 ? 1_555 O6 ? B DG 14 ? B DG 14 ? 1_555 101.5 ? 
131 O6 ? B DG 8  ? B DG 8  ? 1_555 K ? G K . ? B K 102 ? 1_555 O6 ? B DG 14 ? B DG 14 ? 1_555 157.0 ? 
132 O6 ? B DG 10 ? B DG 10 ? 1_555 K ? G K . ? B K 102 ? 1_555 O6 ? B DG 14 ? B DG 14 ? 1_555 65.6  ? 
133 O6 ? B DG 11 ? B DG 11 ? 1_555 K ? G K . ? B K 102 ? 1_555 O6 ? B DG 14 ? B DG 14 ? 1_555 88.8  ? 
134 O6 ? B DG 3  ? B DG 3  ? 1_555 K ? G K . ? B K 102 ? 1_555 O6 ? B DG 15 ? B DG 15 ? 1_555 84.8  ? 
135 O6 ? B DG 4  ? B DG 4  ? 1_555 K ? G K . ? B K 102 ? 1_555 O6 ? B DG 15 ? B DG 15 ? 1_555 74.5  ? 
136 O6 ? B DG 7  ? B DG 7  ? 1_555 K ? G K . ? B K 102 ? 1_555 O6 ? B DG 15 ? B DG 15 ? 1_555 151.3 ? 
137 O6 ? B DG 8  ? B DG 8  ? 1_555 K ? G K . ? B K 102 ? 1_555 O6 ? B DG 15 ? B DG 15 ? 1_555 124.5 ? 
138 O6 ? B DG 10 ? B DG 10 ? 1_555 K ? G K . ? B K 102 ? 1_555 O6 ? B DG 15 ? B DG 15 ? 1_555 129.3 ? 
139 O6 ? B DG 11 ? B DG 11 ? 1_555 K ? G K . ? B K 102 ? 1_555 O6 ? B DG 15 ? B DG 15 ? 1_555 77.6  ? 
140 O6 ? B DG 14 ? B DG 14 ? 1_555 K ? G K . ? B K 102 ? 1_555 O6 ? B DG 15 ? B DG 15 ? 1_555 71.2  ? 
# 
loop_
_pdbx_audit_revision_history.ordinal 
_pdbx_audit_revision_history.data_content_type 
_pdbx_audit_revision_history.major_revision 
_pdbx_audit_revision_history.minor_revision 
_pdbx_audit_revision_history.revision_date 
1 'Structure model' 1 0 2022-04-20 
2 'Structure model' 1 1 2023-06-07 
3 'Structure model' 1 2 2023-11-29 
# 
_pdbx_audit_revision_details.ordinal             1 
_pdbx_audit_revision_details.revision_ordinal    1 
_pdbx_audit_revision_details.data_content_type   'Structure model' 
_pdbx_audit_revision_details.provider            repository 
_pdbx_audit_revision_details.type                'Initial release' 
_pdbx_audit_revision_details.description         ? 
_pdbx_audit_revision_details.details             ? 
# 
loop_
_pdbx_audit_revision_group.ordinal 
_pdbx_audit_revision_group.revision_ordinal 
_pdbx_audit_revision_group.data_content_type 
_pdbx_audit_revision_group.group 
1 2 'Structure model' 'Database references'    
2 3 'Structure model' 'Data collection'        
3 3 'Structure model' 'Refinement description' 
# 
loop_
_pdbx_audit_revision_category.ordinal 
_pdbx_audit_revision_category.revision_ordinal 
_pdbx_audit_revision_category.data_content_type 
_pdbx_audit_revision_category.category 
1 2 'Structure model' citation                      
2 3 'Structure model' chem_comp_atom                
3 3 'Structure model' chem_comp_bond                
4 3 'Structure model' pdbx_initial_refinement_model 
# 
loop_
_pdbx_audit_revision_item.ordinal 
_pdbx_audit_revision_item.revision_ordinal 
_pdbx_audit_revision_item.data_content_type 
_pdbx_audit_revision_item.item 
1 2 'Structure model' '_citation.journal_volume'          
2 2 'Structure model' '_citation.page_first'              
3 2 'Structure model' '_citation.page_last'               
4 2 'Structure model' '_citation.pdbx_database_id_DOI'    
5 2 'Structure model' '_citation.pdbx_database_id_PubMed' 
6 2 'Structure model' '_citation.title'                   
# 
loop_
_space_group_symop.id 
_space_group_symop.operation_xyz 
1 x,y,z       
2 -x,y+1/2,-z 
# 
loop_
_software.citation_id 
_software.classification 
_software.compiler_name 
_software.compiler_version 
_software.contact_author 
_software.contact_author_email 
_software.date 
_software.description 
_software.dependencies 
_software.hardware 
_software.language 
_software.location 
_software.mods 
_software.name 
_software.os 
_software.os_version 
_software.type 
_software.version 
_software.pdbx_ordinal 
? refinement        ? ? ? ? ? ? ? ? ? ? ? PHENIX   ? ? ? 1.19.2-4158-000 1 
? 'data processing' ? ? ? ? ? ? ? ? ? ? ? autoPROC ? ? ? .               2 
? 'data scaling'    ? ? ? ? ? ? ? ? ? ? ? autoPROC ? ? ? .               3 
? phasing           ? ? ? ? ? ? ? ? ? ? ? PHENIX   ? ? ? 1.19.2-4158-000 4 
# 
_pdbx_entry_details.entry_id                 7X7G 
_pdbx_entry_details.has_ligand_of_interest   Y 
_pdbx_entry_details.compound_details         ? 
_pdbx_entry_details.source_details           ? 
_pdbx_entry_details.nonpolymer_details       ? 
_pdbx_entry_details.sequence_details         ? 
# 
_pdbx_validate_symm_contact.id                1 
_pdbx_validate_symm_contact.PDB_model_num     1 
_pdbx_validate_symm_contact.auth_atom_id_1    "O3'" 
_pdbx_validate_symm_contact.auth_asym_id_1    A 
_pdbx_validate_symm_contact.auth_comp_id_1    DT 
_pdbx_validate_symm_contact.auth_seq_id_1     16 
_pdbx_validate_symm_contact.PDB_ins_code_1    ? 
_pdbx_validate_symm_contact.label_alt_id_1    ? 
_pdbx_validate_symm_contact.site_symmetry_1   1_555 
_pdbx_validate_symm_contact.auth_atom_id_2    C7 
_pdbx_validate_symm_contact.auth_asym_id_2    B 
_pdbx_validate_symm_contact.auth_comp_id_2    DT 
_pdbx_validate_symm_contact.auth_seq_id_2     16 
_pdbx_validate_symm_contact.PDB_ins_code_2    ? 
_pdbx_validate_symm_contact.label_alt_id_2    ? 
_pdbx_validate_symm_contact.site_symmetry_2   1_455 
_pdbx_validate_symm_contact.dist              1.12 
# 
loop_
_pdbx_validate_rmsd_angle.id 
_pdbx_validate_rmsd_angle.PDB_model_num 
_pdbx_validate_rmsd_angle.auth_atom_id_1 
_pdbx_validate_rmsd_angle.auth_asym_id_1 
_pdbx_validate_rmsd_angle.auth_comp_id_1 
_pdbx_validate_rmsd_angle.auth_seq_id_1 
_pdbx_validate_rmsd_angle.PDB_ins_code_1 
_pdbx_validate_rmsd_angle.label_alt_id_1 
_pdbx_validate_rmsd_angle.auth_atom_id_2 
_pdbx_validate_rmsd_angle.auth_asym_id_2 
_pdbx_validate_rmsd_angle.auth_comp_id_2 
_pdbx_validate_rmsd_angle.auth_seq_id_2 
_pdbx_validate_rmsd_angle.PDB_ins_code_2 
_pdbx_validate_rmsd_angle.label_alt_id_2 
_pdbx_validate_rmsd_angle.auth_atom_id_3 
_pdbx_validate_rmsd_angle.auth_asym_id_3 
_pdbx_validate_rmsd_angle.auth_comp_id_3 
_pdbx_validate_rmsd_angle.auth_seq_id_3 
_pdbx_validate_rmsd_angle.PDB_ins_code_3 
_pdbx_validate_rmsd_angle.label_alt_id_3 
_pdbx_validate_rmsd_angle.angle_value 
_pdbx_validate_rmsd_angle.angle_target_value 
_pdbx_validate_rmsd_angle.angle_deviation 
_pdbx_validate_rmsd_angle.angle_standard_deviation 
_pdbx_validate_rmsd_angle.linker_flag 
1  1 "C3'" A DG 3  ? ? "O3'" A DG 3  ? ? P  A DG 4  ? ? 106.45 119.70 -13.25 1.20 Y 
2  1 "C3'" A DT 5  ? ? "O3'" A DT 5  ? ? P  A DG 6  ? ? 112.02 119.70 -7.68  1.20 Y 
3  1 "C3'" A DG 6  ? ? "O3'" A DG 6  ? ? P  A DG 7  ? ? 111.38 119.70 -8.32  1.20 Y 
4  1 "C3'" A DA 9  ? ? "O3'" A DA 9  ? ? P  A DG 10 ? ? 108.28 119.70 -11.42 1.20 Y 
5  1 "C3'" A DG 10 ? ? "O3'" A DG 10 ? ? P  A DG 11 ? ? 108.58 119.70 -11.12 1.20 Y 
6  1 "C3'" A DT 12 ? ? "O3'" A DT 12 ? ? P  A DG 13 ? ? 111.79 119.70 -7.91  1.20 Y 
7  1 "O4'" A DT 16 ? ? "C1'" A DT 16 ? ? N1 A DT 16 ? ? 110.48 108.30 2.18   0.30 N 
8  1 "C3'" B DT 5  ? ? "O3'" B DT 5  ? ? P  B DG 6  ? ? 112.31 119.70 -7.39  1.20 Y 
9  1 "C3'" B DG 8  ? ? "O3'" B DG 8  ? ? P  B DA 9  ? ? 112.39 119.70 -7.31  1.20 Y 
10 1 "C3'" B DA 9  ? ? "O3'" B DA 9  ? ? P  B DG 10 ? ? 106.98 119.70 -12.72 1.20 Y 
11 1 "C3'" B DG 10 ? ? "O3'" B DG 10 ? ? P  B DG 11 ? ? 111.47 119.70 -8.23  1.20 Y 
12 1 "C3'" B DT 12 ? ? "O3'" B DT 12 ? ? P  B DG 13 ? ? 111.23 119.70 -8.47  1.20 Y 
13 1 "O4'" B DT 16 ? ? "C1'" B DT 16 ? ? N1 B DT 16 ? ? 110.20 108.30 1.90   0.30 N 
# 
loop_
_chem_comp_atom.comp_id 
_chem_comp_atom.atom_id 
_chem_comp_atom.type_symbol 
_chem_comp_atom.pdbx_aromatic_flag 
_chem_comp_atom.pdbx_stereo_config 
_chem_comp_atom.pdbx_ordinal 
DA  OP3    O N N 1   
DA  P      P N N 2   
DA  OP1    O N N 3   
DA  OP2    O N N 4   
DA  "O5'"  O N N 5   
DA  "C5'"  C N N 6   
DA  "C4'"  C N R 7   
DA  "O4'"  O N N 8   
DA  "C3'"  C N S 9   
DA  "O3'"  O N N 10  
DA  "C2'"  C N N 11  
DA  "C1'"  C N R 12  
DA  N9     N Y N 13  
DA  C8     C Y N 14  
DA  N7     N Y N 15  
DA  C5     C Y N 16  
DA  C6     C Y N 17  
DA  N6     N N N 18  
DA  N1     N Y N 19  
DA  C2     C Y N 20  
DA  N3     N Y N 21  
DA  C4     C Y N 22  
DA  HOP3   H N N 23  
DA  HOP2   H N N 24  
DA  "H5'"  H N N 25  
DA  "H5''" H N N 26  
DA  "H4'"  H N N 27  
DA  "H3'"  H N N 28  
DA  "HO3'" H N N 29  
DA  "H2'"  H N N 30  
DA  "H2''" H N N 31  
DA  "H1'"  H N N 32  
DA  H8     H N N 33  
DA  H61    H N N 34  
DA  H62    H N N 35  
DA  H2     H N N 36  
DG  OP3    O N N 37  
DG  P      P N N 38  
DG  OP1    O N N 39  
DG  OP2    O N N 40  
DG  "O5'"  O N N 41  
DG  "C5'"  C N N 42  
DG  "C4'"  C N R 43  
DG  "O4'"  O N N 44  
DG  "C3'"  C N S 45  
DG  "O3'"  O N N 46  
DG  "C2'"  C N N 47  
DG  "C1'"  C N R 48  
DG  N9     N Y N 49  
DG  C8     C Y N 50  
DG  N7     N Y N 51  
DG  C5     C Y N 52  
DG  C6     C N N 53  
DG  O6     O N N 54  
DG  N1     N N N 55  
DG  C2     C N N 56  
DG  N2     N N N 57  
DG  N3     N N N 58  
DG  C4     C Y N 59  
DG  HOP3   H N N 60  
DG  HOP2   H N N 61  
DG  "H5'"  H N N 62  
DG  "H5''" H N N 63  
DG  "H4'"  H N N 64  
DG  "H3'"  H N N 65  
DG  "HO3'" H N N 66  
DG  "H2'"  H N N 67  
DG  "H2''" H N N 68  
DG  "H1'"  H N N 69  
DG  H8     H N N 70  
DG  H1     H N N 71  
DG  H21    H N N 72  
DG  H22    H N N 73  
DT  OP3    O N N 74  
DT  P      P N N 75  
DT  OP1    O N N 76  
DT  OP2    O N N 77  
DT  "O5'"  O N N 78  
DT  "C5'"  C N N 79  
DT  "C4'"  C N R 80  
DT  "O4'"  O N N 81  
DT  "C3'"  C N S 82  
DT  "O3'"  O N N 83  
DT  "C2'"  C N N 84  
DT  "C1'"  C N R 85  
DT  N1     N N N 86  
DT  C2     C N N 87  
DT  O2     O N N 88  
DT  N3     N N N 89  
DT  C4     C N N 90  
DT  O4     O N N 91  
DT  C5     C N N 92  
DT  C7     C N N 93  
DT  C6     C N N 94  
DT  HOP3   H N N 95  
DT  HOP2   H N N 96  
DT  "H5'"  H N N 97  
DT  "H5''" H N N 98  
DT  "H4'"  H N N 99  
DT  "H3'"  H N N 100 
DT  "HO3'" H N N 101 
DT  "H2'"  H N N 102 
DT  "H2''" H N N 103 
DT  "H1'"  H N N 104 
DT  H3     H N N 105 
DT  H71    H N N 106 
DT  H72    H N N 107 
DT  H73    H N N 108 
DT  H6     H N N 109 
HOH O      O N N 110 
HOH H1     H N N 111 
HOH H2     H N N 112 
K   K      K N N 113 
# 
loop_
_chem_comp_bond.comp_id 
_chem_comp_bond.atom_id_1 
_chem_comp_bond.atom_id_2 
_chem_comp_bond.value_order 
_chem_comp_bond.pdbx_aromatic_flag 
_chem_comp_bond.pdbx_stereo_config 
_chem_comp_bond.pdbx_ordinal 
DA  OP3   P      sing N N 1   
DA  OP3   HOP3   sing N N 2   
DA  P     OP1    doub N N 3   
DA  P     OP2    sing N N 4   
DA  P     "O5'"  sing N N 5   
DA  OP2   HOP2   sing N N 6   
DA  "O5'" "C5'"  sing N N 7   
DA  "C5'" "C4'"  sing N N 8   
DA  "C5'" "H5'"  sing N N 9   
DA  "C5'" "H5''" sing N N 10  
DA  "C4'" "O4'"  sing N N 11  
DA  "C4'" "C3'"  sing N N 12  
DA  "C4'" "H4'"  sing N N 13  
DA  "O4'" "C1'"  sing N N 14  
DA  "C3'" "O3'"  sing N N 15  
DA  "C3'" "C2'"  sing N N 16  
DA  "C3'" "H3'"  sing N N 17  
DA  "O3'" "HO3'" sing N N 18  
DA  "C2'" "C1'"  sing N N 19  
DA  "C2'" "H2'"  sing N N 20  
DA  "C2'" "H2''" sing N N 21  
DA  "C1'" N9     sing N N 22  
DA  "C1'" "H1'"  sing N N 23  
DA  N9    C8     sing Y N 24  
DA  N9    C4     sing Y N 25  
DA  C8    N7     doub Y N 26  
DA  C8    H8     sing N N 27  
DA  N7    C5     sing Y N 28  
DA  C5    C6     sing Y N 29  
DA  C5    C4     doub Y N 30  
DA  C6    N6     sing N N 31  
DA  C6    N1     doub Y N 32  
DA  N6    H61    sing N N 33  
DA  N6    H62    sing N N 34  
DA  N1    C2     sing Y N 35  
DA  C2    N3     doub Y N 36  
DA  C2    H2     sing N N 37  
DA  N3    C4     sing Y N 38  
DG  OP3   P      sing N N 39  
DG  OP3   HOP3   sing N N 40  
DG  P     OP1    doub N N 41  
DG  P     OP2    sing N N 42  
DG  P     "O5'"  sing N N 43  
DG  OP2   HOP2   sing N N 44  
DG  "O5'" "C5'"  sing N N 45  
DG  "C5'" "C4'"  sing N N 46  
DG  "C5'" "H5'"  sing N N 47  
DG  "C5'" "H5''" sing N N 48  
DG  "C4'" "O4'"  sing N N 49  
DG  "C4'" "C3'"  sing N N 50  
DG  "C4'" "H4'"  sing N N 51  
DG  "O4'" "C1'"  sing N N 52  
DG  "C3'" "O3'"  sing N N 53  
DG  "C3'" "C2'"  sing N N 54  
DG  "C3'" "H3'"  sing N N 55  
DG  "O3'" "HO3'" sing N N 56  
DG  "C2'" "C1'"  sing N N 57  
DG  "C2'" "H2'"  sing N N 58  
DG  "C2'" "H2''" sing N N 59  
DG  "C1'" N9     sing N N 60  
DG  "C1'" "H1'"  sing N N 61  
DG  N9    C8     sing Y N 62  
DG  N9    C4     sing Y N 63  
DG  C8    N7     doub Y N 64  
DG  C8    H8     sing N N 65  
DG  N7    C5     sing Y N 66  
DG  C5    C6     sing N N 67  
DG  C5    C4     doub Y N 68  
DG  C6    O6     doub N N 69  
DG  C6    N1     sing N N 70  
DG  N1    C2     sing N N 71  
DG  N1    H1     sing N N 72  
DG  C2    N2     sing N N 73  
DG  C2    N3     doub N N 74  
DG  N2    H21    sing N N 75  
DG  N2    H22    sing N N 76  
DG  N3    C4     sing N N 77  
DT  OP3   P      sing N N 78  
DT  OP3   HOP3   sing N N 79  
DT  P     OP1    doub N N 80  
DT  P     OP2    sing N N 81  
DT  P     "O5'"  sing N N 82  
DT  OP2   HOP2   sing N N 83  
DT  "O5'" "C5'"  sing N N 84  
DT  "C5'" "C4'"  sing N N 85  
DT  "C5'" "H5'"  sing N N 86  
DT  "C5'" "H5''" sing N N 87  
DT  "C4'" "O4'"  sing N N 88  
DT  "C4'" "C3'"  sing N N 89  
DT  "C4'" "H4'"  sing N N 90  
DT  "O4'" "C1'"  sing N N 91  
DT  "C3'" "O3'"  sing N N 92  
DT  "C3'" "C2'"  sing N N 93  
DT  "C3'" "H3'"  sing N N 94  
DT  "O3'" "HO3'" sing N N 95  
DT  "C2'" "C1'"  sing N N 96  
DT  "C2'" "H2'"  sing N N 97  
DT  "C2'" "H2''" sing N N 98  
DT  "C1'" N1     sing N N 99  
DT  "C1'" "H1'"  sing N N 100 
DT  N1    C2     sing N N 101 
DT  N1    C6     sing N N 102 
DT  C2    O2     doub N N 103 
DT  C2    N3     sing N N 104 
DT  N3    C4     sing N N 105 
DT  N3    H3     sing N N 106 
DT  C4    O4     doub N N 107 
DT  C4    C5     sing N N 108 
DT  C5    C7     sing N N 109 
DT  C5    C6     doub N N 110 
DT  C7    H71    sing N N 111 
DT  C7    H72    sing N N 112 
DT  C7    H73    sing N N 113 
DT  C6    H6     sing N N 114 
HOH O     H1     sing N N 115 
HOH O     H2     sing N N 116 
# 
loop_
_ndb_struct_conf_na.entry_id 
_ndb_struct_conf_na.feature 
7X7G 'double helix'    
7X7G 'quadruple helix' 
# 
_ndb_struct_na_base_pair.model_number      1 
_ndb_struct_na_base_pair.i_label_asym_id   A 
_ndb_struct_na_base_pair.i_label_comp_id   DG 
_ndb_struct_na_base_pair.i_label_seq_id    2 
_ndb_struct_na_base_pair.i_symmetry        1_555 
_ndb_struct_na_base_pair.j_label_asym_id   A 
_ndb_struct_na_base_pair.j_label_comp_id   DG 
_ndb_struct_na_base_pair.j_label_seq_id    13 
_ndb_struct_na_base_pair.j_symmetry        1_555 
_ndb_struct_na_base_pair.shear             -1.651 
_ndb_struct_na_base_pair.stretch           -3.381 
_ndb_struct_na_base_pair.stagger           0.217 
_ndb_struct_na_base_pair.buckle            -3.870 
_ndb_struct_na_base_pair.propeller         0.572 
_ndb_struct_na_base_pair.opening           89.145 
_ndb_struct_na_base_pair.pair_number       1 
_ndb_struct_na_base_pair.pair_name         A_DG2:DG13_A 
_ndb_struct_na_base_pair.i_auth_asym_id    A 
_ndb_struct_na_base_pair.i_auth_seq_id     2 
_ndb_struct_na_base_pair.i_PDB_ins_code    ? 
_ndb_struct_na_base_pair.j_auth_asym_id    A 
_ndb_struct_na_base_pair.j_auth_seq_id     13 
_ndb_struct_na_base_pair.j_PDB_ins_code    ? 
_ndb_struct_na_base_pair.hbond_type_28     6 
_ndb_struct_na_base_pair.hbond_type_12     3 
# 
loop_
_pdbx_audit_support.funding_organization 
_pdbx_audit_support.country 
_pdbx_audit_support.grant_number 
_pdbx_audit_support.ordinal 
'National Research Foundation (NRF, Singapore)' Singapore NRF-NRFI2017-09  1 
'Ministry of Education (MoE, Singapore)'        Singapore MOE2018-T2-2-029 2 
# 
_pdbx_entity_instance_feature.ordinal        1 
_pdbx_entity_instance_feature.comp_id        K 
_pdbx_entity_instance_feature.asym_id        ? 
_pdbx_entity_instance_feature.seq_num        ? 
_pdbx_entity_instance_feature.auth_comp_id   K 
_pdbx_entity_instance_feature.auth_asym_id   ? 
_pdbx_entity_instance_feature.auth_seq_num   ? 
_pdbx_entity_instance_feature.feature_type   'SUBJECT OF INVESTIGATION' 
_pdbx_entity_instance_feature.details        ? 
# 
loop_
_pdbx_entity_nonpoly.entity_id 
_pdbx_entity_nonpoly.name 
_pdbx_entity_nonpoly.comp_id 
2 'POTASSIUM ION' K   
3 water           HOH 
# 
_pdbx_initial_refinement_model.id               1 
_pdbx_initial_refinement_model.entity_id_list   ? 
_pdbx_initial_refinement_model.type             'experimental model' 
_pdbx_initial_refinement_model.source_name      PDB 
_pdbx_initial_refinement_model.accession_code   1Y8D 
_pdbx_initial_refinement_model.details          ? 
# 
_pdbx_struct_assembly_auth_evidence.id                     1 
_pdbx_struct_assembly_auth_evidence.assembly_id            1 
_pdbx_struct_assembly_auth_evidence.experimental_support   none 
_pdbx_struct_assembly_auth_evidence.details                ? 
# 
_space_group.name_H-M_alt     'P 1 21 1' 
_space_group.name_Hall        'P 2yb' 
_space_group.IT_number        4 
_space_group.crystal_system   monoclinic 
_space_group.id               1 
# 
